data_3UKC
# 
_entry.id   3UKC 
# 
_audit_conform.dict_name       mmcif_pdbx.dic 
_audit_conform.dict_version    5.379 
_audit_conform.dict_location   http://mmcif.pdb.org/dictionaries/ascii/mmcif_pdbx.dic 
# 
loop_
_database_2.database_id 
_database_2.database_code 
_database_2.pdbx_database_accession 
_database_2.pdbx_DOI 
PDB   3UKC         pdb_00003ukc 10.2210/pdb3ukc/pdb 
NDB   NA1518       ?            ?                   
RCSB  RCSB068863   ?            ?                   
WWPDB D_1000068863 ?            ?                   
# 
loop_
_pdbx_database_related.db_name 
_pdbx_database_related.db_id 
_pdbx_database_related.details 
_pdbx_database_related.content_type 
PDB 3UKB . unspecified 
PDB 3UKE . unspecified 
# 
_pdbx_database_status.status_code                     REL 
_pdbx_database_status.entry_id                        3UKC 
_pdbx_database_status.recvd_initial_deposition_date   2011-11-09 
_pdbx_database_status.deposit_site                    RCSB 
_pdbx_database_status.process_site                    RCSB 
_pdbx_database_status.status_code_sf                  REL 
_pdbx_database_status.status_code_mr                  ? 
_pdbx_database_status.SG_entry                        ? 
_pdbx_database_status.status_code_cs                  ? 
_pdbx_database_status.methods_development_category    ? 
_pdbx_database_status.pdb_format_compatible           Y 
_pdbx_database_status.status_code_nmr_data            ? 
# 
loop_
_audit_author.name 
_audit_author.pdbx_ordinal 
'Pallan, P.S.' 1 
'Egli, M.'     2 
# 
_citation.id                        primary 
_citation.title                     
;Structure and nuclease resistance of 2',4'-constrained 2'-O-methoxyethyl (cMOE) and 2'-O-ethyl (cEt) modified DNAs.
;
_citation.journal_abbrev            'Chem.Commun.(Camb.)' 
_citation.journal_volume            48 
_citation.page_first                8195 
_citation.page_last                 8197 
_citation.year                      2012 
_citation.journal_id_ASTM           ? 
_citation.country                   UK 
_citation.journal_id_ISSN           1359-7345 
_citation.journal_id_CSD            ? 
_citation.book_publisher            ? 
_citation.pdbx_database_id_PubMed   22614180 
_citation.pdbx_database_id_DOI      10.1039/c2cc32286b 
# 
loop_
_citation_author.citation_id 
_citation_author.name 
_citation_author.ordinal 
_citation_author.identifier_ORCID 
primary 'Pallan, P.S.'   1 ? 
primary 'Allerson, C.R.' 2 ? 
primary 'Berdeja, A.'    3 ? 
primary 'Seth, P.P.'     4 ? 
primary 'Swayze, E.E.'   5 ? 
primary 'Prakash, T.P.'  6 ? 
primary 'Egli, M.'       7 ? 
# 
_cell.entry_id           3UKC 
_cell.length_a           26.130 
_cell.length_b           44.007 
_cell.length_c           45.531 
_cell.angle_alpha        90.00 
_cell.angle_beta         90.00 
_cell.angle_gamma        90.00 
_cell.Z_PDB              8 
_cell.pdbx_unique_axis   ? 
_cell.length_a_esd       ? 
_cell.length_b_esd       ? 
_cell.length_c_esd       ? 
_cell.angle_alpha_esd    ? 
_cell.angle_beta_esd     ? 
_cell.angle_gamma_esd    ? 
# 
_symmetry.entry_id                         3UKC 
_symmetry.space_group_name_H-M             'P 21 21 21' 
_symmetry.pdbx_full_space_group_name_H-M   ? 
_symmetry.cell_setting                     ? 
_symmetry.Int_Tables_number                19 
_symmetry.space_group_name_Hall            ? 
# 
loop_
_entity.id 
_entity.type 
_entity.src_method 
_entity.pdbx_description 
_entity.formula_weight 
_entity.pdbx_number_of_molecules 
_entity.pdbx_ec 
_entity.pdbx_mutation 
_entity.pdbx_fragment 
_entity.details 
1 polymer syn 
;DNA (5'-D(*GP*CP*GP*TP*AP*(1TL)P*AP*CP*GP*C)-3')
;
3073.016 2  ? ? ? ? 
2 water   nat water                                              18.015   53 ? ? ? ? 
# 
_entity_poly.entity_id                      1 
_entity_poly.type                           polydeoxyribonucleotide 
_entity_poly.nstd_linkage                   no 
_entity_poly.nstd_monomer                   yes 
_entity_poly.pdbx_seq_one_letter_code       '(DG)(DC)(DG)(DT)(DA)(1TL)(DA)(DC)(DG)(DC)' 
_entity_poly.pdbx_seq_one_letter_code_can   GCGTAXACGC 
_entity_poly.pdbx_strand_id                 A,B 
_entity_poly.pdbx_target_identifier         ? 
# 
loop_
_entity_poly_seq.entity_id 
_entity_poly_seq.num 
_entity_poly_seq.mon_id 
_entity_poly_seq.hetero 
1 1  DG  n 
1 2  DC  n 
1 3  DG  n 
1 4  DT  n 
1 5  DA  n 
1 6  1TL n 
1 7  DA  n 
1 8  DC  n 
1 9  DG  n 
1 10 DC  n 
# 
_struct_ref.id                         1 
_struct_ref.db_name                    PDB 
_struct_ref.db_code                    3UKC 
_struct_ref.pdbx_db_accession          3UKC 
_struct_ref.entity_id                  1 
_struct_ref.pdbx_db_isoform            ? 
_struct_ref.pdbx_seq_one_letter_code   ? 
_struct_ref.pdbx_align_begin           ? 
# 
loop_
_struct_ref_seq.align_id 
_struct_ref_seq.ref_id 
_struct_ref_seq.pdbx_PDB_id_code 
_struct_ref_seq.pdbx_strand_id 
_struct_ref_seq.seq_align_beg 
_struct_ref_seq.pdbx_seq_align_beg_ins_code 
_struct_ref_seq.seq_align_end 
_struct_ref_seq.pdbx_seq_align_end_ins_code 
_struct_ref_seq.pdbx_db_accession 
_struct_ref_seq.db_align_beg 
_struct_ref_seq.pdbx_db_align_beg_ins_code 
_struct_ref_seq.db_align_end 
_struct_ref_seq.pdbx_db_align_end_ins_code 
_struct_ref_seq.pdbx_auth_seq_align_beg 
_struct_ref_seq.pdbx_auth_seq_align_end 
1 1 3UKC A 1 ? 10 ? 3UKC 1  ? 10 ? 1  10 
2 1 3UKC B 1 ? 10 ? 3UKC 11 ? 20 ? 11 20 
# 
loop_
_chem_comp.id 
_chem_comp.type 
_chem_comp.mon_nstd_flag 
_chem_comp.name 
_chem_comp.pdbx_synonyms 
_chem_comp.formula 
_chem_comp.formula_weight 
1TL 'DNA linking' . '1-{2,5-anhydro-6-deoxy-4-[(phosphonooxy)methyl]-alpha-L-mannofuranosyl}pyrimidine-2,4(1H,3H)-dione' ? 
'C11 H15 N2 O9 P' 350.219 
DA  'DNA linking' y "2'-DEOXYADENOSINE-5'-MONOPHOSPHATE"                                                                 ? 
'C10 H14 N5 O6 P' 331.222 
DC  'DNA linking' y "2'-DEOXYCYTIDINE-5'-MONOPHOSPHATE"                                                                  ? 
'C9 H14 N3 O7 P'  307.197 
DG  'DNA linking' y "2'-DEOXYGUANOSINE-5'-MONOPHOSPHATE"                                                                 ? 
'C10 H14 N5 O7 P' 347.221 
DT  'DNA linking' y "THYMIDINE-5'-MONOPHOSPHATE"                                                                         ? 
'C10 H15 N2 O8 P' 322.208 
HOH non-polymer   . WATER                                                                                                ? 'H2 O' 
18.015  
# 
_exptl.entry_id          3UKC 
_exptl.method            'X-RAY DIFFRACTION' 
_exptl.crystals_number   1 
# 
_exptl_crystal.id                    1 
_exptl_crystal.density_meas          ? 
_exptl_crystal.density_Matthews      2.13 
_exptl_crystal.density_percent_sol   42.24 
_exptl_crystal.description           ? 
_exptl_crystal.F_000                 ? 
_exptl_crystal.preparation           ? 
# 
_exptl_crystal_grow.crystal_id      1 
_exptl_crystal_grow.method          'VAPOR DIFFUSION, HANGING DROP' 
_exptl_crystal_grow.temp            291 
_exptl_crystal_grow.temp_details    ? 
_exptl_crystal_grow.pH              7.0 
_exptl_crystal_grow.pdbx_details    
;20 mM sodium cacodylate, 6 mM sodium chloride, 40 mM potassium chloride, 6 mM spermine tetrahydrochloride, 5% v/v MPD, pH 7.0, VAPOR DIFFUSION, HANGING DROP, temperature 291K
;
_exptl_crystal_grow.pdbx_pH_range   ? 
# 
_diffrn.id                     1 
_diffrn.ambient_temp           100 
_diffrn.ambient_temp_details   ? 
_diffrn.crystal_id             1 
# 
_diffrn_detector.diffrn_id              1 
_diffrn_detector.detector               CCD 
_diffrn_detector.type                   'MARMOSAIC 225 mm CCD' 
_diffrn_detector.pdbx_collection_date   2009-02-16 
_diffrn_detector.details                ? 
# 
_diffrn_radiation.diffrn_id                        1 
_diffrn_radiation.wavelength_id                    1 
_diffrn_radiation.pdbx_monochromatic_or_laue_m_l   M 
_diffrn_radiation.monochromator                    'C(111)' 
_diffrn_radiation.pdbx_diffrn_protocol             'SINGLE WAVELENGTH' 
_diffrn_radiation.pdbx_scattering_type             x-ray 
# 
_diffrn_radiation_wavelength.id           1 
_diffrn_radiation_wavelength.wavelength   0.98 
_diffrn_radiation_wavelength.wt           1.0 
# 
_diffrn_source.diffrn_id                   1 
_diffrn_source.source                      SYNCHROTRON 
_diffrn_source.type                        'APS BEAMLINE 21-ID-F' 
_diffrn_source.pdbx_synchrotron_site       APS 
_diffrn_source.pdbx_synchrotron_beamline   21-ID-F 
_diffrn_source.pdbx_wavelength             ? 
_diffrn_source.pdbx_wavelength_list        0.98 
# 
_reflns.entry_id                     3UKC 
_reflns.observed_criterion_sigma_I   0 
_reflns.observed_criterion_sigma_F   0 
_reflns.d_resolution_low             31.64 
_reflns.d_resolution_high            1.54 
_reflns.number_obs                   8144 
_reflns.number_all                   8177 
_reflns.percent_possible_obs         99.46 
_reflns.pdbx_Rmerge_I_obs            0.096 
_reflns.pdbx_Rsym_value              ? 
_reflns.pdbx_netI_over_sigmaI        43.8 
_reflns.B_iso_Wilson_estimate        ? 
_reflns.pdbx_redundancy              6.8 
_reflns.R_free_details               ? 
_reflns.limit_h_max                  ? 
_reflns.limit_h_min                  ? 
_reflns.limit_k_max                  ? 
_reflns.limit_k_min                  ? 
_reflns.limit_l_max                  ? 
_reflns.limit_l_min                  ? 
_reflns.observed_criterion_F_max     ? 
_reflns.observed_criterion_F_min     ? 
_reflns.pdbx_chi_squared             ? 
_reflns.pdbx_scaling_rejects         ? 
_reflns.pdbx_ordinal                 1 
_reflns.pdbx_diffrn_id               1 
# 
_reflns_shell.d_res_high             1.54 
_reflns_shell.d_res_low              1.58 
_reflns_shell.percent_possible_all   96.4 
_reflns_shell.Rmerge_I_obs           ? 
_reflns_shell.pdbx_Rsym_value        ? 
_reflns_shell.meanI_over_sigI_obs    ? 
_reflns_shell.pdbx_redundancy        ? 
_reflns_shell.percent_possible_obs   ? 
_reflns_shell.number_unique_all      ? 
_reflns_shell.number_measured_all    ? 
_reflns_shell.number_measured_obs    ? 
_reflns_shell.number_unique_obs      ? 
_reflns_shell.pdbx_chi_squared       ? 
_reflns_shell.pdbx_ordinal           1 
_reflns_shell.pdbx_diffrn_id         1 
# 
_refine.entry_id                                 3UKC 
_refine.ls_number_reflns_obs                     7534 
_refine.ls_number_reflns_all                     8144 
_refine.pdbx_ls_sigma_I                          ? 
_refine.pdbx_ls_sigma_F                          ? 
_refine.pdbx_data_cutoff_high_absF               ? 
_refine.pdbx_data_cutoff_low_absF                ? 
_refine.pdbx_data_cutoff_high_rms_absF           ? 
_refine.ls_d_res_low                             31.6 
_refine.ls_d_res_high                            1.54 
_refine.ls_percent_reflns_obs                    99.47 
_refine.ls_R_factor_obs                          0.17885 
_refine.ls_R_factor_all                          ? 
_refine.ls_R_factor_R_work                       0.17572 
_refine.ls_R_factor_R_free                       0.21499 
_refine.ls_R_factor_R_free_error                 ? 
_refine.ls_R_factor_R_free_error_details         ? 
_refine.ls_percent_reflns_R_free                 7.5 
_refine.ls_number_reflns_R_free                  610 
_refine.ls_number_parameters                     ? 
_refine.ls_number_restraints                     ? 
_refine.occupancy_min                            ? 
_refine.occupancy_max                            ? 
_refine.correlation_coeff_Fo_to_Fc               0.970 
_refine.correlation_coeff_Fo_to_Fc_free          0.965 
_refine.B_iso_mean                               25.024 
_refine.aniso_B[1][1]                            -0.47 
_refine.aniso_B[2][2]                            -1.39 
_refine.aniso_B[3][3]                            1.85 
_refine.aniso_B[1][2]                            0.00 
_refine.aniso_B[1][3]                            0.00 
_refine.aniso_B[2][3]                            0.00 
_refine.solvent_model_details                    MASK 
_refine.solvent_model_param_ksol                 ? 
_refine.solvent_model_param_bsol                 ? 
_refine.pdbx_solvent_vdw_probe_radii             1.40 
_refine.pdbx_solvent_ion_probe_radii             0.80 
_refine.pdbx_solvent_shrinkage_radii             0.80 
_refine.pdbx_ls_cross_valid_method               THROUGHOUT 
_refine.details                                  ? 
_refine.pdbx_starting_model                      'PDB entry 3EY2' 
_refine.pdbx_method_to_determine_struct          'MOLREP, (CCP4)' 
_refine.pdbx_isotropic_thermal_model             ? 
_refine.pdbx_stereochemistry_target_values       'MAXIMUM LIKELIHOOD' 
_refine.pdbx_stereochem_target_val_spec_case     ? 
_refine.pdbx_R_Free_selection_details            RANDOM 
_refine.pdbx_overall_ESU_R_Free                  0.084 
_refine.overall_SU_ML                            0.059 
_refine.pdbx_overall_phase_error                 ? 
_refine.overall_SU_B                             3.541 
_refine.overall_SU_R_Cruickshank_DPI             ? 
_refine.ls_redundancy_reflns_obs                 ? 
_refine.B_iso_min                                ? 
_refine.B_iso_max                                ? 
_refine.overall_SU_R_free                        ? 
_refine.ls_wR_factor_R_free                      ? 
_refine.ls_wR_factor_R_work                      ? 
_refine.overall_FOM_free_R_set                   ? 
_refine.overall_FOM_work_R_set                   ? 
_refine.pdbx_overall_ESU_R                       ? 
_refine.pdbx_diffrn_id                           1 
_refine.pdbx_refine_id                           'X-RAY DIFFRACTION' 
_refine.pdbx_TLS_residual_ADP_flag               ? 
_refine.pdbx_overall_SU_R_free_Cruickshank_DPI   ? 
_refine.pdbx_overall_SU_R_Blow_DPI               ? 
_refine.pdbx_overall_SU_R_free_Blow_DPI          ? 
# 
_refine_hist.pdbx_refine_id                   'X-RAY DIFFRACTION' 
_refine_hist.cycle_id                         LAST 
_refine_hist.pdbx_number_atoms_protein        0 
_refine_hist.pdbx_number_atoms_nucleic_acid   408 
_refine_hist.pdbx_number_atoms_ligand         0 
_refine_hist.number_atoms_solvent             53 
_refine_hist.number_atoms_total               461 
_refine_hist.d_res_high                       1.54 
_refine_hist.d_res_low                        31.6 
# 
loop_
_refine_ls_restr.type 
_refine_ls_restr.dev_ideal 
_refine_ls_restr.dev_ideal_target 
_refine_ls_restr.weight 
_refine_ls_restr.number 
_refine_ls_restr.pdbx_restraint_function 
_refine_ls_restr.pdbx_refine_id 
r_bond_refined_d     0.013 0.021 ? 456 ? 'X-RAY DIFFRACTION' 
r_angle_refined_deg  2.642 3.000 ? 698 ? 'X-RAY DIFFRACTION' 
r_chiral_restr       0.153 0.200 ? 80  ? 'X-RAY DIFFRACTION' 
r_gen_planes_refined 0.029 0.020 ? 208 ? 'X-RAY DIFFRACTION' 
r_scbond_it          4.295 3.000 ? 456 ? 'X-RAY DIFFRACTION' 
r_scangle_it         5.295 4.500 ? 698 ? 'X-RAY DIFFRACTION' 
r_rigid_bond_restr   3.182 3.000 ? 456 ? 'X-RAY DIFFRACTION' 
# 
_refine_ls_shell.pdbx_total_number_of_bins_used   20 
_refine_ls_shell.d_res_high                       1.54 
_refine_ls_shell.d_res_low                        1.581 
_refine_ls_shell.number_reflns_R_work             535 
_refine_ls_shell.R_factor_R_work                  0.194 
_refine_ls_shell.percent_reflns_obs               96.30 
_refine_ls_shell.R_factor_R_free                  0.197 
_refine_ls_shell.R_factor_R_free_error            ? 
_refine_ls_shell.percent_reflns_R_free            ? 
_refine_ls_shell.number_reflns_R_free             37 
_refine_ls_shell.number_reflns_all                ? 
_refine_ls_shell.R_factor_all                     ? 
_refine_ls_shell.number_reflns_obs                572 
_refine_ls_shell.redundancy_reflns_obs            ? 
_refine_ls_shell.pdbx_refine_id                   'X-RAY DIFFRACTION' 
# 
_struct.entry_id                  3UKC 
_struct.title                     '(S)-cEt-BNA decamer structure' 
_struct.pdbx_model_details        ? 
_struct.pdbx_CASP_flag            ? 
_struct.pdbx_model_type_details   ? 
# 
_struct_keywords.entry_id        3UKC 
_struct_keywords.pdbx_keywords   DNA 
_struct_keywords.text            'A-FORM DNA, BICYCLIC NUCLEIC ACID, BNA, DNA, cEt-BNA, ANTISENSE OLIGONUCLEOTIDES' 
# 
loop_
_struct_asym.id 
_struct_asym.pdbx_blank_PDB_chainid_flag 
_struct_asym.pdbx_modified 
_struct_asym.entity_id 
_struct_asym.details 
A N N 1 ? 
B N N 1 ? 
C N N 2 ? 
D N N 2 ? 
# 
_struct_biol.id        1 
_struct_biol.details   ? 
# 
loop_
_struct_conn.id 
_struct_conn.conn_type_id 
_struct_conn.pdbx_leaving_atom_flag 
_struct_conn.pdbx_PDB_id 
_struct_conn.ptnr1_label_asym_id 
_struct_conn.ptnr1_label_comp_id 
_struct_conn.ptnr1_label_seq_id 
_struct_conn.ptnr1_label_atom_id 
_struct_conn.pdbx_ptnr1_label_alt_id 
_struct_conn.pdbx_ptnr1_PDB_ins_code 
_struct_conn.pdbx_ptnr1_standard_comp_id 
_struct_conn.ptnr1_symmetry 
_struct_conn.ptnr2_label_asym_id 
_struct_conn.ptnr2_label_comp_id 
_struct_conn.ptnr2_label_seq_id 
_struct_conn.ptnr2_label_atom_id 
_struct_conn.pdbx_ptnr2_label_alt_id 
_struct_conn.pdbx_ptnr2_PDB_ins_code 
_struct_conn.ptnr1_auth_asym_id 
_struct_conn.ptnr1_auth_comp_id 
_struct_conn.ptnr1_auth_seq_id 
_struct_conn.ptnr2_auth_asym_id 
_struct_conn.ptnr2_auth_comp_id 
_struct_conn.ptnr2_auth_seq_id 
_struct_conn.ptnr2_symmetry 
_struct_conn.pdbx_ptnr3_label_atom_id 
_struct_conn.pdbx_ptnr3_label_seq_id 
_struct_conn.pdbx_ptnr3_label_comp_id 
_struct_conn.pdbx_ptnr3_label_asym_id 
_struct_conn.pdbx_ptnr3_label_alt_id 
_struct_conn.pdbx_ptnr3_PDB_ins_code 
_struct_conn.details 
_struct_conn.pdbx_dist_value 
_struct_conn.pdbx_value_order 
_struct_conn.pdbx_role 
covale1  covale both ? A DA  5  "O3'" ? ? ? 1_555 A 1TL 6  P  ? ? A DA  5  A 1TL 6  1_555 ? ? ? ? ? ? ?            1.578 ? ? 
covale2  covale both ? A 1TL 6  "O3'" ? ? ? 1_555 A DA  7  P  ? ? A 1TL 6  A DA  7  1_555 ? ? ? ? ? ? ?            1.625 ? ? 
covale3  covale both ? B DA  5  "O3'" ? ? ? 1_555 B 1TL 6  P  ? ? B DA  15 B 1TL 16 1_555 ? ? ? ? ? ? ?            1.603 ? ? 
covale4  covale both ? B 1TL 6  "O3'" ? ? ? 1_555 B DA  7  P  ? ? B 1TL 16 B DA  17 1_555 ? ? ? ? ? ? ?            1.595 ? ? 
hydrog1  hydrog ?    ? A DG  1  N1    ? ? ? 1_555 B DC  10 N3 ? ? A DG  1  B DC  20 1_555 ? ? ? ? ? ? WATSON-CRICK ?     ? ? 
hydrog2  hydrog ?    ? A DG  1  N2    ? ? ? 1_555 B DC  10 O2 ? ? A DG  1  B DC  20 1_555 ? ? ? ? ? ? WATSON-CRICK ?     ? ? 
hydrog3  hydrog ?    ? A DG  1  O6    ? ? ? 1_555 B DC  10 N4 ? ? A DG  1  B DC  20 1_555 ? ? ? ? ? ? WATSON-CRICK ?     ? ? 
hydrog4  hydrog ?    ? A DC  2  N3    ? ? ? 1_555 B DG  9  N1 ? ? A DC  2  B DG  19 1_555 ? ? ? ? ? ? WATSON-CRICK ?     ? ? 
hydrog5  hydrog ?    ? A DC  2  N4    ? ? ? 1_555 B DG  9  O6 ? ? A DC  2  B DG  19 1_555 ? ? ? ? ? ? WATSON-CRICK ?     ? ? 
hydrog6  hydrog ?    ? A DC  2  O2    ? ? ? 1_555 B DG  9  N2 ? ? A DC  2  B DG  19 1_555 ? ? ? ? ? ? WATSON-CRICK ?     ? ? 
hydrog7  hydrog ?    ? A DG  3  N1    ? ? ? 1_555 B DC  8  N3 ? ? A DG  3  B DC  18 1_555 ? ? ? ? ? ? WATSON-CRICK ?     ? ? 
hydrog8  hydrog ?    ? A DG  3  N2    ? ? ? 1_555 B DC  8  O2 ? ? A DG  3  B DC  18 1_555 ? ? ? ? ? ? WATSON-CRICK ?     ? ? 
hydrog9  hydrog ?    ? A DG  3  O6    ? ? ? 1_555 B DC  8  N4 ? ? A DG  3  B DC  18 1_555 ? ? ? ? ? ? WATSON-CRICK ?     ? ? 
hydrog10 hydrog ?    ? A DT  4  N3    ? ? ? 1_555 B DA  7  N1 ? ? A DT  4  B DA  17 1_555 ? ? ? ? ? ? WATSON-CRICK ?     ? ? 
hydrog11 hydrog ?    ? A DT  4  O4    ? ? ? 1_555 B DA  7  N6 ? ? A DT  4  B DA  17 1_555 ? ? ? ? ? ? WATSON-CRICK ?     ? ? 
hydrog12 hydrog ?    ? A DA  7  N1    ? ? ? 1_555 B DT  4  N3 ? ? A DA  7  B DT  14 1_555 ? ? ? ? ? ? WATSON-CRICK ?     ? ? 
hydrog13 hydrog ?    ? A DA  7  N6    ? ? ? 1_555 B DT  4  O4 ? ? A DA  7  B DT  14 1_555 ? ? ? ? ? ? WATSON-CRICK ?     ? ? 
hydrog14 hydrog ?    ? A DC  8  N3    ? ? ? 1_555 B DG  3  N1 ? ? A DC  8  B DG  13 1_555 ? ? ? ? ? ? WATSON-CRICK ?     ? ? 
hydrog15 hydrog ?    ? A DC  8  N4    ? ? ? 1_555 B DG  3  O6 ? ? A DC  8  B DG  13 1_555 ? ? ? ? ? ? WATSON-CRICK ?     ? ? 
hydrog16 hydrog ?    ? A DC  8  O2    ? ? ? 1_555 B DG  3  N2 ? ? A DC  8  B DG  13 1_555 ? ? ? ? ? ? WATSON-CRICK ?     ? ? 
hydrog17 hydrog ?    ? A DG  9  N1    ? ? ? 1_555 B DC  2  N3 ? ? A DG  9  B DC  12 1_555 ? ? ? ? ? ? WATSON-CRICK ?     ? ? 
hydrog18 hydrog ?    ? A DG  9  N2    ? ? ? 1_555 B DC  2  O2 ? ? A DG  9  B DC  12 1_555 ? ? ? ? ? ? WATSON-CRICK ?     ? ? 
hydrog19 hydrog ?    ? A DG  9  O6    ? ? ? 1_555 B DC  2  N4 ? ? A DG  9  B DC  12 1_555 ? ? ? ? ? ? WATSON-CRICK ?     ? ? 
hydrog20 hydrog ?    ? A DC  10 N3    ? ? ? 1_555 B DG  1  N1 ? ? A DC  10 B DG  11 1_555 ? ? ? ? ? ? WATSON-CRICK ?     ? ? 
hydrog21 hydrog ?    ? A DC  10 N4    ? ? ? 1_555 B DG  1  O6 ? ? A DC  10 B DG  11 1_555 ? ? ? ? ? ? WATSON-CRICK ?     ? ? 
hydrog22 hydrog ?    ? A DC  10 O2    ? ? ? 1_555 B DG  1  N2 ? ? A DC  10 B DG  11 1_555 ? ? ? ? ? ? WATSON-CRICK ?     ? ? 
# 
loop_
_struct_conn_type.id 
_struct_conn_type.criteria 
_struct_conn_type.reference 
covale ? ? 
hydrog ? ? 
# 
_atom_sites.entry_id                    3UKC 
_atom_sites.fract_transf_matrix[1][1]   -0.01992366 
_atom_sites.fract_transf_matrix[1][2]   0.00763125 
_atom_sites.fract_transf_matrix[1][3]   0.03177113 
_atom_sites.fract_transf_matrix[2][1]   -0.00139262 
_atom_sites.fract_transf_matrix[2][2]   -0.02223688 
_atom_sites.fract_transf_matrix[2][3]   0.00446786 
_atom_sites.fract_transf_matrix[3][1]   0.01870355 
_atom_sites.fract_transf_matrix[3][2]   0.00113070 
_atom_sites.fract_transf_matrix[3][3]   0.01145740 
_atom_sites.fract_transf_vector[1]      0.143182 
_atom_sites.fract_transf_vector[2]      0.028918 
_atom_sites.fract_transf_vector[3]      0.222492 
# 
loop_
_atom_type.symbol 
C 
N 
O 
P 
# 
loop_
_atom_site.group_PDB 
_atom_site.id 
_atom_site.type_symbol 
_atom_site.label_atom_id 
_atom_site.label_alt_id 
_atom_site.label_comp_id 
_atom_site.label_asym_id 
_atom_site.label_entity_id 
_atom_site.label_seq_id 
_atom_site.pdbx_PDB_ins_code 
_atom_site.Cartn_x 
_atom_site.Cartn_y 
_atom_site.Cartn_z 
_atom_site.occupancy 
_atom_site.B_iso_or_equiv 
_atom_site.pdbx_formal_charge 
_atom_site.auth_seq_id 
_atom_site.auth_comp_id 
_atom_site.auth_asym_id 
_atom_site.auth_atom_id 
_atom_site.pdbx_PDB_model_num 
ATOM   1   O "O5'" . DG  A 1 1  ? 8.425   8.201   -3.987  1.00 31.58 ? 1   DG  A "O5'" 1 
ATOM   2   C "C5'" . DG  A 1 1  ? 8.828   9.508   -3.536  1.00 25.83 ? 1   DG  A "C5'" 1 
ATOM   3   C "C4'" . DG  A 1 1  ? 7.796   10.591  -3.830  1.00 21.79 ? 1   DG  A "C4'" 1 
ATOM   4   O "O4'" . DG  A 1 1  ? 7.587   10.790  -5.253  1.00 26.64 ? 1   DG  A "O4'" 1 
ATOM   5   C "C3'" . DG  A 1 1  ? 6.423   10.246  -3.282  1.00 20.50 ? 1   DG  A "C3'" 1 
ATOM   6   O "O3'" . DG  A 1 1  ? 6.394   10.568  -1.896  1.00 26.74 ? 1   DG  A "O3'" 1 
ATOM   7   C "C2'" . DG  A 1 1  ? 5.530   11.183  -4.105  1.00 21.22 ? 1   DG  A "C2'" 1 
ATOM   8   C "C1'" . DG  A 1 1  ? 6.203   11.043  -5.452  1.00 21.96 ? 1   DG  A "C1'" 1 
ATOM   9   N N9    . DG  A 1 1  ? 5.658   9.956   -6.267  1.00 20.55 ? 1   DG  A N9    1 
ATOM   10  C C8    . DG  A 1 1  ? 6.297   8.803   -6.622  1.00 22.83 ? 1   DG  A C8    1 
ATOM   11  N N7    . DG  A 1 1  ? 5.602   8.049   -7.409  1.00 22.58 ? 1   DG  A N7    1 
ATOM   12  C C5    . DG  A 1 1  ? 4.409   8.763   -7.587  1.00 20.56 ? 1   DG  A C5    1 
ATOM   13  C C6    . DG  A 1 1  ? 3.261   8.441   -8.351  1.00 19.63 ? 1   DG  A C6    1 
ATOM   14  O O6    . DG  A 1 1  ? 3.013   7.432   -9.055  1.00 23.71 ? 1   DG  A O6    1 
ATOM   15  N N1    . DG  A 1 1  ? 2.296   9.441   -8.219  1.00 18.92 ? 1   DG  A N1    1 
ATOM   16  C C2    . DG  A 1 1  ? 2.448   10.613  -7.524  1.00 20.10 ? 1   DG  A C2    1 
ATOM   17  N N2    . DG  A 1 1  ? 1.402   11.457  -7.562  1.00 22.36 ? 1   DG  A N2    1 
ATOM   18  N N3    . DG  A 1 1  ? 3.533   10.936  -6.840  1.00 19.70 ? 1   DG  A N3    1 
ATOM   19  C C4    . DG  A 1 1  ? 4.446   9.938   -6.891  1.00 19.70 ? 1   DG  A C4    1 
ATOM   20  P P     . DC  A 1 2  ? 5.508   9.743   -0.846  1.00 27.54 ? 2   DC  A P     1 
ATOM   21  O OP1   . DC  A 1 2  ? 5.774   10.259  0.512   1.00 30.72 ? 2   DC  A OP1   1 
ATOM   22  O OP2   . DC  A 1 2  ? 5.728   8.335   -1.252  1.00 28.17 ? 2   DC  A OP2   1 
ATOM   23  O "O5'" . DC  A 1 2  ? 3.928   9.995   -1.139  1.00 26.63 ? 2   DC  A "O5'" 1 
ATOM   24  C "C5'" . DC  A 1 2  ? 3.205   11.187  -0.849  1.00 28.15 ? 2   DC  A "C5'" 1 
ATOM   25  C "C4'" . DC  A 1 2  ? 1.911   11.221  -1.626  1.00 25.53 ? 2   DC  A "C4'" 1 
ATOM   26  O "O4'" . DC  A 1 2  ? 2.265   11.038  -2.999  1.00 25.88 ? 2   DC  A "O4'" 1 
ATOM   27  C "C3'" . DC  A 1 2  ? 1.003   10.022  -1.412  1.00 25.50 ? 2   DC  A "C3'" 1 
ATOM   28  O "O3'" . DC  A 1 2  ? 0.267   10.220  -0.209  1.00 28.37 ? 2   DC  A "O3'" 1 
ATOM   29  C "C2'" . DC  A 1 2  ? 0.107   10.244  -2.617  1.00 21.42 ? 2   DC  A "C2'" 1 
ATOM   30  C "C1'" . DC  A 1 2  ? 1.153   10.456  -3.679  1.00 22.72 ? 2   DC  A "C1'" 1 
ATOM   31  N N1    . DC  A 1 2  ? 1.551   9.181   -4.341  1.00 21.58 ? 2   DC  A N1    1 
ATOM   32  C C2    . DC  A 1 2  ? 0.629   8.597   -5.215  1.00 21.33 ? 2   DC  A C2    1 
ATOM   33  O O2    . DC  A 1 2  ? -0.373  9.249   -5.448  1.00 22.39 ? 2   DC  A O2    1 
ATOM   34  N N3    . DC  A 1 2  ? 0.933   7.465   -5.851  1.00 20.08 ? 2   DC  A N3    1 
ATOM   35  C C4    . DC  A 1 2  ? 2.100   6.860   -5.587  1.00 21.53 ? 2   DC  A C4    1 
ATOM   36  N N4    . DC  A 1 2  ? 2.371   5.734   -6.220  1.00 24.21 ? 2   DC  A N4    1 
ATOM   37  C C5    . DC  A 1 2  ? 3.030   7.370   -4.632  1.00 22.49 ? 2   DC  A C5    1 
ATOM   38  C C6    . DC  A 1 2  ? 2.723   8.546   -4.064  1.00 20.49 ? 2   DC  A C6    1 
ATOM   39  P P     . DG  A 1 3  ? -0.599  9.074   0.507   1.00 28.20 ? 3   DG  A P     1 
ATOM   40  O OP1   . DG  A 1 3  ? -1.022  9.629   1.808   1.00 30.11 ? 3   DG  A OP1   1 
ATOM   41  O OP2   . DG  A 1 3  ? 0.138   7.782   0.406   1.00 27.67 ? 3   DG  A OP2   1 
ATOM   42  O "O5'" . DG  A 1 3  ? -1.853  8.870   -0.468  1.00 26.93 ? 3   DG  A "O5'" 1 
ATOM   43  C "C5'" . DG  A 1 3  ? -2.891  9.808   -0.610  1.00 24.83 ? 3   DG  A "C5'" 1 
ATOM   44  C "C4'" . DG  A 1 3  ? -3.797  9.334   -1.741  1.00 21.42 ? 3   DG  A "C4'" 1 
ATOM   45  O "O4'" . DG  A 1 3  ? -3.052  9.052   -2.941  1.00 20.85 ? 3   DG  A "O4'" 1 
ATOM   46  C "C3'" . DG  A 1 3  ? -4.607  8.091   -1.508  1.00 22.05 ? 3   DG  A "C3'" 1 
ATOM   47  O "O3'" . DG  A 1 3  ? -5.732  8.492   -0.748  1.00 23.31 ? 3   DG  A "O3'" 1 
ATOM   48  C "C2'" . DG  A 1 3  ? -5.014  7.782   -2.937  1.00 19.94 ? 3   DG  A "C2'" 1 
ATOM   49  C "C1'" . DG  A 1 3  ? -3.699  8.040   -3.669  1.00 19.21 ? 3   DG  A "C1'" 1 
ATOM   50  N N9    . DG  A 1 3  ? -2.783  6.919   -3.788  1.00 19.36 ? 3   DG  A N9    1 
ATOM   51  C C8    . DG  A 1 3  ? -1.517  6.757   -3.246  1.00 19.55 ? 3   DG  A C8    1 
ATOM   52  N N7    . DG  A 1 3  ? -0.929  5.644   -3.628  1.00 19.54 ? 3   DG  A N7    1 
ATOM   53  C C5    . DG  A 1 3  ? -1.860  5.038   -4.478  1.00 17.59 ? 3   DG  A C5    1 
ATOM   54  C C6    . DG  A 1 3  ? -1.771  3.862   -5.261  1.00 18.02 ? 3   DG  A C6    1 
ATOM   55  O O6    . DG  A 1 3  ? -0.824  3.034   -5.340  1.00 19.36 ? 3   DG  A O6    1 
ATOM   56  N N1    . DG  A 1 3  ? -2.953  3.674   -5.987  1.00 17.38 ? 3   DG  A N1    1 
ATOM   57  C C2    . DG  A 1 3  ? -4.034  4.503   -6.013  1.00 16.94 ? 3   DG  A C2    1 
ATOM   58  N N2    . DG  A 1 3  ? -5.061  4.097   -6.787  1.00 17.83 ? 3   DG  A N2    1 
ATOM   59  N N3    . DG  A 1 3  ? -4.091  5.634   -5.338  1.00 17.37 ? 3   DG  A N3    1 
ATOM   60  C C4    . DG  A 1 3  ? -2.970  5.835   -4.618  1.00 16.43 ? 3   DG  A C4    1 
ATOM   61  P P     . DT  A 1 4  ? -6.661  7.345   -0.108  1.00 21.42 ? 4   DT  A P     1 
ATOM   62  O OP1   . DT  A 1 4  ? -7.716  8.047   0.695   1.00 24.36 ? 4   DT  A OP1   1 
ATOM   63  O OP2   . DT  A 1 4  ? -5.776  6.409   0.620   1.00 22.30 ? 4   DT  A OP2   1 
ATOM   64  O "O5'" . DT  A 1 4  ? -7.289  6.556   -1.337  1.00 20.18 ? 4   DT  A "O5'" 1 
ATOM   65  C "C5'" . DT  A 1 4  ? -8.445  6.965   -2.049  1.00 20.43 ? 4   DT  A "C5'" 1 
ATOM   66  C "C4'" . DT  A 1 4  ? -8.974  5.804   -2.864  1.00 18.84 ? 4   DT  A "C4'" 1 
ATOM   67  O "O4'" . DT  A 1 4  ? -8.024  5.399   -3.845  1.00 20.13 ? 4   DT  A "O4'" 1 
ATOM   68  C "C3'" . DT  A 1 4  ? -9.245  4.530   -2.066  1.00 18.69 ? 4   DT  A "C3'" 1 
ATOM   69  O "O3'" . DT  A 1 4  ? -10.514 4.704   -1.457  1.00 21.67 ? 4   DT  A "O3'" 1 
ATOM   70  C "C2'" . DT  A 1 4  ? -9.230  3.463   -3.158  1.00 19.44 ? 4   DT  A "C2'" 1 
ATOM   71  C "C1'" . DT  A 1 4  ? -8.133  3.979   -4.063  1.00 18.30 ? 4   DT  A "C1'" 1 
ATOM   72  N N1    . DT  A 1 4  ? -6.817  3.418   -3.756  1.00 16.07 ? 4   DT  A N1    1 
ATOM   73  C C2    . DT  A 1 4  ? -6.431  2.276   -4.410  1.00 15.22 ? 4   DT  A C2    1 
ATOM   74  O O2    . DT  A 1 4  ? -7.146  1.680   -5.196  1.00 18.74 ? 4   DT  A O2    1 
ATOM   75  N N3    . DT  A 1 4  ? -5.171  1.793   -4.076  1.00 17.05 ? 4   DT  A N3    1 
ATOM   76  C C4    . DT  A 1 4  ? -4.232  2.374   -3.238  1.00 18.88 ? 4   DT  A C4    1 
ATOM   77  O O4    . DT  A 1 4  ? -3.111  1.894   -3.078  1.00 18.77 ? 4   DT  A O4    1 
ATOM   78  C C5    . DT  A 1 4  ? -4.697  3.538   -2.508  1.00 17.74 ? 4   DT  A C5    1 
ATOM   79  C C7    . DT  A 1 4  ? -3.786  4.177   -1.483  1.00 17.38 ? 4   DT  A C7    1 
ATOM   80  C C6    . DT  A 1 4  ? -5.931  4.031   -2.821  1.00 17.61 ? 4   DT  A C6    1 
ATOM   81  P P     . DA  A 1 5  ? -10.720 3.934   -0.060  1.00 23.03 ? 5   DA  A P     1 
ATOM   82  O OP1   . DA  A 1 5  ? -12.098 4.273   0.351   1.00 26.06 ? 5   DA  A OP1   1 
ATOM   83  O OP2   . DA  A 1 5  ? -9.618  4.177   0.879   1.00 23.79 ? 5   DA  A OP2   1 
ATOM   84  O "O5'" . DA  A 1 5  ? -10.649 2.406   -0.505  1.00 22.75 ? 5   DA  A "O5'" 1 
ATOM   85  C "C5'" . DA  A 1 5  ? -10.054 1.385   0.313   1.00 19.16 ? 5   DA  A "C5'" 1 
ATOM   86  C "C4'" . DA  A 1 5  ? -9.934  0.175   -0.570  1.00 19.19 ? 5   DA  A "C4'" 1 
ATOM   87  O "O4'" . DA  A 1 5  ? -8.977  0.404   -1.611  1.00 20.77 ? 5   DA  A "O4'" 1 
ATOM   88  C "C3'" . DA  A 1 5  ? -9.397  -1.020  0.159   1.00 22.20 ? 5   DA  A "C3'" 1 
ATOM   89  O "O3'" . DA  A 1 5  ? -10.518 -1.614  0.760   1.00 24.76 ? 5   DA  A "O3'" 1 
ATOM   90  C "C2'" . DA  A 1 5  ? -8.931  -1.851  -1.028  1.00 20.76 ? 5   DA  A "C2'" 1 
ATOM   91  C "C1'" . DA  A 1 5  ? -8.256  -0.785  -1.869  1.00 19.84 ? 5   DA  A "C1'" 1 
ATOM   92  N N9    . DA  A 1 5  ? -6.836  -0.564  -1.578  1.00 19.24 ? 5   DA  A N9    1 
ATOM   93  C C8    . DA  A 1 5  ? -6.224  0.449   -0.898  1.00 19.98 ? 5   DA  A C8    1 
ATOM   94  N N7    . DA  A 1 5  ? -4.929  0.355   -0.845  1.00 20.13 ? 5   DA  A N7    1 
ATOM   95  C C5    . DA  A 1 5  ? -4.644  -0.795  -1.580  1.00 18.63 ? 5   DA  A C5    1 
ATOM   96  C C6    . DA  A 1 5  ? -3.412  -1.428  -1.878  1.00 18.80 ? 5   DA  A C6    1 
ATOM   97  N N6    . DA  A 1 5  ? -2.226  -0.879  -1.526  1.00 19.48 ? 5   DA  A N6    1 
ATOM   98  N N1    . DA  A 1 5  ? -3.443  -2.516  -2.671  1.00 20.65 ? 5   DA  A N1    1 
ATOM   99  C C2    . DA  A 1 5  ? -4.660  -3.018  -2.998  1.00 21.06 ? 5   DA  A C2    1 
ATOM   100 N N3    . DA  A 1 5  ? -5.890  -2.518  -2.762  1.00 20.28 ? 5   DA  A N3    1 
ATOM   101 C C4    . DA  A 1 5  ? -5.808  -1.399  -2.012  1.00 20.31 ? 5   DA  A C4    1 
HETATM 102 P P     . 1TL A 1 6  ? -10.324 -2.259  2.187   1.00 28.42 ? 6   1TL A P     1 
HETATM 103 N N1    . 1TL A 1 6  ? -5.514  -4.461  0.594   1.00 25.47 ? 6   1TL A N1    1 
HETATM 104 C C2    . 1TL A 1 6  ? -4.246  -4.803  0.272   1.00 22.65 ? 6   1TL A C2    1 
HETATM 105 O O2    . 1TL A 1 6  ? -3.960  -5.979  -0.322  1.00 23.70 ? 6   1TL A O2    1 
HETATM 106 N N3    . 1TL A 1 6  ? -3.215  -3.990  0.539   1.00 21.63 ? 6   1TL A N3    1 
HETATM 107 C C4    . 1TL A 1 6  ? -3.422  -2.808  1.165   1.00 23.29 ? 6   1TL A C4    1 
HETATM 108 O O4    . 1TL A 1 6  ? -2.442  -2.064  1.361   1.00 21.38 ? 6   1TL A O4    1 
HETATM 109 C C5    . 1TL A 1 6  ? -4.731  -2.378  1.447   1.00 22.97 ? 6   1TL A C5    1 
HETATM 110 C C6    . 1TL A 1 6  ? -5.779  -3.265  1.165   1.00 23.97 ? 6   1TL A C6    1 
HETATM 111 C "C1'" . 1TL A 1 6  ? -6.561  -5.393  0.201   1.00 25.26 ? 6   1TL A "C1'" 1 
HETATM 112 C "C2'" . 1TL A 1 6  ? -6.828  -6.486  1.249   1.00 28.78 ? 6   1TL A "C2'" 1 
HETATM 113 O O2A   . 1TL A 1 6  ? -7.707  -7.437  0.639   1.00 29.41 ? 6   1TL A O2A   1 
HETATM 114 C "C3'" . 1TL A 1 6  ? -7.772  -5.778  2.183   1.00 27.58 ? 6   1TL A "C3'" 1 
HETATM 115 O "O3'" . 1TL A 1 6  ? -8.313  -6.719  3.144   1.00 30.55 ? 6   1TL A "O3'" 1 
HETATM 116 C "C4'" . 1TL A 1 6  ? -8.690  -5.452  1.029   1.00 29.46 ? 6   1TL A "C4'" 1 
HETATM 117 O "O4'" . 1TL A 1 6  ? -7.806  -4.699  0.167   1.00 25.51 ? 6   1TL A "O4'" 1 
HETATM 118 C "C5'" . 1TL A 1 6  ? -9.915  -4.630  1.366   1.00 28.93 ? 6   1TL A "C5'" 1 
HETATM 119 O "O5'" . 1TL A 1 6  ? -9.394  -3.503  2.036   1.00 26.10 ? 6   1TL A "O5'" 1 
HETATM 120 C "C6'" . 1TL A 1 6  ? -8.955  -6.781  0.353   1.00 28.66 ? 6   1TL A "C6'" 1 
HETATM 121 C "C7'" . 1TL A 1 6  ? -10.092 -7.612  0.946   1.00 28.04 ? 6   1TL A "C7'" 1 
HETATM 122 O OP1   . 1TL A 1 6  ? -11.733 -2.706  2.519   1.00 32.06 ? 6   1TL A OP1   1 
HETATM 123 O OP2   . 1TL A 1 6  ? -9.671  -1.288  3.145   1.00 28.89 ? 6   1TL A OP2   1 
ATOM   124 P P     . DA  A 1 7  ? -7.636  -6.709  4.621   1.00 25.56 ? 7   DA  A P     1 
ATOM   125 O OP1   . DA  A 1 7  ? -8.618  -7.433  5.483   1.00 27.08 ? 7   DA  A OP1   1 
ATOM   126 O OP2   . DA  A 1 7  ? -7.065  -5.413  5.082   1.00 30.43 ? 7   DA  A OP2   1 
ATOM   127 O "O5'" . DA  A 1 7  ? -6.393  -7.687  4.373   1.00 26.83 ? 7   DA  A "O5'" 1 
ATOM   128 C "C5'" . DA  A 1 7  ? -6.571  -9.037  3.905   1.00 26.24 ? 7   DA  A "C5'" 1 
ATOM   129 C "C4'" . DA  A 1 7  ? -5.242  -9.633  3.532   1.00 25.73 ? 7   DA  A "C4'" 1 
ATOM   130 O "O4'" . DA  A 1 7  ? -4.643  -8.873  2.460   1.00 25.65 ? 7   DA  A "O4'" 1 
ATOM   131 C "C3'" . DA  A 1 7  ? -4.177  -9.618  4.597   1.00 25.04 ? 7   DA  A "C3'" 1 
ATOM   132 O "O3'" . DA  A 1 7  ? -4.387  -10.724 5.495   1.00 28.48 ? 7   DA  A "O3'" 1 
ATOM   133 C "C2'" . DA  A 1 7  ? -2.926  -9.813  3.739   1.00 22.96 ? 7   DA  A "C2'" 1 
ATOM   134 C "C1'" . DA  A 1 7  ? -3.243  -8.875  2.596   1.00 21.80 ? 7   DA  A "C1'" 1 
ATOM   135 N N9    . DA  A 1 7  ? -2.857  -7.488  2.877   1.00 19.97 ? 7   DA  A N9    1 
ATOM   136 C C8    . DA  A 1 7  ? -3.652  -6.445  3.259   1.00 20.39 ? 7   DA  A C8    1 
ATOM   137 N N7    . DA  A 1 7  ? -2.990  -5.331  3.465   1.00 21.21 ? 7   DA  A N7    1 
ATOM   138 C C5    . DA  A 1 7  ? -1.692  -5.657  3.124   1.00 20.20 ? 7   DA  A C5    1 
ATOM   139 C C6    . DA  A 1 7  ? -0.506  -4.908  3.170   1.00 19.76 ? 7   DA  A C6    1 
ATOM   140 N N6    . DA  A 1 7  ? -0.491  -3.583  3.448   1.00 21.76 ? 7   DA  A N6    1 
ATOM   141 N N1    . DA  A 1 7  ? 0.647   -5.567  2.869   1.00 21.77 ? 7   DA  A N1    1 
ATOM   142 C C2    . DA  A 1 7  ? 0.632   -6.868  2.562   1.00 20.05 ? 7   DA  A C2    1 
ATOM   143 N N3    . DA  A 1 7  ? -0.436  -7.666  2.455   1.00 18.92 ? 7   DA  A N3    1 
ATOM   144 C C4    . DA  A 1 7  ? -1.569  -7.015  2.831   1.00 18.16 ? 7   DA  A C4    1 
ATOM   145 P P     . DC  A 1 8  ? -4.025  -10.489 7.023   1.00 29.52 ? 8   DC  A P     1 
ATOM   146 O OP1   . DC  A 1 8  ? -4.283  -11.742 7.754   1.00 32.90 ? 8   DC  A OP1   1 
ATOM   147 O OP2   . DC  A 1 8  ? -4.662  -9.225  7.477   1.00 32.78 ? 8   DC  A OP2   1 
ATOM   148 O "O5'" . DC  A 1 8  ? -2.443  -10.318 7.022   1.00 26.74 ? 8   DC  A "O5'" 1 
ATOM   149 C "C5'" . DC  A 1 8  ? -1.524  -11.369 6.658   1.00 26.99 ? 8   DC  A "C5'" 1 
ATOM   150 C "C4'" . DC  A 1 8  ? -0.109  -10.845 6.417   1.00 22.99 ? 8   DC  A "C4'" 1 
ATOM   151 O "O4'" . DC  A 1 8  ? -0.188  -9.743  5.492   1.00 23.99 ? 8   DC  A "O4'" 1 
ATOM   152 C "C3'" . DC  A 1 8  ? 0.626   -10.216 7.596   1.00 24.83 ? 8   DC  A "C3'" 1 
ATOM   153 O "O3'" . DC  A 1 8  ? 1.130   -11.245 8.432   1.00 25.96 ? 8   DC  A "O3'" 1 
ATOM   154 C "C2'" . DC  A 1 8  ? 1.744   -9.491  6.865   1.00 22.42 ? 8   DC  A "C2'" 1 
ATOM   155 C "C1'" . DC  A 1 8  ? 0.928   -8.885  5.734   1.00 23.47 ? 8   DC  A "C1'" 1 
ATOM   156 N N1    . DC  A 1 8  ? 0.474   -7.493  6.023   1.00 21.30 ? 8   DC  A N1    1 
ATOM   157 C C2    . DC  A 1 8  ? 1.434   -6.490  5.964   1.00 20.57 ? 8   DC  A C2    1 
ATOM   158 O O2    . DC  A 1 8  ? 2.604   -6.818  5.734   1.00 20.90 ? 8   DC  A O2    1 
ATOM   159 N N3    . DC  A 1 8  ? 1.066   -5.193  6.208   1.00 21.67 ? 8   DC  A N3    1 
ATOM   160 C C4    . DC  A 1 8  ? -0.196  -4.926  6.531   1.00 21.90 ? 8   DC  A C4    1 
ATOM   161 N N4    . DC  A 1 8  ? -0.499  -3.654  6.787   1.00 24.18 ? 8   DC  A N4    1 
ATOM   162 C C5    . DC  A 1 8  ? -1.214  -5.948  6.576   1.00 22.20 ? 8   DC  A C5    1 
ATOM   163 C C6    . DC  A 1 8  ? -0.825  -7.194  6.327   1.00 22.28 ? 8   DC  A C6    1 
ATOM   164 P P     . DG  A 1 9  ? 1.341   -10.989 9.995   1.00 29.15 ? 9   DG  A P     1 
ATOM   165 O OP1   . DG  A 1 9  ? 1.803   -12.286 10.544  1.00 31.71 ? 9   DG  A OP1   1 
ATOM   166 O OP2   . DG  A 1 9  ? 0.158   -10.243 10.467  1.00 33.70 ? 9   DG  A OP2   1 
ATOM   167 O "O5'" . DG  A 1 9  ? 2.614   -10.027 10.024  1.00 24.17 ? 9   DG  A "O5'" 1 
ATOM   168 C "C5'" . DG  A 1 9  ? 3.808   -10.539 9.525   1.00 22.85 ? 9   DG  A "C5'" 1 
ATOM   169 C "C4'" . DG  A 1 9  ? 4.842   -9.433  9.495   1.00 23.78 ? 9   DG  A "C4'" 1 
ATOM   170 O "O4'" . DG  A 1 9  ? 4.327   -8.390  8.638   1.00 23.51 ? 9   DG  A "O4'" 1 
ATOM   171 C "C3'" . DG  A 1 9  ? 5.049   -8.679  10.792  1.00 25.49 ? 9   DG  A "C3'" 1 
ATOM   172 O "O3'" . DG  A 1 9  ? 5.874   -9.449  11.648  1.00 22.36 ? 9   DG  A "O3'" 1 
ATOM   173 C "C2'" . DG  A 1 9  ? 5.818   -7.496  10.209  1.00 23.13 ? 9   DG  A "C2'" 1 
ATOM   174 C "C1'" . DG  A 1 9  ? 4.917   -7.171  9.042   1.00 22.70 ? 9   DG  A "C1'" 1 
ATOM   175 N N9    . DG  A 1 9  ? 3.862   -6.175  9.258   1.00 21.53 ? 9   DG  A N9    1 
ATOM   176 C C8    . DG  A 1 9  ? 2.493   -6.343  9.279   1.00 20.18 ? 9   DG  A C8    1 
ATOM   177 N N7    . DG  A 1 9  ? 1.851   -5.215  9.451   1.00 19.30 ? 9   DG  A N7    1 
ATOM   178 C C5    . DG  A 1 9  ? 2.847   -4.235  9.414   1.00 19.70 ? 9   DG  A C5    1 
ATOM   179 C C6    . DG  A 1 9  ? 2.789   -2.799  9.495   1.00 18.83 ? 9   DG  A C6    1 
ATOM   180 O O6    . DG  A 1 9  ? 1.789   -2.059  9.556   1.00 21.86 ? 9   DG  A O6    1 
ATOM   181 N N1    . DG  A 1 9  ? 4.067   -2.233  9.492   1.00 19.11 ? 9   DG  A N1    1 
ATOM   182 C C2    . DG  A 1 9  ? 5.261   -2.951  9.396   1.00 20.62 ? 9   DG  A C2    1 
ATOM   183 N N2    . DG  A 1 9  ? 6.413   -2.274  9.452   1.00 21.86 ? 9   DG  A N2    1 
ATOM   184 N N3    . DG  A 1 9  ? 5.336   -4.276  9.304   1.00 22.22 ? 9   DG  A N3    1 
ATOM   185 C C4    . DG  A 1 9  ? 4.093   -4.835  9.335   1.00 21.00 ? 9   DG  A C4    1 
ATOM   186 P P     . DC  A 1 10 ? 6.051   -9.057  13.191  1.00 24.10 ? 10  DC  A P     1 
ATOM   187 O OP1   . DC  A 1 10 ? 7.012   -10.062 13.746  1.00 30.19 ? 10  DC  A OP1   1 
ATOM   188 O OP2   . DC  A 1 10 ? 4.739   -8.822  13.818  1.00 23.97 ? 10  DC  A OP2   1 
ATOM   189 O "O5'" . DC  A 1 10 ? 6.768   -7.623  13.136  1.00 25.77 ? 10  DC  A "O5'" 1 
ATOM   190 C "C5'" . DC  A 1 10 ? 8.247   -7.504  12.963  1.00 23.98 ? 10  DC  A "C5'" 1 
ATOM   191 C "C4'" . DC  A 1 10 ? 8.671   -6.056  13.062  1.00 22.50 ? 10  DC  A "C4'" 1 
ATOM   192 O "O4'" . DC  A 1 10 ? 7.893   -5.239  12.146  1.00 19.54 ? 10  DC  A "O4'" 1 
ATOM   193 C "C3'" . DC  A 1 10 ? 8.389   -5.465  14.439  1.00 21.38 ? 10  DC  A "C3'" 1 
ATOM   194 O "O3'" . DC  A 1 10 ? 9.466   -5.769  15.283  1.00 22.56 ? 10  DC  A "O3'" 1 
ATOM   195 C "C2'" . DC  A 1 10 ? 8.343   -3.960  14.169  1.00 19.39 ? 10  DC  A "C2'" 1 
ATOM   196 C "C1'" . DC  A 1 10 ? 7.712   -3.967  12.791  1.00 20.03 ? 10  DC  A "C1'" 1 
ATOM   197 N N1    . DC  A 1 10 ? 6.265   -3.624  12.848  1.00 19.74 ? 10  DC  A N1    1 
ATOM   198 C C2    . DC  A 1 10 ? 5.927   -2.281  12.821  1.00 18.75 ? 10  DC  A C2    1 
ATOM   199 O O2    . DC  A 1 10 ? 6.850   -1.454  12.890  1.00 18.42 ? 10  DC  A O2    1 
ATOM   200 N N3    . DC  A 1 10 ? 4.610   -1.949  12.847  1.00 17.88 ? 10  DC  A N3    1 
ATOM   201 C C4    . DC  A 1 10 ? 3.678   -2.943  12.773  1.00 17.50 ? 10  DC  A C4    1 
ATOM   202 N N4    . DC  A 1 10 ? 2.391   -2.577  12.796  1.00 21.36 ? 10  DC  A N4    1 
ATOM   203 C C5    . DC  A 1 10 ? 4.003   -4.338  12.810  1.00 17.85 ? 10  DC  A C5    1 
ATOM   204 C C6    . DC  A 1 10 ? 5.316   -4.620  12.850  1.00 17.96 ? 10  DC  A C6    1 
ATOM   205 O "O5'" . DG  B 1 1  ? 0.359   7.076   11.127  1.00 40.47 ? 11  DG  B "O5'" 1 
ATOM   206 C "C5'" . DG  B 1 1  ? 1.062   8.097   11.871  1.00 34.80 ? 11  DG  B "C5'" 1 
ATOM   207 C "C4'" . DG  B 1 1  ? 2.545   7.777   12.023  1.00 31.61 ? 11  DG  B "C4'" 1 
ATOM   208 O "O4'" . DG  B 1 1  ? 2.628   6.939   13.182  1.00 30.44 ? 11  DG  B "O4'" 1 
ATOM   209 C "C3'" . DG  B 1 1  ? 3.214   6.981   10.897  1.00 26.39 ? 11  DG  B "C3'" 1 
ATOM   210 O "O3'" . DG  B 1 1  ? 3.793   7.880   9.969   1.00 31.38 ? 11  DG  B "O3'" 1 
ATOM   211 C "C2'" . DG  B 1 1  ? 4.321   6.242   11.628  1.00 25.98 ? 11  DG  B "C2'" 1 
ATOM   212 C "C1'" . DG  B 1 1  ? 3.561   5.909   12.901  1.00 28.03 ? 11  DG  B "C1'" 1 
ATOM   213 N N9    . DG  B 1 1  ? 2.807   4.658   12.849  1.00 24.36 ? 11  DG  B N9    1 
ATOM   214 C C8    . DG  B 1 1  ? 1.461   4.454   12.940  1.00 26.63 ? 11  DG  B C8    1 
ATOM   215 N N7    . DG  B 1 1  ? 1.089   3.199   12.962  1.00 26.55 ? 11  DG  B N7    1 
ATOM   216 C C5    . DG  B 1 1  ? 2.301   2.506   12.867  1.00 25.08 ? 11  DG  B C5    1 
ATOM   217 C C6    . DG  B 1 1  ? 2.557   1.109   12.865  1.00 21.50 ? 11  DG  B C6    1 
ATOM   218 O O6    . DG  B 1 1  ? 1.730   0.172   12.900  1.00 21.24 ? 11  DG  B O6    1 
ATOM   219 N N1    . DG  B 1 1  ? 3.920   0.853   12.752  1.00 20.11 ? 11  DG  B N1    1 
ATOM   220 C C2    . DG  B 1 1  ? 4.911   1.809   12.716  1.00 21.40 ? 11  DG  B C2    1 
ATOM   221 N N2    . DG  B 1 1  ? 6.161   1.338   12.576  1.00 21.49 ? 11  DG  B N2    1 
ATOM   222 N N3    . DG  B 1 1  ? 4.684   3.122   12.742  1.00 23.44 ? 11  DG  B N3    1 
ATOM   223 C C4    . DG  B 1 1  ? 3.367   3.392   12.806  1.00 22.68 ? 11  DG  B C4    1 
ATOM   224 P P     . DC  B 1 2  ? 4.044   7.487   8.454   1.00 31.98 ? 12  DC  B P     1 
ATOM   225 O OP1   . DC  B 1 2  ? 4.524   8.726   7.785   1.00 35.12 ? 12  DC  B OP1   1 
ATOM   226 O OP2   . DC  B 1 2  ? 2.833   6.775   7.965   1.00 35.00 ? 12  DC  B OP2   1 
ATOM   227 O "O5'" . DC  B 1 2  ? 5.210   6.391   8.516   1.00 29.74 ? 12  DC  B "O5'" 1 
ATOM   228 C "C5'" . DC  B 1 2  ? 6.519   6.732   9.022   1.00 27.68 ? 12  DC  B "C5'" 1 
ATOM   229 C "C4'" . DC  B 1 2  ? 7.316   5.441   9.078   1.00 27.59 ? 12  DC  B "C4'" 1 
ATOM   230 O "O4'" . DC  B 1 2  ? 6.694   4.544   10.005  1.00 27.21 ? 12  DC  B "O4'" 1 
ATOM   231 C "C3'" . DC  B 1 2  ? 7.297   4.618   7.810   1.00 28.43 ? 12  DC  B "C3'" 1 
ATOM   232 O "O3'" . DC  B 1 2  ? 8.227   5.257   6.976   1.00 32.36 ? 12  DC  B "O3'" 1 
ATOM   233 C "C2'" . DC  B 1 2  ? 7.718   3.214   8.273   1.00 24.99 ? 12  DC  B "C2'" 1 
ATOM   234 C "C1'" . DC  B 1 2  ? 6.890   3.209   9.539   1.00 22.68 ? 12  DC  B "C1'" 1 
ATOM   235 N N1    . DC  B 1 2  ? 5.561   2.606   9.373   1.00 19.15 ? 12  DC  B N1    1 
ATOM   236 C C2    . DC  B 1 2  ? 5.447   1.209   9.433   1.00 17.18 ? 12  DC  B C2    1 
ATOM   237 O O2    . DC  B 1 2  ? 6.499   0.556   9.442   1.00 19.83 ? 12  DC  B O2    1 
ATOM   238 N N3    . DC  B 1 2  ? 4.194   0.635   9.367   1.00 19.90 ? 12  DC  B N3    1 
ATOM   239 C C4    . DC  B 1 2  ? 3.098   1.401   9.302   1.00 22.96 ? 12  DC  B C4    1 
ATOM   240 N N4    . DC  B 1 2  ? 1.897   0.785   9.320   1.00 25.21 ? 12  DC  B N4    1 
ATOM   241 C C5    . DC  B 1 2  ? 3.181   2.835   9.290   1.00 22.61 ? 12  DC  B C5    1 
ATOM   242 C C6    . DC  B 1 2  ? 4.420   3.389   9.318   1.00 21.30 ? 12  DC  B C6    1 
ATOM   243 P P     . DG  B 1 3  ? 8.229   4.940   5.434   1.00 34.25 ? 13  DG  B P     1 
ATOM   244 O OP1   . DG  B 1 3  ? 9.307   5.764   4.863   1.00 39.41 ? 13  DG  B OP1   1 
ATOM   245 O OP2   . DG  B 1 3  ? 6.852   4.821   4.872   1.00 36.20 ? 13  DG  B OP2   1 
ATOM   246 O "O5'" . DG  B 1 3  ? 8.813   3.461   5.376   1.00 35.43 ? 13  DG  B "O5'" 1 
ATOM   247 C "C5'" . DG  B 1 3  ? 8.253   2.484   4.500   1.00 26.87 ? 13  DG  B "C5'" 1 
ATOM   248 C "C4'" . DG  B 1 3  ? 8.714   1.118   4.957   1.00 27.47 ? 13  DG  B "C4'" 1 
ATOM   249 O "O4'" . DG  B 1 3  ? 7.978   0.831   6.169   1.00 26.93 ? 13  DG  B "O4'" 1 
ATOM   250 C "C3'" . DG  B 1 3  ? 8.267   0.041   3.994   1.00 24.68 ? 13  DG  B "C3'" 1 
ATOM   251 O "O3'" . DG  B 1 3  ? 9.282   -0.209  3.023   1.00 26.79 ? 13  DG  B "O3'" 1 
ATOM   252 C "C2'" . DG  B 1 3  ? 8.098   -1.162  4.938   1.00 25.28 ? 13  DG  B "C2'" 1 
ATOM   253 C "C1'" . DG  B 1 3  ? 7.466   -0.481  6.140   1.00 26.21 ? 13  DG  B "C1'" 1 
ATOM   254 N N9    . DG  B 1 3  ? 6.002   -0.452  6.135   1.00 23.44 ? 13  DG  B N9    1 
ATOM   255 C C8    . DG  B 1 3  ? 5.195   0.663   6.096   1.00 21.34 ? 13  DG  B C8    1 
ATOM   256 N N7    . DG  B 1 3  ? 3.918   0.374   6.079   1.00 21.79 ? 13  DG  B N7    1 
ATOM   257 C C5    . DG  B 1 3  ? 3.850   -1.015  6.092   1.00 21.33 ? 13  DG  B C5    1 
ATOM   258 C C6    . DG  B 1 3  ? 2.712   -1.900  6.090   1.00 19.79 ? 13  DG  B C6    1 
ATOM   259 O O6    . DG  B 1 3  ? 1.492   -1.662  6.076   1.00 21.34 ? 13  DG  B O6    1 
ATOM   260 N N1    . DG  B 1 3  ? 3.103   -3.245  6.081   1.00 20.68 ? 13  DG  B N1    1 
ATOM   261 C C2    . DG  B 1 3  ? 4.419   -3.672  6.079   1.00 20.44 ? 13  DG  B C2    1 
ATOM   262 N N2    . DG  B 1 3  ? 4.637   -4.997  6.076   1.00 22.04 ? 13  DG  B N2    1 
ATOM   263 N N3    . DG  B 1 3  ? 5.466   -2.842  6.133   1.00 21.86 ? 13  DG  B N3    1 
ATOM   264 C C4    . DG  B 1 3  ? 5.120   -1.541  6.111   1.00 19.90 ? 13  DG  B C4    1 
ATOM   265 P P     . DT  B 1 4  ? 8.921   -0.704  1.511   1.00 26.47 ? 14  DT  B P     1 
ATOM   266 O OP1   . DT  B 1 4  ? 10.207  -0.603  0.769   1.00 29.32 ? 14  DT  B OP1   1 
ATOM   267 O OP2   . DT  B 1 4  ? 7.748   0.090   1.054   1.00 25.23 ? 14  DT  B OP2   1 
ATOM   268 O "O5'" . DT  B 1 4  ? 8.499   -2.262  1.651   1.00 26.02 ? 14  DT  B "O5'" 1 
ATOM   269 C "C5'" . DT  B 1 4  ? 9.423   -3.262  2.011   1.00 25.52 ? 14  DT  B "C5'" 1 
ATOM   270 C "C4'" . DT  B 1 4  ? 8.707   -4.606  1.977   1.00 23.72 ? 14  DT  B "C4'" 1 
ATOM   271 O "O4'" . DT  B 1 4  ? 7.740   -4.578  3.074   1.00 23.12 ? 14  DT  B "O4'" 1 
ATOM   272 C "C3'" . DT  B 1 4  ? 7.802   -4.817  0.781   1.00 22.19 ? 14  DT  B "C3'" 1 
ATOM   273 O "O3'" . DT  B 1 4  ? 8.621   -5.289  -0.278  1.00 25.41 ? 14  DT  B "O3'" 1 
ATOM   274 C "C2'" . DT  B 1 4  ? 6.957   -5.958  1.335   1.00 22.51 ? 14  DT  B "C2'" 1 
ATOM   275 C "C1'" . DT  B 1 4  ? 6.661   -5.392  2.714   1.00 21.96 ? 14  DT  B "C1'" 1 
ATOM   276 N N1    . DT  B 1 4  ? 5.467   -4.532  2.721   1.00 19.56 ? 14  DT  B N1    1 
ATOM   277 C C2    . DT  B 1 4  ? 4.261   -5.202  2.738   1.00 21.26 ? 14  DT  B C2    1 
ATOM   278 O O2    . DT  B 1 4  ? 4.193   -6.416  2.776   1.00 21.73 ? 14  DT  B O2    1 
ATOM   279 N N3    . DT  B 1 4  ? 3.160   -4.399  2.775   1.00 21.96 ? 14  DT  B N3    1 
ATOM   280 C C4    . DT  B 1 4  ? 3.166   -2.994  2.760   1.00 22.66 ? 14  DT  B C4    1 
ATOM   281 O O4    . DT  B 1 4  ? 2.134   -2.350  2.779   1.00 21.56 ? 14  DT  B O4    1 
ATOM   282 C C5    . DT  B 1 4  ? 4.463   -2.347  2.676   1.00 19.50 ? 14  DT  B C5    1 
ATOM   283 C C7    . DT  B 1 4  ? 4.596   -0.837  2.574   1.00 21.16 ? 14  DT  B C7    1 
ATOM   284 C C6    . DT  B 1 4  ? 5.531   -3.150  2.632   1.00 19.46 ? 14  DT  B C6    1 
ATOM   285 P P     . DA  B 1 5  ? 8.121   -5.150  -1.779  1.00 26.88 ? 15  DA  B P     1 
ATOM   286 O OP1   . DA  B 1 5  ? 9.192   -5.689  -2.660  1.00 28.96 ? 15  DA  B OP1   1 
ATOM   287 O OP2   . DA  B 1 5  ? 7.669   -3.752  -1.939  1.00 28.79 ? 15  DA  B OP2   1 
ATOM   288 O "O5'" . DA  B 1 5  ? 6.846   -6.097  -1.837  1.00 23.24 ? 15  DA  B "O5'" 1 
ATOM   289 C "C5'" . DA  B 1 5  ? 6.990   -7.486  -1.778  1.00 23.51 ? 15  DA  B "C5'" 1 
ATOM   290 C "C4'" . DA  B 1 5  ? 5.620   -8.119  -1.905  1.00 21.79 ? 15  DA  B "C4'" 1 
ATOM   291 O "O4'" . DA  B 1 5  ? 4.869   -7.712  -0.747  1.00 22.39 ? 15  DA  B "O4'" 1 
ATOM   292 C "C3'" . DA  B 1 5  ? 4.761   -7.672  -3.065  1.00 23.79 ? 15  DA  B "C3'" 1 
ATOM   293 O "O3'" . DA  B 1 5  ? 5.188   -8.456  -4.228  1.00 26.34 ? 15  DA  B "O3'" 1 
ATOM   294 C "C2'" . DA  B 1 5  ? 3.401   -8.129  -2.542  1.00 22.24 ? 15  DA  B "C2'" 1 
ATOM   295 C "C1'" . DA  B 1 5  ? 3.508   -7.619  -1.116  1.00 20.31 ? 15  DA  B "C1'" 1 
ATOM   296 N N9    . DA  B 1 5  ? 3.051   -6.244  -0.880  1.00 21.35 ? 15  DA  B N9    1 
ATOM   297 C C8    . DA  B 1 5  ? 3.779   -5.090  -0.652  1.00 18.06 ? 15  DA  B C8    1 
ATOM   298 N N7    . DA  B 1 5  ? 3.016   -4.047  -0.427  1.00 21.82 ? 15  DA  B N7    1 
ATOM   299 C C5    . DA  B 1 5  ? 1.718   -4.557  -0.436  1.00 18.44 ? 15  DA  B C5    1 
ATOM   300 C C6    . DA  B 1 5  ? 0.450   -3.981  -0.186  1.00 18.37 ? 15  DA  B C6    1 
ATOM   301 N N6    . DA  B 1 5  ? 0.317   -2.688  0.177   1.00 21.01 ? 15  DA  B N6    1 
ATOM   302 N N1    . DA  B 1 5  ? -0.653  -4.766  -0.236  1.00 19.72 ? 15  DA  B N1    1 
ATOM   303 C C2    . DA  B 1 5  ? -0.502  -6.062  -0.502  1.00 22.64 ? 15  DA  B C2    1 
ATOM   304 N N3    . DA  B 1 5  ? 0.652   -6.714  -0.774  1.00 20.25 ? 15  DA  B N3    1 
ATOM   305 C C4    . DA  B 1 5  ? 1.733   -5.907  -0.663  1.00 20.77 ? 15  DA  B C4    1 
HETATM 306 P P     . 1TL B 1 6  ? 5.011   -7.778  -5.671  1.00 29.29 ? 16  1TL B P     1 
HETATM 307 N N1    . 1TL B 1 6  ? -0.152  -5.821  -4.395  1.00 22.13 ? 16  1TL B N1    1 
HETATM 308 C C2    . 1TL B 1 6  ? -1.223  -5.121  -4.017  1.00 22.51 ? 16  1TL B C2    1 
HETATM 309 O O2    . 1TL B 1 6  ? -2.410  -5.697  -4.156  1.00 23.38 ? 16  1TL B O2    1 
HETATM 310 N N3    . 1TL B 1 6  ? -1.139  -3.877  -3.517  1.00 17.48 ? 16  1TL B N3    1 
HETATM 311 C C4    . 1TL B 1 6  ? 0.065   -3.290  -3.386  1.00 21.66 ? 16  1TL B C4    1 
HETATM 312 O O4    . 1TL B 1 6  ? 0.097   -2.124  -2.982  1.00 22.97 ? 16  1TL B O4    1 
HETATM 313 C C5    . 1TL B 1 6  ? 1.208   -3.976  -3.781  1.00 21.45 ? 16  1TL B C5    1 
HETATM 314 C C6    . 1TL B 1 6  ? 1.054   -5.249  -4.311  1.00 22.33 ? 16  1TL B C6    1 
HETATM 315 C "C1'" . 1TL B 1 6  ? -0.379  -7.202  -4.885  1.00 22.78 ? 16  1TL B "C1'" 1 
HETATM 316 C "C2'" . 1TL B 1 6  ? -0.623  -7.285  -6.373  1.00 24.08 ? 16  1TL B "C2'" 1 
HETATM 317 O O2A   . 1TL B 1 6  ? -1.000  -8.659  -6.589  1.00 26.65 ? 16  1TL B O2A   1 
HETATM 318 C "C3'" . 1TL B 1 6  ? 0.793   -7.211  -6.859  1.00 21.67 ? 16  1TL B "C3'" 1 
HETATM 319 O "O3'" . 1TL B 1 6  ? 1.005   -7.484  -8.280  1.00 25.15 ? 16  1TL B "O3'" 1 
HETATM 320 C "C4'" . 1TL B 1 6  ? 1.172   -8.402  -6.008  1.00 24.54 ? 16  1TL B "C4'" 1 
HETATM 321 O "O4'" . 1TL B 1 6  ? 0.827   -7.945  -4.726  1.00 24.54 ? 16  1TL B "O4'" 1 
HETATM 322 C "C5'" . 1TL B 1 6  ? 2.636   -8.790  -6.052  1.00 27.08 ? 16  1TL B "C5'" 1 
HETATM 323 O "O5'" . 1TL B 1 6  ? 3.450   -7.608  -5.896  1.00 27.18 ? 16  1TL B "O5'" 1 
HETATM 324 C "C6'" . 1TL B 1 6  ? 0.126   -9.468  -6.274  1.00 23.80 ? 16  1TL B "C6'" 1 
HETATM 325 C "C7'" . 1TL B 1 6  ? 0.446   -10.428 -7.413  1.00 25.97 ? 16  1TL B "C7'" 1 
HETATM 326 O OP1   . 1TL B 1 6  ? 5.549   -8.727  -6.697  1.00 34.29 ? 16  1TL B OP1   1 
HETATM 327 O OP2   . 1TL B 1 6  ? 5.660   -6.421  -5.675  1.00 29.83 ? 16  1TL B OP2   1 
ATOM   328 P P     . DA  B 1 7  ? 0.873   -6.349  -9.392  1.00 26.56 ? 17  DA  B P     1 
ATOM   329 O OP1   . DA  B 1 7  ? 1.229   -6.952  -10.695 1.00 27.64 ? 17  DA  B OP1   1 
ATOM   330 O OP2   . DA  B 1 7  ? 1.629   -5.132  -8.959  1.00 26.46 ? 17  DA  B OP2   1 
ATOM   331 O "O5'" . DA  B 1 7  ? -0.662  -5.948  -9.484  1.00 24.64 ? 17  DA  B "O5'" 1 
ATOM   332 C "C5'" . DA  B 1 7  ? -1.636  -6.913  -9.870  1.00 26.65 ? 17  DA  B "C5'" 1 
ATOM   333 C "C4'" . DA  B 1 7  ? -3.003  -6.291  -9.721  1.00 24.16 ? 17  DA  B "C4'" 1 
ATOM   334 O "O4'" . DA  B 1 7  ? -3.275  -6.060  -8.320  1.00 23.72 ? 17  DA  B "O4'" 1 
ATOM   335 C "C3'" . DA  B 1 7  ? -3.133  -4.908  -10.342 1.00 24.24 ? 17  DA  B "C3'" 1 
ATOM   336 O "O3'" . DA  B 1 7  ? -3.416  -5.083  -11.746 1.00 28.07 ? 17  DA  B "O3'" 1 
ATOM   337 C "C2'" . DA  B 1 7  ? -4.354  -4.356  -9.603  1.00 21.83 ? 17  DA  B "C2'" 1 
ATOM   338 C "C1'" . DA  B 1 7  ? -4.050  -4.859  -8.198  1.00 21.62 ? 17  DA  B "C1'" 1 
ATOM   339 N N9    . DA  B 1 7  ? -3.279  -3.866  -7.465  1.00 19.82 ? 17  DA  B N9    1 
ATOM   340 C C8    . DA  B 1 7  ? -1.934  -3.780  -7.309  1.00 19.80 ? 17  DA  B C8    1 
ATOM   341 N N7    . DA  B 1 7  ? -1.575  -2.733  -6.580  1.00 21.06 ? 17  DA  B N7    1 
ATOM   342 C C5    . DA  B 1 7  ? -2.742  -2.099  -6.244  1.00 19.07 ? 17  DA  B C5    1 
ATOM   343 C C6    . DA  B 1 7  ? -3.039  -0.970  -5.437  1.00 17.16 ? 17  DA  B C6    1 
ATOM   344 N N6    . DA  B 1 7  ? -2.107  -0.216  -4.836  1.00 17.10 ? 17  DA  B N6    1 
ATOM   345 N N1    . DA  B 1 7  ? -4.322  -0.555  -5.361  1.00 16.97 ? 17  DA  B N1    1 
ATOM   346 C C2    . DA  B 1 7  ? -5.281  -1.307  -5.948  1.00 17.27 ? 17  DA  B C2    1 
ATOM   347 N N3    . DA  B 1 7  ? -5.144  -2.447  -6.650  1.00 19.28 ? 17  DA  B N3    1 
ATOM   348 C C4    . DA  B 1 7  ? -3.828  -2.795  -6.768  1.00 18.86 ? 17  DA  B C4    1 
ATOM   349 P P     . DC  B 1 8  ? -2.814  -4.033  -12.782 1.00 31.39 ? 18  DC  B P     1 
ATOM   350 O OP1   . DC  B 1 8  ? -3.219  -4.572  -14.094 1.00 36.29 ? 18  DC  B OP1   1 
ATOM   351 O OP2   . DC  B 1 8  ? -1.402  -3.756  -12.453 1.00 32.77 ? 18  DC  B OP2   1 
ATOM   352 O "O5'" . DC  B 1 8  ? -3.614  -2.654  -12.509 1.00 27.21 ? 18  DC  B "O5'" 1 
ATOM   353 C "C5'" . DC  B 1 8  ? -5.038  -2.576  -12.725 1.00 28.17 ? 18  DC  B "C5'" 1 
ATOM   354 C "C4'" . DC  B 1 8  ? -5.604  -1.333  -12.039 1.00 26.19 ? 18  DC  B "C4'" 1 
ATOM   355 O "O4'" . DC  B 1 8  ? -5.309  -1.483  -10.633 1.00 23.83 ? 18  DC  B "O4'" 1 
ATOM   356 C "C3'" . DC  B 1 8  ? -5.012  0.040   -12.363 1.00 22.85 ? 18  DC  B "C3'" 1 
ATOM   357 O "O3'" . DC  B 1 8  ? -5.570  0.523   -13.601 1.00 27.45 ? 18  DC  B "O3'" 1 
ATOM   358 C "C2'" . DC  B 1 8  ? -5.618  0.792   -11.159 1.00 21.93 ? 18  DC  B "C2'" 1 
ATOM   359 C "C1'" . DC  B 1 8  ? -5.373  -0.212  -10.002 1.00 23.04 ? 18  DC  B "C1'" 1 
ATOM   360 N N1    . DC  B 1 8  ? -4.064  0.017   -9.332  1.00 19.41 ? 18  DC  B N1    1 
ATOM   361 C C2    . DC  B 1 8  ? -4.010  1.056   -8.382  1.00 20.32 ? 18  DC  B C2    1 
ATOM   362 O O2    . DC  B 1 8  ? -5.030  1.707   -8.210  1.00 20.15 ? 18  DC  B O2    1 
ATOM   363 N N3    . DC  B 1 8  ? -2.825  1.396   -7.801  1.00 18.11 ? 18  DC  B N3    1 
ATOM   364 C C4    . DC  B 1 8  ? -1.702  0.740   -8.135  1.00 18.87 ? 18  DC  B C4    1 
ATOM   365 N N4    . DC  B 1 8  ? -0.564  1.070   -7.495  1.00 21.57 ? 18  DC  B N4    1 
ATOM   366 C C5    . DC  B 1 8  ? -1.746  -0.365  -9.066  1.00 21.69 ? 18  DC  B C5    1 
ATOM   367 C C6    . DC  B 1 8  ? -2.929  -0.666  -9.667  1.00 20.22 ? 18  DC  B C6    1 
ATOM   368 P P     . DG  B 1 9  ? -4.905  1.799   -14.329 1.00 31.99 ? 19  DG  B P     1 
ATOM   369 O OP1   . DG  B 1 9  ? -5.519  1.980   -15.644 1.00 38.12 ? 19  DG  B OP1   1 
ATOM   370 O OP2   . DG  B 1 9  ? -3.428  1.642   -14.215 1.00 36.43 ? 19  DG  B OP2   1 
ATOM   371 O "O5'" . DG  B 1 9  ? -5.236  3.057   -13.388 1.00 30.17 ? 19  DG  B "O5'" 1 
ATOM   372 C "C5'" . DG  B 1 9  ? -6.514  3.627   -13.290 1.00 28.06 ? 19  DG  B "C5'" 1 
ATOM   373 C "C4'" . DG  B 1 9  ? -6.513  4.669   -12.160 1.00 20.15 ? 19  DG  B "C4'" 1 
ATOM   374 O "O4'" . DG  B 1 9  ? -5.782  4.087   -11.067 1.00 19.52 ? 19  DG  B "O4'" 1 
ATOM   375 C "C3'" . DG  B 1 9  ? -5.782  5.990   -12.367 1.00 23.84 ? 19  DG  B "C3'" 1 
ATOM   376 O "O3'" . DG  B 1 9  ? -6.657  6.878   -12.966 1.00 25.86 ? 19  DG  B "O3'" 1 
ATOM   377 C "C2'" . DG  B 1 9  ? -5.562  6.434   -10.928 1.00 21.82 ? 19  DG  B "C2'" 1 
ATOM   378 C "C1'" . DG  B 1 9  ? -5.199  5.119   -10.275 1.00 20.42 ? 19  DG  B "C1'" 1 
ATOM   379 N N9    . DG  B 1 9  ? -3.813  4.802   -10.065 1.00 17.82 ? 19  DG  B N9    1 
ATOM   380 C C8    . DG  B 1 9  ? -3.095  3.743   -10.555 1.00 18.68 ? 19  DG  B C8    1 
ATOM   381 N N7    . DG  B 1 9  ? -1.857  3.724   -10.089 1.00 20.15 ? 19  DG  B N7    1 
ATOM   382 C C5    . DG  B 1 9  ? -1.752  4.805   -9.213  1.00 18.44 ? 19  DG  B C5    1 
ATOM   383 C C6    . DG  B 1 9  ? -0.683  5.240   -8.370  1.00 20.08 ? 19  DG  B C6    1 
ATOM   384 O O6    . DG  B 1 9  ? 0.456   4.737   -8.232  1.00 22.51 ? 19  DG  B O6    1 
ATOM   385 N N1    . DG  B 1 9  ? -1.039  6.388   -7.661  1.00 19.97 ? 19  DG  B N1    1 
ATOM   386 C C2    . DG  B 1 9  ? -2.266  7.026   -7.765  1.00 17.54 ? 19  DG  B C2    1 
ATOM   387 N N2    . DG  B 1 9  ? -2.473  8.096   -7.007  1.00 19.91 ? 19  DG  B N2    1 
ATOM   388 N N3    . DG  B 1 9  ? -3.311  6.573   -8.490  1.00 17.09 ? 19  DG  B N3    1 
ATOM   389 C C4    . DG  B 1 9  ? -2.953  5.516   -9.229  1.00 15.39 ? 19  DG  B C4    1 
ATOM   390 P P     . DC  B 1 10 ? -6.150  8.157   -13.781 1.00 30.43 ? 20  DC  B P     1 
ATOM   391 O OP1   . DC  B 1 10 ? -7.405  8.776   -14.275 1.00 36.32 ? 20  DC  B OP1   1 
ATOM   392 O OP2   . DC  B 1 10 ? -5.058  7.627   -14.614 1.00 34.81 ? 20  DC  B OP2   1 
ATOM   393 O "O5'" . DC  B 1 10 ? -5.524  9.179   -12.715 1.00 27.45 ? 20  DC  B "O5'" 1 
ATOM   394 C "C5'" . DC  B 1 10 ? -6.333  10.048  -11.925 1.00 26.73 ? 20  DC  B "C5'" 1 
ATOM   395 C "C4'" . DC  B 1 10 ? -5.476  10.890  -10.987 1.00 26.87 ? 20  DC  B "C4'" 1 
ATOM   396 O "O4'" . DC  B 1 10 ? -4.652  9.945   -10.278 1.00 21.37 ? 20  DC  B "O4'" 1 
ATOM   397 C "C3'" . DC  B 1 10 ? -4.481  11.761  -11.727 1.00 26.51 ? 20  DC  B "C3'" 1 
ATOM   398 O "O3'" . DC  B 1 10 ? -4.998  13.063  -11.986 1.00 28.32 ? 20  DC  B "O3'" 1 
ATOM   399 C "C2'" . DC  B 1 10 ? -3.346  11.895  -10.731 1.00 27.23 ? 20  DC  B "C2'" 1 
ATOM   400 C "C1'" . DC  B 1 10 ? -3.420  10.583  -9.982  1.00 23.75 ? 20  DC  B "C1'" 1 
ATOM   401 N N1    . DC  B 1 10 ? -2.288  9.615   -10.257 1.00 21.08 ? 20  DC  B N1    1 
ATOM   402 C C2    . DC  B 1 10 ? -1.112  9.807   -9.557  1.00 19.16 ? 20  DC  B C2    1 
ATOM   403 O O2    . DC  B 1 10 ? -1.055  10.755  -8.736  1.00 21.56 ? 20  DC  B O2    1 
ATOM   404 N N3    . DC  B 1 10 ? -0.135  8.868   -9.752  1.00 20.30 ? 20  DC  B N3    1 
ATOM   405 C C4    . DC  B 1 10 ? -0.236  7.877   -10.648 1.00 19.41 ? 20  DC  B C4    1 
ATOM   406 N N4    . DC  B 1 10 ? 0.797   7.031   -10.725 1.00 19.68 ? 20  DC  B N4    1 
ATOM   407 C C5    . DC  B 1 10 ? -1.421  7.710   -11.413 1.00 19.33 ? 20  DC  B C5    1 
ATOM   408 C C6    . DC  B 1 10 ? -2.371  8.621   -11.208 1.00 21.34 ? 20  DC  B C6    1 
HETATM 409 O O     . HOH C 2 .  ? 9.934   7.622   -5.938  1.00 41.24 ? 101 HOH A O     1 
HETATM 410 O O     . HOH C 2 .  ? 6.384   5.391   -7.833  1.00 27.04 ? 102 HOH A O     1 
HETATM 411 O O     . HOH C 2 .  ? 3.901   4.946   -9.535  1.00 29.13 ? 103 HOH A O     1 
HETATM 412 O O     . HOH C 2 .  ? -1.649  11.739  -5.239  1.00 34.87 ? 104 HOH A O     1 
HETATM 413 O O     . HOH C 2 .  ? -3.373  5.823   1.815   1.00 37.95 ? 105 HOH A O     1 
HETATM 414 O O     . HOH C 2 .  ? -3.369  1.475   1.265   1.00 32.53 ? 106 HOH A O     1 
HETATM 415 O O     . HOH C 2 .  ? -6.846  3.759   0.677   1.00 24.39 ? 107 HOH A O     1 
HETATM 416 O O     . HOH C 2 .  ? -7.100  -0.439  2.857   1.00 37.61 ? 108 HOH A O     1 
HETATM 417 O O     . HOH C 2 .  ? -0.443  6.263   4.832   1.00 49.51 ? 109 HOH A O     1 
HETATM 418 O O     . HOH C 2 .  ? -0.871  2.343   -1.731  1.00 32.51 ? 110 HOH A O     1 
HETATM 419 O O     . HOH C 2 .  ? -8.000  -4.162  -3.733  1.00 29.50 ? 111 HOH A O     1 
HETATM 420 O O     . HOH C 2 .  ? -3.891  -3.238  4.836   1.00 33.50 ? 112 HOH A O     1 
HETATM 421 O O     . HOH C 2 .  ? -3.333  -3.349  7.508   1.00 32.29 ? 113 HOH A O     1 
HETATM 422 O O     . HOH C 2 .  ? 2.314   -7.315  13.270  1.00 32.60 ? 114 HOH A O     1 
HETATM 423 O O     . HOH C 2 .  ? -0.856  -5.055  10.231  1.00 35.31 ? 115 HOH A O     1 
HETATM 424 O O     . HOH C 2 .  ? 4.852   -13.766 9.053   1.00 24.59 ? 116 HOH A O     1 
HETATM 425 O O     . HOH C 2 .  ? 10.053  -6.470  9.619   1.00 29.57 ? 117 HOH A O     1 
HETATM 426 O O     . HOH C 2 .  ? 8.226   -4.550  9.161   1.00 24.20 ? 118 HOH A O     1 
HETATM 427 O O     . HOH C 2 .  ? 9.533   -8.662  16.314  1.00 42.46 ? 119 HOH A O     1 
HETATM 428 O O     . HOH C 2 .  ? -2.939  8.454   3.363   1.00 34.93 ? 120 HOH A O     1 
HETATM 429 O O     . HOH C 2 .  ? -6.527  -6.547  -3.386  1.00 41.83 ? 121 HOH A O     1 
HETATM 430 O O     . HOH C 2 .  ? 9.081   5.233   -7.599  1.00 54.83 ? 122 HOH A O     1 
HETATM 431 O O     . HOH C 2 .  ? 4.956   4.380   -5.680  1.00 34.33 ? 123 HOH A O     1 
HETATM 432 O O     . HOH C 2 .  ? 1.398   4.586   -2.551  1.00 38.30 ? 124 HOH A O     1 
HETATM 433 O O     . HOH C 2 .  ? -6.339  2.218   2.572   1.00 37.90 ? 125 HOH A O     1 
HETATM 434 O O     . HOH C 2 .  ? 8.425   -8.448  8.665   1.00 29.59 ? 126 HOH A O     1 
HETATM 435 O O     . HOH C 2 .  ? -13.383 1.945   1.952   1.00 43.12 ? 127 HOH A O     1 
HETATM 436 O O     . HOH C 2 .  ? -9.900  3.242   3.462   1.00 45.71 ? 128 HOH A O     1 
HETATM 437 O O     . HOH C 2 .  ? -2.212  -0.892  4.479   1.00 37.31 ? 129 HOH A O     1 
HETATM 438 O O     . HOH C 2 .  ? -12.863 6.782   -0.288  1.00 38.66 ? 130 HOH A O     1 
HETATM 439 O O     . HOH C 2 .  ? -9.568  10.134  -0.661  1.00 52.49 ? 131 HOH A O     1 
HETATM 440 O O     . HOH C 2 .  ? -9.753  6.832   2.178   1.00 40.32 ? 132 HOH A O     1 
HETATM 441 O O     . HOH C 2 .  ? 3.983   10.801  2.901   1.00 44.18 ? 133 HOH A O     1 
HETATM 442 O O     . HOH D 2 .  ? 1.363   11.468  -10.938 1.00 26.27 ? 101 HOH B O     1 
HETATM 443 O O     . HOH D 2 .  ? -7.364  -4.259  -6.437  1.00 30.25 ? 102 HOH B O     1 
HETATM 444 O O     . HOH D 2 .  ? 0.157   -5.915  -13.046 1.00 38.89 ? 103 HOH B O     1 
HETATM 445 O O     . HOH D 2 .  ? 0.989   -2.708  -10.064 1.00 32.94 ? 104 HOH B O     1 
HETATM 446 O O     . HOH D 2 .  ? 1.101   -1.654  -6.435  1.00 27.78 ? 105 HOH B O     1 
HETATM 447 O O     . HOH D 2 .  ? -0.432  0.024   6.566   1.00 36.67 ? 106 HOH B O     1 
HETATM 448 O O     . HOH D 2 .  ? 3.775   -1.473  -1.103  1.00 31.60 ? 107 HOH B O     1 
HETATM 449 O O     . HOH D 2 .  ? 4.749   -4.065  -4.286  1.00 55.15 ? 108 HOH B O     1 
HETATM 450 O O     . HOH D 2 .  ? 3.961   4.326   5.474   1.00 40.77 ? 109 HOH B O     1 
HETATM 451 O O     . HOH D 2 .  ? 1.722   2.260   5.781   1.00 36.91 ? 110 HOH B O     1 
HETATM 452 O O     . HOH D 2 .  ? -0.244  3.042   8.915   1.00 48.66 ? 111 HOH B O     1 
HETATM 453 O O     . HOH D 2 .  ? 0.587   5.497   8.683   1.00 54.30 ? 112 HOH B O     1 
HETATM 454 O O     . HOH D 2 .  ? -4.410  -6.957  -5.641  1.00 46.35 ? 113 HOH B O     1 
HETATM 455 O O     . HOH D 2 .  ? 6.268   -1.353  -0.952  1.00 31.74 ? 114 HOH B O     1 
HETATM 456 O O     . HOH D 2 .  ? -0.640  -0.103  -12.893 1.00 43.90 ? 115 HOH B O     1 
HETATM 457 O O     . HOH D 2 .  ? 0.297   2.177   -10.944 1.00 31.66 ? 116 HOH B O     1 
HETATM 458 O O     . HOH D 2 .  ? 5.596   7.924   4.428   1.00 47.93 ? 117 HOH B O     1 
HETATM 459 O O     . HOH D 2 .  ? 1.022   0.115   2.997   1.00 39.93 ? 118 HOH B O     1 
HETATM 460 O O     . HOH D 2 .  ? 2.180   2.843   -8.691  1.00 33.95 ? 119 HOH B O     1 
HETATM 461 O O     . HOH D 2 .  ? 6.444   2.336   1.171   1.00 38.05 ? 120 HOH B O     1 
# 
loop_
_atom_site_anisotrop.id 
_atom_site_anisotrop.type_symbol 
_atom_site_anisotrop.pdbx_label_atom_id 
_atom_site_anisotrop.pdbx_label_alt_id 
_atom_site_anisotrop.pdbx_label_comp_id 
_atom_site_anisotrop.pdbx_label_asym_id 
_atom_site_anisotrop.pdbx_label_seq_id 
_atom_site_anisotrop.pdbx_PDB_ins_code 
_atom_site_anisotrop.U[1][1] 
_atom_site_anisotrop.U[2][2] 
_atom_site_anisotrop.U[3][3] 
_atom_site_anisotrop.U[1][2] 
_atom_site_anisotrop.U[1][3] 
_atom_site_anisotrop.U[2][3] 
_atom_site_anisotrop.pdbx_auth_seq_id 
_atom_site_anisotrop.pdbx_auth_comp_id 
_atom_site_anisotrop.pdbx_auth_asym_id 
_atom_site_anisotrop.pdbx_auth_atom_id 
1   O "O5'" . DG  A 1  ? 0.3342 0.3613 0.5043 0.0540  -0.0683 -0.0649 1   DG  A "O5'" 
2   C "C5'" . DG  A 1  ? 0.3166 0.2996 0.3650 0.0314  -0.0905 -0.0203 1   DG  A "C5'" 
3   C "C4'" . DG  A 1  ? 0.2351 0.3073 0.2856 0.0032  -0.0478 0.0051  1   DG  A "C4'" 
4   O "O4'" . DG  A 1  ? 0.3431 0.3436 0.3256 -0.0246 -0.0104 -0.0024 1   DG  A "O4'" 
5   C "C3'" . DG  A 1  ? 0.2398 0.2553 0.2836 0.0300  -0.0199 0.0208  1   DG  A "C3'" 
6   O "O3'" . DG  A 1  ? 0.3533 0.3453 0.3173 -0.0104 -0.0076 0.0155  1   DG  A "O3'" 
7   C "C2'" . DG  A 1  ? 0.2818 0.2972 0.2272 0.0134  -0.0369 0.0580  1   DG  A "C2'" 
8   C "C1'" . DG  A 1  ? 0.3005 0.2996 0.2340 0.0068  -0.0168 -0.0058 1   DG  A "C1'" 
9   N N9    . DG  A 1  ? 0.2494 0.2639 0.2672 0.0015  -0.0149 0.0001  1   DG  A N9    
10  C C8    . DG  A 1  ? 0.3345 0.2796 0.2533 0.0019  -0.0209 0.0064  1   DG  A C8    
11  N N7    . DG  A 1  ? 0.2965 0.2887 0.2728 0.0370  -0.0399 0.0143  1   DG  A N7    
12  C C5    . DG  A 1  ? 0.2521 0.2764 0.2524 0.0309  0.0095  0.0113  1   DG  A C5    
13  C C6    . DG  A 1  ? 0.2498 0.2317 0.2643 -0.0032 0.0050  0.0136  1   DG  A C6    
14  O O6    . DG  A 1  ? 0.3213 0.2887 0.2908 -0.0139 0.0033  -0.0084 1   DG  A O6    
15  N N1    . DG  A 1  ? 0.2426 0.2278 0.2482 -0.0068 0.0283  0.0239  1   DG  A N1    
16  C C2    . DG  A 1  ? 0.2547 0.2570 0.2519 -0.0095 -0.0079 0.0147  1   DG  A C2    
17  N N2    . DG  A 1  ? 0.2185 0.2996 0.3312 0.0029  0.0262  0.0358  1   DG  A N2    
18  N N3    . DG  A 1  ? 0.2401 0.2489 0.2593 -0.0139 -0.0127 0.0234  1   DG  A N3    
19  C C4    . DG  A 1  ? 0.2458 0.2568 0.2457 -0.0036 -0.0057 0.0173  1   DG  A C4    
20  P P     . DC  A 2  ? 0.3707 0.3669 0.3086 -0.0224 -0.0353 0.0099  2   DC  A P     
21  O OP1   . DC  A 2  ? 0.4852 0.3894 0.2926 -0.0495 -0.0187 0.0448  2   DC  A OP1   
22  O OP2   . DC  A 2  ? 0.3484 0.3649 0.3570 0.0053  -0.0122 0.0398  2   DC  A OP2   
23  O "O5'" . DC  A 2  ? 0.3540 0.3384 0.3191 0.0209  -0.0049 0.0145  2   DC  A "O5'" 
24  C "C5'" . DC  A 2  ? 0.3459 0.3543 0.3690 0.0005  -0.0169 0.0409  2   DC  A "C5'" 
25  C "C4'" . DC  A 2  ? 0.3362 0.3304 0.3033 -0.0758 -0.0105 -0.0210 2   DC  A "C4'" 
26  O "O4'" . DC  A 2  ? 0.2959 0.3832 0.3040 -0.1371 -0.0179 -0.0158 2   DC  A "O4'" 
27  C "C3'" . DC  A 2  ? 0.2996 0.3687 0.3004 -0.0448 -0.0081 0.0184  2   DC  A "C3'" 
28  O "O3'" . DC  A 2  ? 0.3434 0.4258 0.3084 -0.0787 -0.0064 0.0134  2   DC  A "O3'" 
29  C "C2'" . DC  A 2  ? 0.2863 0.2679 0.2593 -0.0643 -0.0181 -0.0199 2   DC  A "C2'" 
30  C "C1'" . DC  A 2  ? 0.2662 0.3095 0.2875 -0.0820 -0.0065 -0.0153 2   DC  A "C1'" 
31  N N1    . DC  A 2  ? 0.2267 0.3028 0.2902 -0.0476 -0.0248 -0.0065 2   DC  A N1    
32  C C2    . DC  A 2  ? 0.2398 0.2800 0.2906 -0.0524 0.0117  0.0246  2   DC  A C2    
33  O O2    . DC  A 2  ? 0.2523 0.2885 0.3097 -0.0366 -0.0389 0.0610  2   DC  A O2    
34  N N3    . DC  A 2  ? 0.2341 0.2752 0.2534 -0.0232 0.0007  0.0464  2   DC  A N3    
35  C C4    . DC  A 2  ? 0.2562 0.2901 0.2716 -0.0368 -0.0170 0.0287  2   DC  A C4    
36  N N4    . DC  A 2  ? 0.2768 0.3510 0.2919 -0.0037 -0.0136 0.0011  2   DC  A N4    
37  C C5    . DC  A 2  ? 0.2819 0.3199 0.2527 -0.0471 -0.0230 0.0141  2   DC  A C5    
38  C C6    . DC  A 2  ? 0.2793 0.2683 0.2305 -0.0253 -0.0043 0.0725  2   DC  A C6    
39  P P     . DG  A 3  ? 0.3582 0.3935 0.3198 -0.0711 0.0389  0.0308  3   DG  A P     
40  O OP1   . DG  A 3  ? 0.3739 0.4462 0.3236 -0.0545 0.0184  0.0223  3   DG  A OP1   
41  O OP2   . DG  A 3  ? 0.3243 0.4151 0.3116 -0.0377 0.0020  0.0611  3   DG  A OP2   
42  O "O5'" . DG  A 3  ? 0.3303 0.3761 0.3165 -0.0468 0.0143  0.0148  3   DG  A "O5'" 
43  C "C5'" . DG  A 3  ? 0.2744 0.3388 0.3298 -0.0638 -0.0462 -0.0023 3   DG  A "C5'" 
44  C "C4'" . DG  A 3  ? 0.2543 0.2726 0.2868 -0.0488 -0.0022 -0.0138 3   DG  A "C4'" 
45  O "O4'" . DG  A 3  ? 0.2616 0.2391 0.2915 -0.0728 -0.0076 -0.0267 3   DG  A "O4'" 
46  C "C3'" . DG  A 3  ? 0.2941 0.2674 0.2762 -0.0377 0.0180  -0.0308 3   DG  A "C3'" 
47  O "O3'" . DG  A 3  ? 0.3061 0.2684 0.3110 -0.0223 0.0398  0.0083  3   DG  A "O3'" 
48  C "C2'" . DG  A 3  ? 0.2799 0.2402 0.2374 -0.0205 0.0415  -0.0091 3   DG  A "C2'" 
49  C "C1'" . DG  A 3  ? 0.2358 0.2438 0.2503 -0.0450 -0.0117 -0.0362 3   DG  A "C1'" 
50  N N9    . DG  A 3  ? 0.2385 0.2569 0.2401 -0.0179 0.0023  0.0085  3   DG  A N9    
51  C C8    . DG  A 3  ? 0.2403 0.2498 0.2527 -0.0224 0.0241  0.0290  3   DG  A C8    
52  N N7    . DG  A 3  ? 0.2646 0.2400 0.2377 -0.0216 0.0021  -0.0042 3   DG  A N7    
53  C C5    . DG  A 3  ? 0.2410 0.2193 0.2082 -0.0082 0.0080  0.0001  3   DG  A C5    
54  C C6    . DG  A 3  ? 0.2274 0.2236 0.2334 -0.0175 -0.0052 0.0128  3   DG  A C6    
55  O O6    . DG  A 3  ? 0.2346 0.2484 0.2522 -0.0095 0.0048  -0.0118 3   DG  A O6    
56  N N1    . DG  A 3  ? 0.2075 0.2190 0.2334 -0.0193 -0.0068 -0.0133 3   DG  A N1    
57  C C2    . DG  A 3  ? 0.2380 0.2133 0.1922 -0.0131 -0.0102 0.0226  3   DG  A C2    
58  N N2    . DG  A 3  ? 0.2262 0.2508 0.2003 -0.0433 -0.0277 0.0313  3   DG  A N2    
59  N N3    . DG  A 3  ? 0.2174 0.2291 0.2132 -0.0354 -0.0048 0.0404  3   DG  A N3    
60  C C4    . DG  A 3  ? 0.1882 0.2305 0.2055 -0.0272 0.0166  0.0144  3   DG  A C4    
61  P P     . DT  A 4  ? 0.2718 0.2697 0.2721 -0.0168 0.0196  -0.0125 4   DT  A P     
62  O OP1   . DT  A 4  ? 0.2905 0.3017 0.3333 -0.0134 0.0739  -0.0085 4   DT  A OP1   
63  O OP2   . DT  A 4  ? 0.3049 0.2787 0.2634 -0.0304 -0.0167 -0.0212 4   DT  A OP2   
64  O "O5'" . DT  A 4  ? 0.2679 0.2404 0.2581 -0.0103 0.0063  -0.0125 4   DT  A "O5'" 
65  C "C5'" . DT  A 4  ? 0.2419 0.2663 0.2678 -0.0220 -0.0178 -0.0066 4   DT  A "C5'" 
66  C "C4'" . DT  A 4  ? 0.2394 0.2261 0.2502 0.0159  0.0228  0.0054  4   DT  A "C4'" 
67  O "O4'" . DT  A 4  ? 0.2698 0.2308 0.2641 0.0053  0.0223  0.0137  4   DT  A "O4'" 
68  C "C3'" . DT  A 4  ? 0.2256 0.2001 0.2845 0.0170  0.0233  -0.0095 4   DT  A "C3'" 
69  O "O3'" . DT  A 4  ? 0.2572 0.2756 0.2902 0.0035  0.0301  0.0022  4   DT  A "O3'" 
70  C "C2'" . DT  A 4  ? 0.2256 0.2520 0.2611 -0.0259 0.0120  0.0048  4   DT  A "C2'" 
71  C "C1'" . DT  A 4  ? 0.2090 0.2150 0.2710 0.0111  -0.0107 0.0082  4   DT  A "C1'" 
72  N N1    . DT  A 4  ? 0.1756 0.1900 0.2447 -0.0023 -0.0085 0.0152  4   DT  A N1    
73  C C2    . DT  A 4  ? 0.2101 0.2103 0.1577 -0.0006 -0.0187 -0.0123 4   DT  A C2    
74  O O2    . DT  A 4  ? 0.2356 0.2176 0.2587 -0.0028 -0.0131 -0.0309 4   DT  A O2    
75  N N3    . DT  A 4  ? 0.2067 0.2299 0.2110 -0.0150 -0.0067 0.0209  4   DT  A N3    
76  C C4    . DT  A 4  ? 0.2346 0.2726 0.2099 -0.0066 0.0032  0.0290  4   DT  A C4    
77  O O4    . DT  A 4  ? 0.2608 0.1989 0.2533 0.0065  0.0026  -0.0096 4   DT  A O4    
78  C C5    . DT  A 4  ? 0.2251 0.2261 0.2226 -0.0419 -0.0204 0.0030  4   DT  A C5    
79  C C7    . DT  A 4  ? 0.1841 0.2371 0.2389 -0.0494 -0.0288 -0.0312 4   DT  A C7    
80  C C6    . DT  A 4  ? 0.2478 0.2243 0.1968 0.0018  -0.0193 0.0190  4   DT  A C6    
81  P P     . DA  A 5  ? 0.3009 0.2905 0.2836 -0.0181 0.0209  -0.0212 5   DA  A P     
82  O OP1   . DA  A 5  ? 0.3157 0.3255 0.3491 0.0075  0.0668  -0.0069 5   DA  A OP1   
83  O OP2   . DA  A 5  ? 0.2870 0.3437 0.2732 -0.0427 0.0176  0.0006  5   DA  A OP2   
84  O "O5'" . DA  A 5  ? 0.2920 0.2962 0.2760 0.0033  0.0328  0.0179  5   DA  A "O5'" 
85  C "C5'" . DA  A 5  ? 0.2266 0.2345 0.2670 -0.0248 0.0055  0.0319  5   DA  A "C5'" 
86  C "C4'" . DA  A 5  ? 0.2294 0.2600 0.2397 -0.0274 0.0320  0.0617  5   DA  A "C4'" 
87  O "O4'" . DA  A 5  ? 0.2429 0.2664 0.2798 0.0028  0.0264  0.0305  5   DA  A "O4'" 
88  C "C3'" . DA  A 5  ? 0.1932 0.3043 0.3458 -0.0108 0.0312  0.0569  5   DA  A "C3'" 
89  O "O3'" . DA  A 5  ? 0.2373 0.3701 0.3333 0.0010  0.0113  0.1024  5   DA  A "O3'" 
90  C "C2'" . DA  A 5  ? 0.2357 0.3001 0.2529 -0.0349 0.0199  0.0720  5   DA  A "C2'" 
91  C "C1'" . DA  A 5  ? 0.2417 0.2630 0.2489 -0.0187 -0.0144 0.0669  5   DA  A "C1'" 
92  N N9    . DA  A 5  ? 0.2214 0.2585 0.2510 -0.0407 0.0196  0.0149  5   DA  A N9    
93  C C8    . DA  A 5  ? 0.2806 0.2689 0.2095 0.0143  0.0065  0.0350  5   DA  A C8    
94  N N7    . DA  A 5  ? 0.2831 0.2364 0.2452 0.0341  0.0289  0.0078  5   DA  A N7    
95  C C5    . DA  A 5  ? 0.2485 0.2440 0.2150 -0.0170 -0.0097 0.0320  5   DA  A C5    
96  C C6    . DA  A 5  ? 0.2204 0.2450 0.2489 -0.0102 -0.0051 0.0187  5   DA  A C6    
97  N N6    . DA  A 5  ? 0.2551 0.2428 0.2421 -0.0261 -0.0533 0.0049  5   DA  A N6    
98  N N1    . DA  A 5  ? 0.2364 0.2645 0.2836 0.0065  -0.0140 0.0317  5   DA  A N1    
99  C C2    . DA  A 5  ? 0.2617 0.2652 0.2730 0.0018  -0.0001 0.0447  5   DA  A C2    
100 N N3    . DA  A 5  ? 0.2556 0.2318 0.2829 -0.0016 -0.0095 -0.0020 5   DA  A N3    
101 C C4    . DA  A 5  ? 0.2686 0.2414 0.2617 0.0026  0.0043  0.0239  5   DA  A C4    
102 P P     . 1TL A 6  ? 0.3141 0.3785 0.3870 0.0248  0.0678  0.0640  6   1TL A P     
103 N N1    . 1TL A 6  ? 0.3285 0.3248 0.3142 0.0411  0.0117  0.0462  6   1TL A N1    
104 C C2    . 1TL A 6  ? 0.2848 0.3124 0.2632 0.0098  -0.0110 0.0377  6   1TL A C2    
105 O O2    . 1TL A 6  ? 0.3075 0.2996 0.2933 0.0463  -0.0023 0.0444  6   1TL A O2    
106 N N3    . 1TL A 6  ? 0.2703 0.2910 0.2605 0.0382  -0.0355 0.0563  6   1TL A N3    
107 C C4    . 1TL A 6  ? 0.2889 0.3159 0.2799 0.0165  -0.0194 0.0246  6   1TL A C4    
108 O O4    . 1TL A 6  ? 0.2553 0.2768 0.2801 0.0397  0.0055  0.0442  6   1TL A O4    
109 C C5    . 1TL A 6  ? 0.2919 0.2919 0.2888 0.0557  -0.0233 0.0300  6   1TL A C5    
110 C C6    . 1TL A 6  ? 0.3043 0.3498 0.2564 -0.0009 0.0253  0.0548  6   1TL A C6    
111 C "C1'" . 1TL A 6  ? 0.2858 0.3561 0.3178 0.0352  -0.0156 0.0578  6   1TL A "C1'" 
112 C "C2'" . 1TL A 6  ? 0.3449 0.3786 0.3697 0.0179  0.0134  0.0555  6   1TL A "C2'" 
113 O O2A   . 1TL A 6  ? 0.3242 0.3795 0.4135 0.0539  -0.0134 0.0660  6   1TL A O2A   
114 C "C3'" . 1TL A 6  ? 0.3028 0.3896 0.3556 0.0196  0.0289  0.0561  6   1TL A "C3'" 
115 O "O3'" . 1TL A 6  ? 0.2886 0.4658 0.4063 -0.0239 -0.0272 0.0221  6   1TL A "O3'" 
116 C "C4'" . 1TL A 6  ? 0.3552 0.3664 0.3976 0.0217  0.0222  0.0410  6   1TL A "C4'" 
117 O "O4'" . 1TL A 6  ? 0.2851 0.3264 0.3576 0.0362  0.0329  0.0274  6   1TL A "O4'" 
118 C "C5'" . 1TL A 6  ? 0.3489 0.3658 0.3843 0.0295  0.0157  0.0388  6   1TL A "C5'" 
119 O "O5'" . 1TL A 6  ? 0.2497 0.3320 0.4099 0.0487  0.0122  0.0557  6   1TL A "O5'" 
120 C "C6'" . 1TL A 6  ? 0.3257 0.3546 0.4083 0.0243  0.0175  0.0343  6   1TL A "C6'" 
121 C "C7'" . 1TL A 6  ? 0.2433 0.3657 0.4562 0.0269  -0.0109 0.0091  6   1TL A "C7'" 
122 O OP1   . 1TL A 6  ? 0.3323 0.4036 0.4819 0.0462  0.0631  0.0794  6   1TL A OP1   
123 O OP2   . 1TL A 6  ? 0.3726 0.3873 0.3378 0.0353  0.0726  0.0406  6   1TL A OP2   
124 P P     . DA  A 7  ? 0.2942 0.3331 0.3438 -0.0082 0.0331  0.0320  7   DA  A P     
125 O OP1   . DA  A 7  ? 0.3030 0.3485 0.3771 0.0029  0.0684  0.0315  7   DA  A OP1   
126 O OP2   . DA  A 7  ? 0.4260 0.3214 0.4088 0.0176  0.0597  0.0095  7   DA  A OP2   
127 O "O5'" . DA  A 7  ? 0.3052 0.2899 0.4242 -0.0241 0.0353  0.0113  7   DA  A "O5'" 
128 C "C5'" . DA  A 7  ? 0.3345 0.2924 0.3698 0.0156  0.0278  0.0458  7   DA  A "C5'" 
129 C "C4'" . DA  A 7  ? 0.3428 0.2958 0.3388 0.0014  0.0239  0.0444  7   DA  A "C4'" 
130 O "O4'" . DA  A 7  ? 0.3281 0.2842 0.3621 -0.0179 -0.0238 0.0338  7   DA  A "O4'" 
131 C "C3'" . DA  A 7  ? 0.3222 0.2978 0.3313 -0.0379 0.0169  0.0458  7   DA  A "C3'" 
132 O "O3'" . DA  A 7  ? 0.3807 0.3464 0.3550 -0.0524 0.0351  0.0555  7   DA  A "O3'" 
133 C "C2'" . DA  A 7  ? 0.3435 0.2520 0.2767 -0.0126 0.0324  0.0105  7   DA  A "C2'" 
134 C "C1'" . DA  A 7  ? 0.2985 0.2460 0.2835 -0.0247 -0.0223 -0.0282 7   DA  A "C1'" 
135 N N9    . DA  A 7  ? 0.2870 0.2106 0.2609 0.0089  -0.0159 0.0202  7   DA  A N9    
136 C C8    . DA  A 7  ? 0.2820 0.2477 0.2451 -0.0214 0.0228  -0.0038 7   DA  A C8    
137 N N7    . DA  A 7  ? 0.2639 0.2671 0.2747 0.0088  0.0039  0.0246  7   DA  A N7    
138 C C5    . DA  A 7  ? 0.2787 0.2466 0.2420 0.0225  -0.0034 0.0286  7   DA  A C5    
139 C C6    . DA  A 7  ? 0.2662 0.2484 0.2360 -0.0031 0.0083  0.0027  7   DA  A C6    
140 N N6    . DA  A 7  ? 0.3042 0.2537 0.2688 0.0005  -0.0252 0.0249  7   DA  A N6    
141 N N1    . DA  A 7  ? 0.3111 0.2523 0.2635 0.0161  0.0011  0.0511  7   DA  A N1    
142 C C2    . DA  A 7  ? 0.2826 0.2527 0.2262 -0.0160 -0.0274 -0.0209 7   DA  A C2    
143 N N3    . DA  A 7  ? 0.2594 0.2236 0.2359 -0.0011 -0.0270 0.0133  7   DA  A N3    
144 C C4    . DA  A 7  ? 0.2251 0.2078 0.2568 -0.0031 -0.0139 -0.0222 7   DA  A C4    
145 P P     . DC  A 8  ? 0.4250 0.3239 0.3724 -0.0282 0.0157  0.0686  8   DC  A P     
146 O OP1   . DC  A 8  ? 0.4765 0.3164 0.4572 -0.0250 0.0386  0.1258  8   DC  A OP1   
147 O OP2   . DC  A 8  ? 0.4385 0.3999 0.4070 0.0217  0.0796  0.0433  8   DC  A OP2   
148 O "O5'" . DC  A 8  ? 0.3737 0.3277 0.3147 -0.0079 -0.0308 0.0474  8   DC  A "O5'" 
149 C "C5'" . DC  A 8  ? 0.3639 0.3000 0.3617 -0.0296 0.0037  0.0091  8   DC  A "C5'" 
150 C "C4'" . DC  A 8  ? 0.3569 0.2766 0.2398 -0.0273 0.0024  0.0007  8   DC  A "C4'" 
151 O "O4'" . DC  A 8  ? 0.3320 0.2912 0.2881 -0.0039 -0.0252 -0.0146 8   DC  A "O4'" 
152 C "C3'" . DC  A 8  ? 0.3600 0.2793 0.3038 -0.0310 -0.0016 -0.0021 8   DC  A "C3'" 
153 O "O3'" . DC  A 8  ? 0.4088 0.3281 0.2494 -0.0617 -0.0375 -0.0069 8   DC  A "O3'" 
154 C "C2'" . DC  A 8  ? 0.2941 0.3157 0.2418 -0.0423 -0.0138 -0.0061 8   DC  A "C2'" 
155 C "C1'" . DC  A 8  ? 0.3272 0.2700 0.2945 -0.0107 -0.0184 -0.0129 8   DC  A "C1'" 
156 N N1    . DC  A 8  ? 0.2777 0.2607 0.2708 0.0032  -0.0204 -0.0053 8   DC  A N1    
157 C C2    . DC  A 8  ? 0.2716 0.2439 0.2660 0.0040  0.0207  0.0055  8   DC  A C2    
158 O O2    . DC  A 8  ? 0.2570 0.2607 0.2764 0.0032  0.0177  0.0104  8   DC  A O2    
159 N N3    . DC  A 8  ? 0.3237 0.2608 0.2386 0.0052  0.0029  -0.0023 8   DC  A N3    
160 C C4    . DC  A 8  ? 0.2891 0.2547 0.2883 -0.0469 -0.0057 -0.0360 8   DC  A C4    
161 N N4    . DC  A 8  ? 0.3380 0.2754 0.3050 -0.0068 0.0237  -0.0157 8   DC  A N4    
162 C C5    . DC  A 8  ? 0.3227 0.2474 0.2733 -0.0614 -0.0058 -0.0111 8   DC  A C5    
163 C C6    . DC  A 8  ? 0.2952 0.2553 0.2959 -0.0294 -0.0186 -0.0370 8   DC  A C6    
164 P P     . DG  A 9  ? 0.4280 0.3814 0.2981 -0.0562 -0.0796 0.0255  9   DG  A P     
165 O OP1   . DG  A 9  ? 0.5095 0.3462 0.3488 -0.0715 -0.0742 0.0615  9   DG  A OP1   
166 O OP2   . DG  A 9  ? 0.4497 0.4655 0.3651 -0.0824 -0.0363 -0.0025 9   DG  A OP2   
167 O "O5'" . DG  A 9  ? 0.3081 0.3196 0.2906 -0.0696 -0.0308 0.0069  9   DG  A "O5'" 
168 C "C5'" . DG  A 9  ? 0.3378 0.2602 0.2700 -0.0380 -0.0097 0.0329  9   DG  A "C5'" 
169 C "C4'" . DG  A 9  ? 0.3152 0.2807 0.3073 -0.0212 -0.0325 0.0179  9   DG  A "C4'" 
170 O "O4'" . DG  A 9  ? 0.3505 0.2658 0.2767 0.0131  -0.0040 -0.0028 9   DG  A "O4'" 
171 C "C3'" . DG  A 9  ? 0.3428 0.3176 0.3079 -0.0107 -0.0337 0.0508  9   DG  A "C3'" 
172 O "O3'" . DG  A 9  ? 0.3496 0.2467 0.2532 0.0030  -0.0520 0.0081  9   DG  A "O3'" 
173 C "C2'" . DG  A 9  ? 0.3132 0.2992 0.2663 -0.0087 -0.0026 -0.0007 9   DG  A "C2'" 
174 C "C1'" . DG  A 9  ? 0.3023 0.2691 0.2912 0.0212  -0.0164 -0.0050 9   DG  A "C1'" 
175 N N9    . DG  A 9  ? 0.2893 0.2891 0.2394 0.0155  -0.0206 0.0277  9   DG  A N9    
176 C C8    . DG  A 9  ? 0.2722 0.2576 0.2368 0.0195  -0.0094 0.0004  9   DG  A C8    
177 N N7    . DG  A 9  ? 0.2653 0.2349 0.2330 0.0106  -0.0108 0.0086  9   DG  A N7    
178 C C5    . DG  A 9  ? 0.2435 0.2573 0.2478 0.0025  -0.0408 0.0185  9   DG  A C5    
179 C C6    . DG  A 9  ? 0.2179 0.2465 0.2510 0.0207  0.0267  0.0202  9   DG  A C6    
180 O O6    . DG  A 9  ? 0.2822 0.2756 0.2728 0.0445  -0.0290 0.0329  9   DG  A O6    
181 N N1    . DG  A 9  ? 0.2271 0.2646 0.2344 0.0048  -0.0461 0.0295  9   DG  A N1    
182 C C2    . DG  A 9  ? 0.2737 0.2410 0.2686 0.0177  -0.0010 0.0326  9   DG  A C2    
183 N N2    . DG  A 9  ? 0.3044 0.2938 0.2323 -0.0476 -0.0207 0.0582  9   DG  A N2    
184 N N3    . DG  A 9  ? 0.2920 0.2998 0.2523 0.0174  -0.0565 0.0173  9   DG  A N3    
185 C C4    . DG  A 9  ? 0.2777 0.2756 0.2444 0.0121  -0.0022 0.0180  9   DG  A C4    
186 P P     . DC  A 10 ? 0.3501 0.2722 0.2934 -0.0035 -0.0273 0.0124  10  DC  A P     
187 O OP1   . DC  A 10 ? 0.4747 0.3007 0.3716 0.0200  -0.0733 0.0237  10  DC  A OP1   
188 O OP2   . DC  A 10 ? 0.3355 0.2339 0.3411 -0.0339 -0.0068 -0.0249 10  DC  A OP2   
189 O "O5'" . DC  A 10 ? 0.2901 0.3054 0.3834 -0.0330 -0.0065 -0.0152 10  DC  A "O5'" 
190 C "C5'" . DC  A 10 ? 0.2430 0.3044 0.3636 -0.0558 -0.0331 0.0082  10  DC  A "C5'" 
191 C "C4'" . DC  A 10 ? 0.2909 0.2847 0.2790 0.0212  -0.0474 0.0520  10  DC  A "C4'" 
192 O "O4'" . DC  A 10 ? 0.2698 0.2228 0.2495 0.0097  -0.0349 0.0269  10  DC  A "O4'" 
193 C "C3'" . DC  A 10 ? 0.2877 0.2263 0.2982 -0.0032 -0.0364 0.0103  10  DC  A "C3'" 
194 O "O3'" . DC  A 10 ? 0.2755 0.2788 0.3026 0.0344  -0.0159 0.0418  10  DC  A "O3'" 
195 C "C2'" . DC  A 10 ? 0.2217 0.2254 0.2896 -0.0057 -0.0428 0.0273  10  DC  A "C2'" 
196 C "C1'" . DC  A 10 ? 0.2623 0.2436 0.2548 0.0147  -0.0038 -0.0123 10  DC  A "C1'" 
197 N N1    . DC  A 10 ? 0.2284 0.2605 0.2609 -0.0111 0.0096  -0.0036 10  DC  A N1    
198 C C2    . DC  A 10 ? 0.2299 0.2553 0.2269 -0.0156 -0.0035 0.0246  10  DC  A C2    
199 O O2    . DC  A 10 ? 0.2466 0.2232 0.2297 0.0021  -0.0166 0.0256  10  DC  A O2    
200 N N3    . DC  A 10 ? 0.1898 0.2467 0.2427 -0.0145 -0.0169 0.0118  10  DC  A N3    
201 C C4    . DC  A 10 ? 0.2192 0.2110 0.2347 -0.0057 -0.0182 0.0088  10  DC  A C4    
202 N N4    . DC  A 10 ? 0.2605 0.3014 0.2494 0.0222  -0.0081 -0.0230 10  DC  A N4    
203 C C5    . DC  A 10 ? 0.1983 0.2430 0.2366 -0.0072 0.0117  0.0257  10  DC  A C5    
204 C C6    . DC  A 10 ? 0.2356 0.2322 0.2144 -0.0021 -0.0128 0.0096  10  DC  A C6    
205 O "O5'" . DG  B 1  ? 0.4650 0.4777 0.5949 0.0169  -0.0384 -0.0025 11  DG  B "O5'" 
206 C "C5'" . DG  B 1  ? 0.3803 0.3816 0.5603 0.0349  -0.0211 0.0467  11  DG  B "C5'" 
207 C "C4'" . DG  B 1  ? 0.3790 0.3552 0.4667 0.0142  -0.0229 0.0470  11  DG  B "C4'" 
208 O "O4'" . DG  B 1  ? 0.3901 0.3309 0.4353 0.0395  -0.0486 -0.0012 11  DG  B "O4'" 
209 C "C3'" . DG  B 1  ? 0.2897 0.3368 0.3758 0.0163  -0.0311 0.0765  11  DG  B "C3'" 
210 O "O3'" . DG  B 1  ? 0.3659 0.3254 0.5007 0.0507  -0.0302 0.0833  11  DG  B "O3'" 
211 C "C2'" . DG  B 1  ? 0.3020 0.3003 0.3850 0.0044  -0.0420 0.0317  11  DG  B "C2'" 
212 C "C1'" . DG  B 1  ? 0.3491 0.3092 0.4063 0.0198  -0.0243 0.0080  11  DG  B "C1'" 
213 N N9    . DG  B 1  ? 0.2790 0.2519 0.3945 0.0173  -0.0138 0.0469  11  DG  B N9    
214 C C8    . DG  B 1  ? 0.2961 0.2971 0.4184 0.0282  -0.0086 0.0125  11  DG  B C8    
215 N N7    . DG  B 1  ? 0.3052 0.3030 0.4005 0.0243  0.0359  0.0112  11  DG  B N7    
216 C C5    . DG  B 1  ? 0.2981 0.2777 0.3771 0.0098  0.0015  0.0094  11  DG  B C5    
217 C C6    . DG  B 1  ? 0.2719 0.2624 0.2826 0.0152  -0.0011 0.0108  11  DG  B C6    
218 O O6    . DG  B 1  ? 0.2496 0.2767 0.2808 0.0119  -0.0122 0.0349  11  DG  B O6    
219 N N1    . DG  B 1  ? 0.2512 0.2552 0.2578 -0.0104 -0.0133 0.0372  11  DG  B N1    
220 C C2    . DG  B 1  ? 0.2528 0.2541 0.3060 0.0024  0.0080  0.0007  11  DG  B C2    
221 N N2    . DG  B 1  ? 0.2784 0.2839 0.2541 0.0214  -0.0125 0.0281  11  DG  B N2    
222 N N3    . DG  B 1  ? 0.2784 0.2628 0.3492 0.0132  0.0132  0.0337  11  DG  B N3    
223 C C4    . DG  B 1  ? 0.2787 0.2433 0.3394 0.0145  0.0066  -0.0053 11  DG  B C4    
224 P P     . DC  B 2  ? 0.3767 0.3259 0.5123 -0.0224 -0.0037 0.1281  12  DC  B P     
225 O OP1   . DC  B 2  ? 0.4386 0.3879 0.5074 -0.0423 -0.0184 0.1552  12  DC  B OP1   
226 O OP2   . DC  B 2  ? 0.3516 0.3966 0.5814 0.0291  -0.0865 0.1621  12  DC  B OP2   
227 O "O5'" . DC  B 2  ? 0.3224 0.3417 0.4659 0.0194  -0.0598 0.0865  12  DC  B "O5'" 
228 C "C5'" . DC  B 2  ? 0.3387 0.2858 0.4273 0.0142  -0.0120 0.1095  12  DC  B "C5'" 
229 C "C4'" . DC  B 2  ? 0.3238 0.3313 0.3933 0.0465  -0.0238 0.0512  12  DC  B "C4'" 
230 O "O4'" . DC  B 2  ? 0.3416 0.2899 0.4020 -0.0052 -0.0228 0.0275  12  DC  B "O4'" 
231 C "C3'" . DC  B 2  ? 0.3475 0.3366 0.3960 0.0266  0.0105  0.0731  12  DC  B "C3'" 
232 O "O3'" . DC  B 2  ? 0.3625 0.4176 0.4492 -0.0009 0.0069  0.0779  12  DC  B "O3'" 
233 C "C2'" . DC  B 2  ? 0.2621 0.3520 0.3354 0.0221  -0.0175 0.0810  12  DC  B "C2'" 
234 C "C1'" . DC  B 2  ? 0.3025 0.2472 0.3118 0.0246  -0.0103 0.0180  12  DC  B "C1'" 
235 N N1    . DC  B 2  ? 0.2467 0.2333 0.2474 0.0230  -0.0274 0.0473  12  DC  B N1    
236 C C2    . DC  B 2  ? 0.2132 0.2201 0.2192 -0.0070 -0.0257 -0.0099 12  DC  B C2    
237 O O2    . DC  B 2  ? 0.2774 0.2417 0.2343 0.0084  -0.0230 0.0405  12  DC  B O2    
238 N N3    . DC  B 2  ? 0.2430 0.2627 0.2503 -0.0263 -0.0115 0.0136  12  DC  B N3    
239 C C4    . DC  B 2  ? 0.2911 0.2848 0.2963 -0.0231 -0.0186 0.0007  12  DC  B C4    
240 N N4    . DC  B 2  ? 0.3310 0.2906 0.3361 -0.0141 -0.0182 0.0449  12  DC  B N4    
241 C C5    . DC  B 2  ? 0.2966 0.2655 0.2968 0.0204  -0.0297 0.0627  12  DC  B C5    
242 C C6    . DC  B 2  ? 0.2426 0.2679 0.2989 0.0343  -0.0353 0.0458  12  DC  B C6    
243 P P     . DG  B 3  ? 0.4112 0.4842 0.4058 -0.0220 0.0331  0.0606  13  DG  B P     
244 O OP1   . DG  B 3  ? 0.5163 0.4829 0.4979 -0.0132 0.0566  0.1367  13  DG  B OP1   
245 O OP2   . DG  B 3  ? 0.4615 0.5752 0.3386 -0.0314 -0.0046 0.1712  13  DG  B OP2   
246 O "O5'" . DG  B 3  ? 0.5353 0.4305 0.3802 -0.0711 0.0213  0.0567  13  DG  B "O5'" 
247 C "C5'" . DG  B 3  ? 0.4111 0.3536 0.2563 -0.0737 0.0001  0.0199  13  DG  B "C5'" 
248 C "C4'" . DG  B 3  ? 0.4009 0.3942 0.2483 -0.0524 0.0231  0.0047  13  DG  B "C4'" 
249 O "O4'" . DG  B 3  ? 0.3658 0.4021 0.2551 -0.0697 0.0073  0.0372  13  DG  B "O4'" 
250 C "C3'" . DG  B 3  ? 0.3506 0.3074 0.2793 -0.0546 0.0025  0.0125  13  DG  B "C3'" 
251 O "O3'" . DG  B 3  ? 0.3605 0.3758 0.2813 -0.0324 0.0016  -0.0013 13  DG  B "O3'" 
252 C "C2'" . DG  B 3  ? 0.3478 0.3161 0.2966 -0.0299 0.0262  0.0458  13  DG  B "C2'" 
253 C "C1'" . DG  B 3  ? 0.3642 0.3557 0.2758 -0.0294 -0.0195 0.0371  13  DG  B "C1'" 
254 N N9    . DG  B 3  ? 0.3191 0.3141 0.2572 -0.0099 -0.0139 0.0309  13  DG  B N9    
255 C C8    . DG  B 3  ? 0.3069 0.2748 0.2292 -0.0216 -0.0100 0.0102  13  DG  B C8    
256 N N7    . DG  B 3  ? 0.2923 0.2630 0.2726 -0.0472 -0.0127 0.0034  13  DG  B N7    
257 C C5    . DG  B 3  ? 0.3070 0.2613 0.2422 -0.0033 0.0029  -0.0042 13  DG  B C5    
258 C C6    . DG  B 3  ? 0.2479 0.2627 0.2411 -0.0015 -0.0216 0.0135  13  DG  B C6    
259 O O6    . DG  B 3  ? 0.2887 0.2434 0.2786 0.0005  0.0115  0.0249  13  DG  B O6    
260 N N1    . DG  B 3  ? 0.2991 0.2472 0.2395 0.0145  -0.0101 0.0312  13  DG  B N1    
261 C C2    . DG  B 3  ? 0.2695 0.2866 0.2204 -0.0171 0.0252  0.0282  13  DG  B C2    
262 N N2    . DG  B 3  ? 0.3070 0.2849 0.2453 0.0206  0.0113  -0.0007 13  DG  B N2    
263 N N3    . DG  B 3  ? 0.3009 0.2975 0.2322 -0.0307 -0.0001 0.0046  13  DG  B N3    
264 C C4    . DG  B 3  ? 0.2942 0.2860 0.1758 -0.0277 -0.0378 0.0156  13  DG  B C4    
265 P P     . DT  B 4  ? 0.3330 0.3571 0.3155 -0.0317 0.0095  0.0056  14  DT  B P     
266 O OP1   . DT  B 4  ? 0.3155 0.4639 0.3344 -0.0104 -0.0087 0.0285  14  DT  B OP1   
267 O OP2   . DT  B 4  ? 0.3623 0.3514 0.2450 -0.0514 0.0070  0.0431  14  DT  B OP2   
268 O "O5'" . DT  B 4  ? 0.3365 0.3293 0.3226 0.0038  -0.0042 0.0184  14  DT  B "O5'" 
269 C "C5'" . DT  B 4  ? 0.3398 0.3215 0.3083 0.0060  -0.0329 0.0252  14  DT  B "C5'" 
270 C "C4'" . DT  B 4  ? 0.3086 0.3189 0.2736 -0.0095 -0.0113 -0.0278 14  DT  B "C4'" 
271 O "O4'" . DT  B 4  ? 0.2610 0.3514 0.2657 -0.0054 -0.0152 0.0186  14  DT  B "O4'" 
272 C "C3'" . DT  B 4  ? 0.2762 0.2874 0.2792 -0.0271 0.0057  -0.0024 14  DT  B "C3'" 
273 O "O3'" . DT  B 4  ? 0.2755 0.3863 0.3037 0.0226  0.0032  0.0179  14  DT  B "O3'" 
274 C "C2'" . DT  B 4  ? 0.2603 0.3424 0.2523 -0.0232 -0.0235 0.0121  14  DT  B "C2'" 
275 C "C1'" . DT  B 4  ? 0.2327 0.2863 0.3153 -0.0109 0.0288  -0.0178 14  DT  B "C1'" 
276 N N1    . DT  B 4  ? 0.2405 0.2407 0.2619 0.0100  -0.0360 0.0167  14  DT  B N1    
277 C C2    . DT  B 4  ? 0.2723 0.2590 0.2762 -0.0273 0.0101  0.0289  14  DT  B C2    
278 O O2    . DT  B 4  ? 0.2670 0.2719 0.2864 -0.0239 -0.0022 -0.0053 14  DT  B O2    
279 N N3    . DT  B 4  ? 0.3002 0.2642 0.2700 0.0017  0.0096  0.0104  14  DT  B N3    
280 C C4    . DT  B 4  ? 0.3063 0.2766 0.2779 -0.0089 0.0270  0.0412  14  DT  B C4    
281 O O4    . DT  B 4  ? 0.2916 0.2861 0.2415 -0.0170 -0.0241 0.0150  14  DT  B O4    
282 C C5    . DT  B 4  ? 0.2604 0.2323 0.2481 -0.0221 -0.0478 0.0245  14  DT  B C5    
283 C C7    . DT  B 4  ? 0.3205 0.2491 0.2344 -0.0524 -0.0036 0.0406  14  DT  B C7    
284 C C6    . DT  B 4  ? 0.2713 0.2575 0.2103 -0.0314 0.0165  0.0171  14  DT  B C6    
285 P P     . DA  B 5  ? 0.3339 0.3556 0.3316 0.0056  0.0380  -0.0071 15  DA  B P     
286 O OP1   . DA  B 5  ? 0.3278 0.3424 0.4301 -0.0117 0.0510  -0.0556 15  DA  B OP1   
287 O OP2   . DA  B 5  ? 0.4218 0.3891 0.2829 0.0305  0.0613  -0.0318 15  DA  B OP2   
288 O "O5'" . DA  B 5  ? 0.3034 0.3057 0.2737 0.0355  0.0211  -0.0009 15  DA  B "O5'" 
289 C "C5'" . DA  B 5  ? 0.3166 0.2611 0.3155 0.0003  0.0207  -0.0231 15  DA  B "C5'" 
290 C "C4'" . DA  B 5  ? 0.2655 0.3252 0.2368 0.0187  -0.0011 0.0136  15  DA  B "C4'" 
291 O "O4'" . DA  B 5  ? 0.2455 0.3149 0.2902 0.0328  0.0069  0.0092  15  DA  B "O4'" 
292 C "C3'" . DA  B 5  ? 0.2809 0.3461 0.2768 0.0395  -0.0031 -0.0197 15  DA  B "C3'" 
293 O "O3'" . DA  B 5  ? 0.3372 0.3684 0.2950 0.0770  -0.0265 -0.0198 15  DA  B "O3'" 
294 C "C2'" . DA  B 5  ? 0.2979 0.2936 0.2533 0.0270  -0.0211 -0.0191 15  DA  B "C2'" 
295 C "C1'" . DA  B 5  ? 0.2602 0.2655 0.2459 0.0250  -0.0264 -0.0165 15  DA  B "C1'" 
296 N N9    . DA  B 5  ? 0.2946 0.2763 0.2400 -0.0059 -0.0008 -0.0030 15  DA  B N9    
297 C C8    . DA  B 5  ? 0.2378 0.2613 0.1869 0.0001  -0.0005 -0.0055 15  DA  B C8    
298 N N7    . DA  B 5  ? 0.2885 0.2782 0.2621 -0.0027 -0.0047 0.0093  15  DA  B N7    
299 C C5    . DA  B 5  ? 0.2480 0.2719 0.1808 0.0062  -0.0264 0.0052  15  DA  B C5    
300 C C6    . DA  B 5  ? 0.2288 0.2608 0.2079 -0.0033 -0.0367 0.0079  15  DA  B C6    
301 N N6    . DA  B 5  ? 0.3127 0.2814 0.2042 -0.0003 -0.0214 0.0555  15  DA  B N6    
302 N N1    . DA  B 5  ? 0.2509 0.2584 0.2399 0.0055  0.0024  0.0350  15  DA  B N1    
303 C C2    . DA  B 5  ? 0.2867 0.2925 0.2807 0.0173  0.0002  -0.0144 15  DA  B C2    
304 N N3    . DA  B 5  ? 0.1984 0.2582 0.3124 -0.0037 -0.0262 -0.0049 15  DA  B N3    
305 C C4    . DA  B 5  ? 0.2315 0.2880 0.2694 -0.0101 -0.0212 0.0013  15  DA  B C4    
306 P P     . 1TL B 6  ? 0.3726 0.4304 0.3099 0.0603  0.0109  -0.0335 16  1TL B P     
307 N N1    . 1TL B 6  ? 0.2810 0.2577 0.3019 0.0514  -0.0016 -0.0100 16  1TL B N1    
308 C C2    . 1TL B 6  ? 0.2738 0.2759 0.3054 0.0358  -0.0001 0.0137  16  1TL B C2    
309 O O2    . 1TL B 6  ? 0.2527 0.3145 0.3209 0.0146  -0.0220 0.0053  16  1TL B O2    
310 N N3    . 1TL B 6  ? 0.1847 0.2447 0.2345 -0.0216 -0.0159 -0.0107 16  1TL B N3    
311 C C4    . 1TL B 6  ? 0.2403 0.2715 0.3108 -0.0150 -0.0281 -0.0277 16  1TL B C4    
312 O O4    . 1TL B 6  ? 0.2972 0.3046 0.2708 -0.0195 -0.0571 -0.0272 16  1TL B O4    
313 C C5    . 1TL B 6  ? 0.2851 0.3218 0.2079 0.0059  -0.0560 -0.0049 16  1TL B C5    
314 C C6    . 1TL B 6  ? 0.2950 0.2742 0.2791 0.0367  -0.0469 0.0157  16  1TL B C6    
315 C "C1'" . 1TL B 6  ? 0.3124 0.2527 0.3001 0.0528  -0.0406 -0.0028 16  1TL B "C1'" 
316 C "C2'" . 1TL B 6  ? 0.3604 0.2483 0.3059 0.0323  -0.0061 -0.0554 16  1TL B "C2'" 
317 O O2A   . 1TL B 6  ? 0.3741 0.3008 0.3375 -0.0208 -0.0527 -0.0304 16  1TL B O2A   
318 C "C3'" . 1TL B 6  ? 0.3057 0.2763 0.2411 0.0445  -0.0424 -0.0137 16  1TL B "C3'" 
319 O "O3'" . 1TL B 6  ? 0.3588 0.2991 0.2977 0.0623  0.0147  -0.0588 16  1TL B "O3'" 
320 C "C4'" . 1TL B 6  ? 0.3443 0.2908 0.2972 0.0244  -0.0160 -0.0010 16  1TL B "C4'" 
321 O "O4'" . 1TL B 6  ? 0.3310 0.2891 0.3120 0.0668  -0.0225 0.0019  16  1TL B "O4'" 
322 C "C5'" . 1TL B 6  ? 0.3210 0.3375 0.3705 0.0424  -0.0048 -0.0524 16  1TL B "C5'" 
323 O "O5'" . 1TL B 6  ? 0.3163 0.3815 0.3346 0.0152  -0.0024 -0.0332 16  1TL B "O5'" 
324 C "C6'" . 1TL B 6  ? 0.3318 0.2757 0.2964 0.0230  0.0052  -0.0200 16  1TL B "C6'" 
325 C "C7'" . 1TL B 6  ? 0.3673 0.2857 0.3334 0.0385  -0.0487 -0.0383 16  1TL B "C7'" 
326 O OP1   . 1TL B 6  ? 0.3746 0.5299 0.3982 0.1100  -0.0262 -0.0820 16  1TL B OP1   
327 O OP2   . 1TL B 6  ? 0.3590 0.4595 0.3149 0.0175  0.0244  -0.0146 16  1TL B OP2   
328 P P     . DA  B 7  ? 0.3535 0.3466 0.3088 0.0330  -0.0035 -0.0379 17  DA  B P     
329 O OP1   . DA  B 7  ? 0.4189 0.3673 0.2639 0.0042  0.0001  -0.0542 17  DA  B OP1   
330 O OP2   . DA  B 7  ? 0.3700 0.3345 0.3008 -0.0020 -0.0216 0.0335  17  DA  B OP2   
331 O "O5'" . DA  B 7  ? 0.3111 0.3263 0.2986 -0.0009 -0.0230 -0.0714 17  DA  B "O5'" 
332 C "C5'" . DA  B 7  ? 0.3144 0.3103 0.3879 -0.0065 -0.0241 -0.0796 17  DA  B "C5'" 
333 C "C4'" . DA  B 7  ? 0.3301 0.3063 0.2815 0.0283  -0.0366 -0.0562 17  DA  B "C4'" 
334 O "O4'" . DA  B 7  ? 0.3577 0.2573 0.2863 -0.0088 -0.0377 -0.0646 17  DA  B "O4'" 
335 C "C3'" . DA  B 7  ? 0.3482 0.2996 0.2730 -0.0117 -0.0176 -0.0429 17  DA  B "C3'" 
336 O "O3'" . DA  B 7  ? 0.4503 0.3151 0.3008 0.0333  -0.0143 -0.0574 17  DA  B "O3'" 
337 C "C2'" . DA  B 7  ? 0.2953 0.2980 0.2360 -0.0079 -0.0310 -0.0191 17  DA  B "C2'" 
338 C "C1'" . DA  B 7  ? 0.2987 0.2481 0.2747 0.0113  -0.0593 -0.0544 17  DA  B "C1'" 
339 N N9    . DA  B 7  ? 0.2707 0.2298 0.2523 -0.0077 -0.0246 -0.0320 17  DA  B N9    
340 C C8    . DA  B 7  ? 0.2704 0.2450 0.2367 0.0110  -0.0042 -0.0294 17  DA  B C8    
341 N N7    . DA  B 7  ? 0.2853 0.2703 0.2445 -0.0393 0.0026  -0.0300 17  DA  B N7    
342 C C5    . DA  B 7  ? 0.2489 0.2432 0.2325 -0.0238 -0.0263 -0.0076 17  DA  B C5    
343 C C6    . DA  B 7  ? 0.2129 0.2173 0.2217 -0.0044 -0.0159 0.0092  17  DA  B C6    
344 N N6    . DA  B 7  ? 0.2275 0.1943 0.2279 -0.0147 -0.0404 0.0107  17  DA  B N6    
345 N N1    . DA  B 7  ? 0.2138 0.2323 0.1987 -0.0158 -0.0051 0.0137  17  DA  B N1    
346 C C2    . DA  B 7  ? 0.2432 0.2131 0.1999 -0.0201 0.0003  0.0036  17  DA  B C2    
347 N N3    . DA  B 7  ? 0.2518 0.2261 0.2545 -0.0191 0.0005  -0.0216 17  DA  B N3    
348 C C4    . DA  B 7  ? 0.2388 0.2358 0.2420 -0.0097 -0.0053 -0.0415 17  DA  B C4    
349 P P     . DC  B 8  ? 0.4512 0.4125 0.3289 0.0451  -0.0051 -0.0510 18  DC  B P     
350 O OP1   . DC  B 8  ? 0.5335 0.4891 0.3563 -0.0017 -0.0276 -0.0158 18  DC  B OP1   
351 O OP2   . DC  B 8  ? 0.4089 0.4595 0.3767 0.0242  -0.0093 -0.0566 18  DC  B OP2   
352 O "O5'" . DC  B 8  ? 0.4118 0.3779 0.2441 0.0504  -0.0186 -0.0357 18  DC  B "O5'" 
353 C "C5'" . DC  B 8  ? 0.4140 0.3492 0.3070 0.0241  -0.0036 -0.0215 18  DC  B "C5'" 
354 C "C4'" . DC  B 8  ? 0.3657 0.3133 0.3159 0.0090  -0.0091 0.0040  18  DC  B "C4'" 
355 O "O4'" . DC  B 8  ? 0.3474 0.2569 0.3009 -0.0081 -0.0098 -0.0135 18  DC  B "O4'" 
356 C "C3'" . DC  B 8  ? 0.3159 0.2764 0.2759 0.0111  -0.0351 -0.0391 18  DC  B "C3'" 
357 O "O3'" . DC  B 8  ? 0.4299 0.3166 0.2962 -0.0169 -0.0073 -0.0340 18  DC  B "O3'" 
358 C "C2'" . DC  B 8  ? 0.3162 0.2472 0.2696 -0.0129 -0.0060 -0.0097 18  DC  B "C2'" 
359 C "C1'" . DC  B 8  ? 0.3160 0.2751 0.2841 -0.0314 -0.0406 -0.0042 18  DC  B "C1'" 
360 N N1    . DC  B 8  ? 0.2733 0.2505 0.2137 0.0004  -0.0335 -0.0268 18  DC  B N1    
361 C C2    . DC  B 8  ? 0.2705 0.2502 0.2513 -0.0005 0.0067  -0.0439 18  DC  B C2    
362 O O2    . DC  B 8  ? 0.2633 0.2597 0.2424 -0.0151 -0.0166 -0.0057 18  DC  B O2    
363 N N3    . DC  B 8  ? 0.2335 0.2317 0.2228 0.0037  0.0053  0.0029  18  DC  B N3    
364 C C4    . DC  B 8  ? 0.2405 0.2390 0.2372 0.0038  0.0056  -0.0021 18  DC  B C4    
365 N N4    . DC  B 8  ? 0.3272 0.2773 0.2146 -0.0081 0.0086  -0.0034 18  DC  B N4    
366 C C5    . DC  B 8  ? 0.2760 0.3155 0.2325 -0.0388 -0.0187 0.0071  18  DC  B C5    
367 C C6    . DC  B 8  ? 0.2300 0.3051 0.2331 -0.0125 -0.0228 -0.0049 18  DC  B C6    
368 P P     . DG  B 9  ? 0.5071 0.3656 0.3426 0.0421  -0.0144 0.0249  19  DG  B P     
369 O OP1   . DG  B 9  ? 0.6475 0.4379 0.3632 0.0166  -0.0552 -0.0645 19  DG  B OP1   
370 O OP2   . DG  B 9  ? 0.5097 0.4608 0.4136 0.0329  0.0908  0.0474  19  DG  B OP2   
371 O "O5'" . DG  B 9  ? 0.4590 0.3654 0.3219 0.0346  0.0266  0.0084  19  DG  B "O5'" 
372 C "C5'" . DG  B 9  ? 0.3834 0.3795 0.3030 0.0404  0.0076  0.0050  19  DG  B "C5'" 
373 C "C4'" . DG  B 9  ? 0.2837 0.2410 0.2409 0.0108  -0.0128 0.0101  19  DG  B "C4'" 
374 O "O4'" . DG  B 9  ? 0.2300 0.2441 0.2673 -0.0396 -0.0094 0.0010  19  DG  B "O4'" 
375 C "C3'" . DG  B 9  ? 0.2875 0.3113 0.3070 -0.0177 0.0110  0.0261  19  DG  B "C3'" 
376 O "O3'" . DG  B 9  ? 0.3220 0.3202 0.3404 -0.0771 -0.0432 0.0824  19  DG  B "O3'" 
377 C "C2'" . DG  B 9  ? 0.2560 0.2734 0.2993 -0.0142 -0.0019 0.0499  19  DG  B "C2'" 
378 C "C1'" . DG  B 9  ? 0.2569 0.2450 0.2737 -0.0051 -0.0210 -0.0137 19  DG  B "C1'" 
379 N N9    . DG  B 9  ? 0.2382 0.2400 0.1986 -0.0126 -0.0045 -0.0129 19  DG  B N9    
380 C C8    . DG  B 9  ? 0.2362 0.2451 0.2284 0.0073  0.0155  0.0700  19  DG  B C8    
381 N N7    . DG  B 9  ? 0.2301 0.2816 0.2536 -0.0169 -0.0005 0.0284  19  DG  B N7    
382 C C5    . DG  B 9  ? 0.2055 0.2454 0.2495 -0.0248 0.0120  0.0312  19  DG  B C5    
383 C C6    . DG  B 9  ? 0.2322 0.2823 0.2484 -0.0065 0.0201  0.0487  19  DG  B C6    
384 O O6    . DG  B 9  ? 0.2148 0.2989 0.3415 -0.0336 0.0027  0.0211  19  DG  B O6    
385 N N1    . DG  B 9  ? 0.2563 0.2566 0.2456 -0.0080 0.0014  0.0459  19  DG  B N1    
386 C C2    . DG  B 9  ? 0.1930 0.2241 0.2491 -0.0465 -0.0069 0.0235  19  DG  B C2    
387 N N2    . DG  B 9  ? 0.2428 0.2445 0.2691 -0.0525 -0.0018 -0.0008 19  DG  B N2    
388 N N3    . DG  B 9  ? 0.1772 0.2338 0.2381 -0.0141 -0.0245 0.0302  19  DG  B N3    
389 C C4    . DG  B 9  ? 0.1824 0.1953 0.2072 -0.0317 0.0033  0.0192  19  DG  B C4    
390 P P     . DC  B 10 ? 0.4023 0.4038 0.3498 -0.0375 -0.0679 0.1106  20  DC  B P     
391 O OP1   . DC  B 10 ? 0.4543 0.4448 0.4809 -0.0558 -0.1015 0.1456  20  DC  B OP1   
392 O OP2   . DC  B 10 ? 0.4931 0.4710 0.3584 -0.0915 0.0219  0.1183  20  DC  B OP2   
393 O "O5'" . DC  B 10 ? 0.3907 0.3234 0.3286 -0.0659 0.0186  0.0861  20  DC  B "O5'" 
394 C "C5'" . DC  B 10 ? 0.2660 0.3579 0.3916 -0.0538 -0.0360 0.0022  20  DC  B "C5'" 
395 C "C4'" . DC  B 10 ? 0.3170 0.3474 0.3565 -0.0003 -0.0270 0.0258  20  DC  B "C4'" 
396 O "O4'" . DC  B 10 ? 0.2305 0.2920 0.2892 0.0132  0.0016  0.0296  20  DC  B "O4'" 
397 C "C3'" . DC  B 10 ? 0.3116 0.3104 0.3851 -0.0151 -0.0199 0.0142  20  DC  B "C3'" 
398 O "O3'" . DC  B 10 ? 0.3191 0.3379 0.4188 0.0267  0.0101  0.0289  20  DC  B "O3'" 
399 C "C2'" . DC  B 10 ? 0.3261 0.3278 0.3806 0.0244  -0.0277 0.0337  20  DC  B "C2'" 
400 C "C1'" . DC  B 10 ? 0.2548 0.2992 0.3484 -0.0014 -0.0057 0.0092  20  DC  B "C1'" 
401 N N1    . DC  B 10 ? 0.2648 0.2586 0.2772 0.0007  -0.0121 0.0277  20  DC  B N1    
402 C C2    . DC  B 10 ? 0.2191 0.2617 0.2468 -0.0202 0.0139  -0.0072 20  DC  B C2    
403 O O2    . DC  B 10 ? 0.2663 0.2518 0.3008 0.0145  -0.0405 0.0102  20  DC  B O2    
404 N N3    . DC  B 10 ? 0.2435 0.2490 0.2788 0.0017  -0.0061 -0.0057 20  DC  B N3    
405 C C4    . DC  B 10 ? 0.2283 0.2700 0.2391 -0.0075 0.0201  0.0194  20  DC  B C4    
406 N N4    . DC  B 10 ? 0.2378 0.2787 0.2308 0.0020  0.0451  0.0223  20  DC  B N4    
407 C C5    . DC  B 10 ? 0.2037 0.2524 0.2780 -0.0317 0.0396  0.0621  20  DC  B C5    
408 C C6    . DC  B 10 ? 0.2896 0.2180 0.3032 -0.0096 0.0309  -0.0012 20  DC  B C6    
409 O O     . HOH C .  ? 0.5792 0.5379 0.4497 0.1042  0.0280  0.0029  101 HOH A O     
410 O O     . HOH C .  ? 0.3536 0.3310 0.3426 0.0360  -0.0323 0.0061  102 HOH A O     
411 O O     . HOH C .  ? 0.3278 0.3280 0.4509 0.0500  -0.0215 0.0463  103 HOH A O     
412 O O     . HOH C .  ? 0.3097 0.3534 0.6615 -0.0883 -0.1666 -0.0816 104 HOH A O     
413 O O     . HOH C .  ? 0.4423 0.5116 0.4881 -0.0863 -0.0425 0.0656  105 HOH A O     
414 O O     . HOH C .  ? 0.4000 0.4512 0.3847 -0.0447 -0.0849 -0.0129 106 HOH A O     
415 O O     . HOH C .  ? 0.2634 0.3318 0.3313 -0.0372 -0.0321 -0.0449 107 HOH A O     
416 O O     . HOH C .  ? 0.4776 0.5691 0.3822 0.1813  -0.0640 -0.0490 108 HOH A O     
417 O O     . HOH C .  ? 0.7055 0.6672 0.5083 -0.0173 -0.2910 -0.0268 109 HOH A O     
418 O O     . HOH C .  ? 0.4469 0.4147 0.3734 -0.0390 -0.0981 0.0120  110 HOH A O     
419 O O     . HOH C .  ? 0.3546 0.3350 0.4311 -0.1006 -0.0251 -0.0226 111 HOH A O     
420 O O     . HOH C .  ? 0.4676 0.4031 0.4021 0.1537  0.0152  0.0901  112 HOH A O     
421 O O     . HOH C .  ? 0.3696 0.4435 0.4137 0.1067  0.0162  0.0125  113 HOH A O     
422 O O     . HOH C .  ? 0.4010 0.3951 0.4424 0.0459  -0.0047 0.0616  114 HOH A O     
423 O O     . HOH C .  ? 0.3515 0.4607 0.5292 -0.0363 0.0687  -0.0397 115 HOH A O     
424 O O     . HOH C .  ? 0.3521 0.2691 0.3127 0.0620  -0.0053 0.0106  116 HOH A O     
425 O O     . HOH C .  ? 0.3644 0.3052 0.4536 -0.0288 -0.0088 -0.0405 117 HOH A O     
426 O O     . HOH C .  ? 0.3479 0.2418 0.3298 -0.0332 -0.0354 -0.0209 118 HOH A O     
427 O O     . HOH C .  ? 0.4358 0.6606 0.5170 0.0784  0.0240  0.2302  119 HOH A O     
428 O O     . HOH C .  ? 0.4524 0.4603 0.4144 -0.0952 0.0076  -0.0598 120 HOH A O     
429 O O     . HOH C .  ? 0.6487 0.5651 0.3753 -0.0474 -0.1759 -0.0446 121 HOH A O     
430 O O     . HOH C .  ? 0.5826 0.6282 0.8724 0.1412  0.0959  0.2990  122 HOH A O     
431 O O     . HOH C .  ? 0.3269 0.5085 0.4687 0.1009  0.0113  0.0528  123 HOH A O     
432 O O     . HOH C .  ? 0.5211 0.5640 0.3700 -0.0799 -0.1169 0.1277  124 HOH A O     
433 O O     . HOH C .  ? 0.5559 0.4366 0.4472 0.0400  0.0188  0.0686  125 HOH A O     
434 O O     . HOH C .  ? 0.3252 0.3066 0.4925 0.0507  0.0576  -0.0796 126 HOH A O     
435 O O     . HOH C .  ? 0.3868 0.7897 0.4618 -0.0656 0.0377  0.0719  127 HOH A O     
436 O O     . HOH C .  ? 0.5405 0.7218 0.4743 -0.0647 0.0397  0.0617  128 HOH A O     
437 O O     . HOH C .  ? 0.4579 0.5061 0.4536 0.0158  -0.0081 0.0288  129 HOH A O     
438 O O     . HOH C .  ? 0.3251 0.2972 0.8464 0.0440  0.0049  -0.0946 130 HOH A O     
439 O O     . HOH C .  ? 0.8988 0.2850 0.8105 0.2176  0.0415  -0.0195 131 HOH A O     
440 O O     . HOH C .  ? 0.5480 0.5883 0.3956 -0.2893 0.0313  -0.0729 132 HOH A O     
441 O O     . HOH C .  ? 0.7489 0.5019 0.4275 -0.1824 -0.0362 0.0438  133 HOH A O     
442 O O     . HOH D .  ? 0.3998 0.2998 0.2983 -0.0592 0.0064  0.0074  101 HOH B O     
443 O O     . HOH D .  ? 0.4039 0.3179 0.4274 -0.0464 -0.0628 -0.0367 102 HOH B O     
444 O O     . HOH D .  ? 0.4345 0.5480 0.4952 -0.0492 -0.1280 -0.0926 103 HOH B O     
445 O O     . HOH D .  ? 0.5369 0.3144 0.4002 0.1006  -0.0359 -0.0454 104 HOH B O     
446 O O     . HOH D .  ? 0.2809 0.4466 0.3277 -0.0631 -0.0407 -0.0291 105 HOH B O     
447 O O     . HOH D .  ? 0.2429 0.5371 0.6132 0.0429  -0.0915 -0.1233 106 HOH B O     
448 O O     . HOH D .  ? 0.4680 0.3570 0.3756 -0.0176 0.0051  0.0762  107 HOH B O     
449 O O     . HOH D .  ? 0.5058 0.6326 0.9570 0.4363  0.3139  0.2625  108 HOH B O     
450 O O     . HOH D .  ? 0.7497 0.4550 0.3443 -0.1307 -0.2004 0.1194  109 HOH B O     
451 O O     . HOH D .  ? 0.5767 0.3081 0.5174 0.0210  -0.1687 0.0470  110 HOH B O     
452 O O     . HOH D .  ? 0.4307 0.6180 0.8002 0.0505  -0.2834 -0.1710 111 HOH B O     
453 O O     . HOH D .  ? 0.3577 1.0293 0.6760 -0.1344 -0.0823 -0.0287 112 HOH B O     
454 O O     . HOH D .  ? 0.5325 0.5240 0.7044 -0.0168 0.0077  0.0681  113 HOH B O     
455 O O     . HOH D .  ? 0.3267 0.5427 0.3362 -0.0717 -0.0721 0.0108  114 HOH B O     
456 O O     . HOH D .  ? 0.6349 0.5720 0.4608 -0.0190 0.2085  0.0059  115 HOH B O     
457 O O     . HOH D .  ? 0.3532 0.4319 0.4177 -0.0378 0.0885  0.1127  116 HOH B O     
458 O O     . HOH D .  ? 0.4818 0.7339 0.6051 0.0623  0.0979  0.1442  117 HOH B O     
459 O O     . HOH D .  ? 0.4208 0.3277 0.7685 -0.0322 0.0143  -0.0292 118 HOH B O     
460 O O     . HOH D .  ? 0.3658 0.4249 0.4990 -0.0141 0.0478  -0.0224 119 HOH B O     
461 O O     . HOH D .  ? 0.4776 0.4175 0.5504 -0.0781 -0.0963 0.0967  120 HOH B O     
# 
loop_
_pdbx_poly_seq_scheme.asym_id 
_pdbx_poly_seq_scheme.entity_id 
_pdbx_poly_seq_scheme.seq_id 
_pdbx_poly_seq_scheme.mon_id 
_pdbx_poly_seq_scheme.ndb_seq_num 
_pdbx_poly_seq_scheme.pdb_seq_num 
_pdbx_poly_seq_scheme.auth_seq_num 
_pdbx_poly_seq_scheme.pdb_mon_id 
_pdbx_poly_seq_scheme.auth_mon_id 
_pdbx_poly_seq_scheme.pdb_strand_id 
_pdbx_poly_seq_scheme.pdb_ins_code 
_pdbx_poly_seq_scheme.hetero 
A 1 1  DG  1  1  1  DG  DG  A . n 
A 1 2  DC  2  2  2  DC  DC  A . n 
A 1 3  DG  3  3  3  DG  DG  A . n 
A 1 4  DT  4  4  4  DT  DT  A . n 
A 1 5  DA  5  5  5  DA  DA  A . n 
A 1 6  1TL 6  6  6  1TL 1TL A . n 
A 1 7  DA  7  7  7  DA  DA  A . n 
A 1 8  DC  8  8  8  DC  DC  A . n 
A 1 9  DG  9  9  9  DG  DG  A . n 
A 1 10 DC  10 10 10 DC  DC  A . n 
B 1 1  DG  1  11 11 DG  DG  B . n 
B 1 2  DC  2  12 12 DC  DC  B . n 
B 1 3  DG  3  13 13 DG  DG  B . n 
B 1 4  DT  4  14 14 DT  DT  B . n 
B 1 5  DA  5  15 15 DA  DA  B . n 
B 1 6  1TL 6  16 16 1TL 1TL B . n 
B 1 7  DA  7  17 17 DA  DA  B . n 
B 1 8  DC  8  18 18 DC  DC  B . n 
B 1 9  DG  9  19 19 DG  DG  B . n 
B 1 10 DC  10 20 20 DC  DC  B . n 
# 
loop_
_pdbx_nonpoly_scheme.asym_id 
_pdbx_nonpoly_scheme.entity_id 
_pdbx_nonpoly_scheme.mon_id 
_pdbx_nonpoly_scheme.ndb_seq_num 
_pdbx_nonpoly_scheme.pdb_seq_num 
_pdbx_nonpoly_scheme.auth_seq_num 
_pdbx_nonpoly_scheme.pdb_mon_id 
_pdbx_nonpoly_scheme.auth_mon_id 
_pdbx_nonpoly_scheme.pdb_strand_id 
_pdbx_nonpoly_scheme.pdb_ins_code 
C 2 HOH 1  101 1  HOH HOH A . 
C 2 HOH 2  102 2  HOH HOH A . 
C 2 HOH 3  103 3  HOH HOH A . 
C 2 HOH 4  104 5  HOH HOH A . 
C 2 HOH 5  105 6  HOH HOH A . 
C 2 HOH 6  106 7  HOH HOH A . 
C 2 HOH 7  107 8  HOH HOH A . 
C 2 HOH 8  108 9  HOH HOH A . 
C 2 HOH 9  109 10 HOH HOH A . 
C 2 HOH 10 110 11 HOH HOH A . 
C 2 HOH 11 111 12 HOH HOH A . 
C 2 HOH 12 112 17 HOH HOH A . 
C 2 HOH 13 113 18 HOH HOH A . 
C 2 HOH 14 114 25 HOH HOH A . 
C 2 HOH 15 115 26 HOH HOH A . 
C 2 HOH 16 116 27 HOH HOH A . 
C 2 HOH 17 117 28 HOH HOH A . 
C 2 HOH 18 118 29 HOH HOH A . 
C 2 HOH 19 119 30 HOH HOH A . 
C 2 HOH 20 120 32 HOH HOH A . 
C 2 HOH 21 121 34 HOH HOH A . 
C 2 HOH 22 122 38 HOH HOH A . 
C 2 HOH 23 123 39 HOH HOH A . 
C 2 HOH 24 124 40 HOH HOH A . 
C 2 HOH 25 125 41 HOH HOH A . 
C 2 HOH 26 126 42 HOH HOH A . 
C 2 HOH 27 127 43 HOH HOH A . 
C 2 HOH 28 128 44 HOH HOH A . 
C 2 HOH 29 129 45 HOH HOH A . 
C 2 HOH 30 130 46 HOH HOH A . 
C 2 HOH 31 131 47 HOH HOH A . 
C 2 HOH 32 132 48 HOH HOH A . 
C 2 HOH 33 133 50 HOH HOH A . 
D 2 HOH 1  101 4  HOH HOH B . 
D 2 HOH 2  102 13 HOH HOH B . 
D 2 HOH 3  103 14 HOH HOH B . 
D 2 HOH 4  104 15 HOH HOH B . 
D 2 HOH 5  105 16 HOH HOH B . 
D 2 HOH 6  106 19 HOH HOH B . 
D 2 HOH 7  107 20 HOH HOH B . 
D 2 HOH 8  108 21 HOH HOH B . 
D 2 HOH 9  109 22 HOH HOH B . 
D 2 HOH 10 110 23 HOH HOH B . 
D 2 HOH 11 111 24 HOH HOH B . 
D 2 HOH 12 112 31 HOH HOH B . 
D 2 HOH 13 113 33 HOH HOH B . 
D 2 HOH 14 114 35 HOH HOH B . 
D 2 HOH 15 115 36 HOH HOH B . 
D 2 HOH 16 116 37 HOH HOH B . 
D 2 HOH 17 117 49 HOH HOH B . 
D 2 HOH 18 118 51 HOH HOH B . 
D 2 HOH 19 119 52 HOH HOH B . 
D 2 HOH 20 120 53 HOH HOH B . 
# 
_pdbx_struct_assembly.id                   1 
_pdbx_struct_assembly.details              author_and_software_defined_assembly 
_pdbx_struct_assembly.method_details       PISA 
_pdbx_struct_assembly.oligomeric_details   dimeric 
_pdbx_struct_assembly.oligomeric_count     2 
# 
_pdbx_struct_assembly_gen.assembly_id       1 
_pdbx_struct_assembly_gen.oper_expression   1 
_pdbx_struct_assembly_gen.asym_id_list      A,B,C,D 
# 
loop_
_pdbx_struct_assembly_prop.biol_id 
_pdbx_struct_assembly_prop.type 
_pdbx_struct_assembly_prop.value 
_pdbx_struct_assembly_prop.details 
1 'ABSA (A^2)' 970  ? 
1 MORE         -1   ? 
1 'SSA (A^2)'  3800 ? 
# 
_pdbx_struct_oper_list.id                   1 
_pdbx_struct_oper_list.type                 'identity operation' 
_pdbx_struct_oper_list.name                 1_555 
_pdbx_struct_oper_list.symmetry_operation   x,y,z 
_pdbx_struct_oper_list.matrix[1][1]         1.0000000000 
_pdbx_struct_oper_list.matrix[1][2]         0.0000000000 
_pdbx_struct_oper_list.matrix[1][3]         0.0000000000 
_pdbx_struct_oper_list.vector[1]            0.0000000000 
_pdbx_struct_oper_list.matrix[2][1]         0.0000000000 
_pdbx_struct_oper_list.matrix[2][2]         1.0000000000 
_pdbx_struct_oper_list.matrix[2][3]         0.0000000000 
_pdbx_struct_oper_list.vector[2]            0.0000000000 
_pdbx_struct_oper_list.matrix[3][1]         0.0000000000 
_pdbx_struct_oper_list.matrix[3][2]         0.0000000000 
_pdbx_struct_oper_list.matrix[3][3]         1.0000000000 
_pdbx_struct_oper_list.vector[3]            0.0000000000 
# 
loop_
_pdbx_audit_revision_history.ordinal 
_pdbx_audit_revision_history.data_content_type 
_pdbx_audit_revision_history.major_revision 
_pdbx_audit_revision_history.minor_revision 
_pdbx_audit_revision_history.revision_date 
1 'Structure model' 1 0 2012-06-20 
2 'Structure model' 1 1 2012-08-08 
3 'Structure model' 1 2 2023-09-13 
# 
_pdbx_audit_revision_details.ordinal             1 
_pdbx_audit_revision_details.revision_ordinal    1 
_pdbx_audit_revision_details.data_content_type   'Structure model' 
_pdbx_audit_revision_details.provider            repository 
_pdbx_audit_revision_details.type                'Initial release' 
_pdbx_audit_revision_details.description         ? 
_pdbx_audit_revision_details.details             ? 
# 
loop_
_pdbx_audit_revision_group.ordinal 
_pdbx_audit_revision_group.revision_ordinal 
_pdbx_audit_revision_group.data_content_type 
_pdbx_audit_revision_group.group 
1 2 'Structure model' 'Database references'    
2 3 'Structure model' 'Data collection'        
3 3 'Structure model' 'Database references'    
4 3 'Structure model' 'Derived calculations'   
5 3 'Structure model' 'Refinement description' 
# 
loop_
_pdbx_audit_revision_category.ordinal 
_pdbx_audit_revision_category.revision_ordinal 
_pdbx_audit_revision_category.data_content_type 
_pdbx_audit_revision_category.category 
1 3 'Structure model' chem_comp_atom                
2 3 'Structure model' chem_comp_bond                
3 3 'Structure model' database_2                    
4 3 'Structure model' pdbx_initial_refinement_model 
5 3 'Structure model' struct_conn                   
# 
loop_
_pdbx_audit_revision_item.ordinal 
_pdbx_audit_revision_item.revision_ordinal 
_pdbx_audit_revision_item.data_content_type 
_pdbx_audit_revision_item.item 
1 3 'Structure model' '_database_2.pdbx_DOI'                
2 3 'Structure model' '_database_2.pdbx_database_accession' 
3 3 'Structure model' '_struct_conn.pdbx_leaving_atom_flag' 
# 
loop_
_software.name 
_software.classification 
_software.version 
_software.citation_id 
_software.pdbx_ordinal 
MD2      'data collection' 'diffractometer software from EMBL (with LS-CAT developed extensions)' ? 1 
CCP4     'model building'  .                                                                      ? 2 
MOLREP   phasing           .                                                                      ? 3 
REFMAC   refinement        5.5.0109                                                               ? 4 
HKL-2000 'data reduction'  .                                                                      ? 5 
HKL-2000 'data scaling'    .                                                                      ? 6 
CCP4     phasing           .                                                                      ? 7 
# 
_pdbx_validate_rmsd_bond.id                        1 
_pdbx_validate_rmsd_bond.PDB_model_num             1 
_pdbx_validate_rmsd_bond.auth_atom_id_1            C6 
_pdbx_validate_rmsd_bond.auth_asym_id_1            A 
_pdbx_validate_rmsd_bond.auth_comp_id_1            DT 
_pdbx_validate_rmsd_bond.auth_seq_id_1             4 
_pdbx_validate_rmsd_bond.PDB_ins_code_1            ? 
_pdbx_validate_rmsd_bond.label_alt_id_1            ? 
_pdbx_validate_rmsd_bond.auth_atom_id_2            N1 
_pdbx_validate_rmsd_bond.auth_asym_id_2            A 
_pdbx_validate_rmsd_bond.auth_comp_id_2            DT 
_pdbx_validate_rmsd_bond.auth_seq_id_2             4 
_pdbx_validate_rmsd_bond.PDB_ins_code_2            ? 
_pdbx_validate_rmsd_bond.label_alt_id_2            ? 
_pdbx_validate_rmsd_bond.bond_value                1.426 
_pdbx_validate_rmsd_bond.bond_target_value         1.378 
_pdbx_validate_rmsd_bond.bond_deviation            0.048 
_pdbx_validate_rmsd_bond.bond_standard_deviation   0.007 
_pdbx_validate_rmsd_bond.linker_flag               N 
# 
loop_
_pdbx_validate_rmsd_angle.id 
_pdbx_validate_rmsd_angle.PDB_model_num 
_pdbx_validate_rmsd_angle.auth_atom_id_1 
_pdbx_validate_rmsd_angle.auth_asym_id_1 
_pdbx_validate_rmsd_angle.auth_comp_id_1 
_pdbx_validate_rmsd_angle.auth_seq_id_1 
_pdbx_validate_rmsd_angle.PDB_ins_code_1 
_pdbx_validate_rmsd_angle.label_alt_id_1 
_pdbx_validate_rmsd_angle.auth_atom_id_2 
_pdbx_validate_rmsd_angle.auth_asym_id_2 
_pdbx_validate_rmsd_angle.auth_comp_id_2 
_pdbx_validate_rmsd_angle.auth_seq_id_2 
_pdbx_validate_rmsd_angle.PDB_ins_code_2 
_pdbx_validate_rmsd_angle.label_alt_id_2 
_pdbx_validate_rmsd_angle.auth_atom_id_3 
_pdbx_validate_rmsd_angle.auth_asym_id_3 
_pdbx_validate_rmsd_angle.auth_comp_id_3 
_pdbx_validate_rmsd_angle.auth_seq_id_3 
_pdbx_validate_rmsd_angle.PDB_ins_code_3 
_pdbx_validate_rmsd_angle.label_alt_id_3 
_pdbx_validate_rmsd_angle.angle_value 
_pdbx_validate_rmsd_angle.angle_target_value 
_pdbx_validate_rmsd_angle.angle_deviation 
_pdbx_validate_rmsd_angle.angle_standard_deviation 
_pdbx_validate_rmsd_angle.linker_flag 
1  1 "O4'" A DC 2  ? ? "C4'" A DC 2  ? ? "C3'" A DC 2  ? ? 100.48 104.50 -4.02 0.40 N 
2  1 "C4'" A DC 2  ? ? "C3'" A DC 2  ? ? "C2'" A DC 2  ? ? 97.22  102.20 -4.98 0.70 N 
3  1 "O4'" A DC 2  ? ? "C1'" A DC 2  ? ? N1    A DC 2  ? ? 110.63 108.30 2.33  0.30 N 
4  1 "O4'" A DC 8  ? ? "C4'" A DC 8  ? ? "C3'" A DC 8  ? ? 101.93 104.50 -2.57 0.40 N 
5  1 "O4'" A DC 8  ? ? "C1'" A DC 8  ? ? N1    A DC 8  ? ? 110.83 108.30 2.53  0.30 N 
6  1 "O4'" A DG 9  ? ? "C4'" A DG 9  ? ? "C3'" A DG 9  ? ? 101.38 104.50 -3.12 0.40 N 
7  1 "C4'" A DG 9  ? ? "C3'" A DG 9  ? ? "C2'" A DG 9  ? ? 97.34  102.20 -4.86 0.70 N 
8  1 "O4'" A DC 10 ? ? "C1'" A DC 10 ? ? "C2'" A DC 10 ? ? 111.09 106.80 4.29  0.50 N 
9  1 "O4'" B DC 12 ? ? "C4'" B DC 12 ? ? "C3'" B DC 12 ? ? 101.33 104.50 -3.17 0.40 N 
10 1 "C3'" B DC 12 ? ? "C2'" B DC 12 ? ? "C1'" B DC 12 ? ? 96.04  102.40 -6.36 0.80 N 
11 1 "O4'" B DC 12 ? ? "C1'" B DC 12 ? ? "C2'" B DC 12 ? ? 110.17 106.80 3.37  0.50 N 
12 1 "O4'" B DG 13 ? ? "C1'" B DG 13 ? ? N9    B DG 13 ? ? 110.14 108.30 1.84  0.30 N 
13 1 "O4'" B DT 14 ? ? "C4'" B DT 14 ? ? "C3'" B DT 14 ? ? 101.54 104.50 -2.96 0.40 N 
14 1 "C4'" B DC 18 ? ? "C3'" B DC 18 ? ? "C2'" B DC 18 ? ? 96.91  102.20 -5.29 0.70 N 
15 1 C2    B DC 20 ? ? N3    B DC 20 ? ? C4    B DC 20 ? ? 123.33 119.90 3.43  0.50 N 
# 
loop_
_chem_comp_atom.comp_id 
_chem_comp_atom.atom_id 
_chem_comp_atom.type_symbol 
_chem_comp_atom.pdbx_aromatic_flag 
_chem_comp_atom.pdbx_stereo_config 
_chem_comp_atom.pdbx_ordinal 
1TL P      P N N 1   
1TL N1     N N N 2   
1TL C2     C N N 3   
1TL O2     O N N 4   
1TL N3     N N N 5   
1TL C4     C N N 6   
1TL O4     O N N 7   
1TL C5     C N N 8   
1TL C6     C N N 9   
1TL "C1'"  C N R 10  
1TL "C2'"  C N R 11  
1TL O2A    O N N 12  
1TL "C3'"  C N S 13  
1TL "O3'"  O N N 14  
1TL "C4'"  C N R 15  
1TL "O4'"  O N N 16  
1TL "C5'"  C N N 17  
1TL "O5'"  O N N 18  
1TL "C6'"  C N S 19  
1TL "C7'"  C N N 20  
1TL OP1    O N N 21  
1TL OP2    O N N 22  
1TL OP3    O N N 23  
1TL H5     H N N 24  
1TL H6     H N N 25  
1TL "H1'"  H N N 26  
1TL "H2'"  H N N 27  
1TL "H3'"  H N N 28  
1TL "HO3'" H N N 29  
1TL "H5'"  H N N 30  
1TL "H5'A" H N N 31  
1TL "H6'"  H N N 32  
1TL "H7'"  H N N 33  
1TL "H7'A" H N N 34  
1TL "H7'B" H N N 35  
1TL HOP2   H N N 36  
1TL HOP3   H N N 37  
1TL HN3    H N N 38  
DA  OP3    O N N 39  
DA  P      P N N 40  
DA  OP1    O N N 41  
DA  OP2    O N N 42  
DA  "O5'"  O N N 43  
DA  "C5'"  C N N 44  
DA  "C4'"  C N R 45  
DA  "O4'"  O N N 46  
DA  "C3'"  C N S 47  
DA  "O3'"  O N N 48  
DA  "C2'"  C N N 49  
DA  "C1'"  C N R 50  
DA  N9     N Y N 51  
DA  C8     C Y N 52  
DA  N7     N Y N 53  
DA  C5     C Y N 54  
DA  C6     C Y N 55  
DA  N6     N N N 56  
DA  N1     N Y N 57  
DA  C2     C Y N 58  
DA  N3     N Y N 59  
DA  C4     C Y N 60  
DA  HOP3   H N N 61  
DA  HOP2   H N N 62  
DA  "H5'"  H N N 63  
DA  "H5''" H N N 64  
DA  "H4'"  H N N 65  
DA  "H3'"  H N N 66  
DA  "HO3'" H N N 67  
DA  "H2'"  H N N 68  
DA  "H2''" H N N 69  
DA  "H1'"  H N N 70  
DA  H8     H N N 71  
DA  H61    H N N 72  
DA  H62    H N N 73  
DA  H2     H N N 74  
DC  OP3    O N N 75  
DC  P      P N N 76  
DC  OP1    O N N 77  
DC  OP2    O N N 78  
DC  "O5'"  O N N 79  
DC  "C5'"  C N N 80  
DC  "C4'"  C N R 81  
DC  "O4'"  O N N 82  
DC  "C3'"  C N S 83  
DC  "O3'"  O N N 84  
DC  "C2'"  C N N 85  
DC  "C1'"  C N R 86  
DC  N1     N N N 87  
DC  C2     C N N 88  
DC  O2     O N N 89  
DC  N3     N N N 90  
DC  C4     C N N 91  
DC  N4     N N N 92  
DC  C5     C N N 93  
DC  C6     C N N 94  
DC  HOP3   H N N 95  
DC  HOP2   H N N 96  
DC  "H5'"  H N N 97  
DC  "H5''" H N N 98  
DC  "H4'"  H N N 99  
DC  "H3'"  H N N 100 
DC  "HO3'" H N N 101 
DC  "H2'"  H N N 102 
DC  "H2''" H N N 103 
DC  "H1'"  H N N 104 
DC  H41    H N N 105 
DC  H42    H N N 106 
DC  H5     H N N 107 
DC  H6     H N N 108 
DG  OP3    O N N 109 
DG  P      P N N 110 
DG  OP1    O N N 111 
DG  OP2    O N N 112 
DG  "O5'"  O N N 113 
DG  "C5'"  C N N 114 
DG  "C4'"  C N R 115 
DG  "O4'"  O N N 116 
DG  "C3'"  C N S 117 
DG  "O3'"  O N N 118 
DG  "C2'"  C N N 119 
DG  "C1'"  C N R 120 
DG  N9     N Y N 121 
DG  C8     C Y N 122 
DG  N7     N Y N 123 
DG  C5     C Y N 124 
DG  C6     C N N 125 
DG  O6     O N N 126 
DG  N1     N N N 127 
DG  C2     C N N 128 
DG  N2     N N N 129 
DG  N3     N N N 130 
DG  C4     C Y N 131 
DG  HOP3   H N N 132 
DG  HOP2   H N N 133 
DG  "H5'"  H N N 134 
DG  "H5''" H N N 135 
DG  "H4'"  H N N 136 
DG  "H3'"  H N N 137 
DG  "HO3'" H N N 138 
DG  "H2'"  H N N 139 
DG  "H2''" H N N 140 
DG  "H1'"  H N N 141 
DG  H8     H N N 142 
DG  H1     H N N 143 
DG  H21    H N N 144 
DG  H22    H N N 145 
DT  OP3    O N N 146 
DT  P      P N N 147 
DT  OP1    O N N 148 
DT  OP2    O N N 149 
DT  "O5'"  O N N 150 
DT  "C5'"  C N N 151 
DT  "C4'"  C N R 152 
DT  "O4'"  O N N 153 
DT  "C3'"  C N S 154 
DT  "O3'"  O N N 155 
DT  "C2'"  C N N 156 
DT  "C1'"  C N R 157 
DT  N1     N N N 158 
DT  C2     C N N 159 
DT  O2     O N N 160 
DT  N3     N N N 161 
DT  C4     C N N 162 
DT  O4     O N N 163 
DT  C5     C N N 164 
DT  C7     C N N 165 
DT  C6     C N N 166 
DT  HOP3   H N N 167 
DT  HOP2   H N N 168 
DT  "H5'"  H N N 169 
DT  "H5''" H N N 170 
DT  "H4'"  H N N 171 
DT  "H3'"  H N N 172 
DT  "HO3'" H N N 173 
DT  "H2'"  H N N 174 
DT  "H2''" H N N 175 
DT  "H1'"  H N N 176 
DT  H3     H N N 177 
DT  H71    H N N 178 
DT  H72    H N N 179 
DT  H73    H N N 180 
DT  H6     H N N 181 
HOH O      O N N 182 
HOH H1     H N N 183 
HOH H2     H N N 184 
# 
loop_
_chem_comp_bond.comp_id 
_chem_comp_bond.atom_id_1 
_chem_comp_bond.atom_id_2 
_chem_comp_bond.value_order 
_chem_comp_bond.pdbx_aromatic_flag 
_chem_comp_bond.pdbx_stereo_config 
_chem_comp_bond.pdbx_ordinal 
1TL OP1   P      doub N N 1   
1TL OP3   P      sing N N 2   
1TL P     "O5'"  sing N N 3   
1TL P     OP2    sing N N 4   
1TL "C1'" N1     sing N N 5   
1TL N1    C6     sing N N 6   
1TL N1    C2     sing N N 7   
1TL O2    C2     doub N N 8   
1TL C2    N3     sing N N 9   
1TL N3    C4     sing N N 10  
1TL C5    C4     sing N N 11  
1TL C4    O4     doub N N 12  
1TL C6    C5     doub N N 13  
1TL C5    H5     sing N N 14  
1TL C6    H6     sing N N 15  
1TL "O4'" "C1'"  sing N N 16  
1TL "C1'" "C2'"  sing N N 17  
1TL "C1'" "H1'"  sing N N 18  
1TL O2A   "C2'"  sing N N 19  
1TL "C3'" "C2'"  sing N N 20  
1TL "C2'" "H2'"  sing N N 21  
1TL "C6'" O2A    sing N N 22  
1TL "C4'" "C3'"  sing N N 23  
1TL "O3'" "C3'"  sing N N 24  
1TL "C3'" "H3'"  sing N N 25  
1TL "O3'" "HO3'" sing N N 26  
1TL "C5'" "C4'"  sing N N 27  
1TL "C6'" "C4'"  sing N N 28  
1TL "C4'" "O4'"  sing N N 29  
1TL "C5'" "O5'"  sing N N 30  
1TL "C5'" "H5'"  sing N N 31  
1TL "C5'" "H5'A" sing N N 32  
1TL "C7'" "C6'"  sing N N 33  
1TL "C6'" "H6'"  sing N N 34  
1TL "C7'" "H7'"  sing N N 35  
1TL "C7'" "H7'A" sing N N 36  
1TL "C7'" "H7'B" sing N N 37  
1TL OP2   HOP2   sing N N 38  
1TL OP3   HOP3   sing N N 39  
1TL N3    HN3    sing N N 40  
DA  OP3   P      sing N N 41  
DA  OP3   HOP3   sing N N 42  
DA  P     OP1    doub N N 43  
DA  P     OP2    sing N N 44  
DA  P     "O5'"  sing N N 45  
DA  OP2   HOP2   sing N N 46  
DA  "O5'" "C5'"  sing N N 47  
DA  "C5'" "C4'"  sing N N 48  
DA  "C5'" "H5'"  sing N N 49  
DA  "C5'" "H5''" sing N N 50  
DA  "C4'" "O4'"  sing N N 51  
DA  "C4'" "C3'"  sing N N 52  
DA  "C4'" "H4'"  sing N N 53  
DA  "O4'" "C1'"  sing N N 54  
DA  "C3'" "O3'"  sing N N 55  
DA  "C3'" "C2'"  sing N N 56  
DA  "C3'" "H3'"  sing N N 57  
DA  "O3'" "HO3'" sing N N 58  
DA  "C2'" "C1'"  sing N N 59  
DA  "C2'" "H2'"  sing N N 60  
DA  "C2'" "H2''" sing N N 61  
DA  "C1'" N9     sing N N 62  
DA  "C1'" "H1'"  sing N N 63  
DA  N9    C8     sing Y N 64  
DA  N9    C4     sing Y N 65  
DA  C8    N7     doub Y N 66  
DA  C8    H8     sing N N 67  
DA  N7    C5     sing Y N 68  
DA  C5    C6     sing Y N 69  
DA  C5    C4     doub Y N 70  
DA  C6    N6     sing N N 71  
DA  C6    N1     doub Y N 72  
DA  N6    H61    sing N N 73  
DA  N6    H62    sing N N 74  
DA  N1    C2     sing Y N 75  
DA  C2    N3     doub Y N 76  
DA  C2    H2     sing N N 77  
DA  N3    C4     sing Y N 78  
DC  OP3   P      sing N N 79  
DC  OP3   HOP3   sing N N 80  
DC  P     OP1    doub N N 81  
DC  P     OP2    sing N N 82  
DC  P     "O5'"  sing N N 83  
DC  OP2   HOP2   sing N N 84  
DC  "O5'" "C5'"  sing N N 85  
DC  "C5'" "C4'"  sing N N 86  
DC  "C5'" "H5'"  sing N N 87  
DC  "C5'" "H5''" sing N N 88  
DC  "C4'" "O4'"  sing N N 89  
DC  "C4'" "C3'"  sing N N 90  
DC  "C4'" "H4'"  sing N N 91  
DC  "O4'" "C1'"  sing N N 92  
DC  "C3'" "O3'"  sing N N 93  
DC  "C3'" "C2'"  sing N N 94  
DC  "C3'" "H3'"  sing N N 95  
DC  "O3'" "HO3'" sing N N 96  
DC  "C2'" "C1'"  sing N N 97  
DC  "C2'" "H2'"  sing N N 98  
DC  "C2'" "H2''" sing N N 99  
DC  "C1'" N1     sing N N 100 
DC  "C1'" "H1'"  sing N N 101 
DC  N1    C2     sing N N 102 
DC  N1    C6     sing N N 103 
DC  C2    O2     doub N N 104 
DC  C2    N3     sing N N 105 
DC  N3    C4     doub N N 106 
DC  C4    N4     sing N N 107 
DC  C4    C5     sing N N 108 
DC  N4    H41    sing N N 109 
DC  N4    H42    sing N N 110 
DC  C5    C6     doub N N 111 
DC  C5    H5     sing N N 112 
DC  C6    H6     sing N N 113 
DG  OP3   P      sing N N 114 
DG  OP3   HOP3   sing N N 115 
DG  P     OP1    doub N N 116 
DG  P     OP2    sing N N 117 
DG  P     "O5'"  sing N N 118 
DG  OP2   HOP2   sing N N 119 
DG  "O5'" "C5'"  sing N N 120 
DG  "C5'" "C4'"  sing N N 121 
DG  "C5'" "H5'"  sing N N 122 
DG  "C5'" "H5''" sing N N 123 
DG  "C4'" "O4'"  sing N N 124 
DG  "C4'" "C3'"  sing N N 125 
DG  "C4'" "H4'"  sing N N 126 
DG  "O4'" "C1'"  sing N N 127 
DG  "C3'" "O3'"  sing N N 128 
DG  "C3'" "C2'"  sing N N 129 
DG  "C3'" "H3'"  sing N N 130 
DG  "O3'" "HO3'" sing N N 131 
DG  "C2'" "C1'"  sing N N 132 
DG  "C2'" "H2'"  sing N N 133 
DG  "C2'" "H2''" sing N N 134 
DG  "C1'" N9     sing N N 135 
DG  "C1'" "H1'"  sing N N 136 
DG  N9    C8     sing Y N 137 
DG  N9    C4     sing Y N 138 
DG  C8    N7     doub Y N 139 
DG  C8    H8     sing N N 140 
DG  N7    C5     sing Y N 141 
DG  C5    C6     sing N N 142 
DG  C5    C4     doub Y N 143 
DG  C6    O6     doub N N 144 
DG  C6    N1     sing N N 145 
DG  N1    C2     sing N N 146 
DG  N1    H1     sing N N 147 
DG  C2    N2     sing N N 148 
DG  C2    N3     doub N N 149 
DG  N2    H21    sing N N 150 
DG  N2    H22    sing N N 151 
DG  N3    C4     sing N N 152 
DT  OP3   P      sing N N 153 
DT  OP3   HOP3   sing N N 154 
DT  P     OP1    doub N N 155 
DT  P     OP2    sing N N 156 
DT  P     "O5'"  sing N N 157 
DT  OP2   HOP2   sing N N 158 
DT  "O5'" "C5'"  sing N N 159 
DT  "C5'" "C4'"  sing N N 160 
DT  "C5'" "H5'"  sing N N 161 
DT  "C5'" "H5''" sing N N 162 
DT  "C4'" "O4'"  sing N N 163 
DT  "C4'" "C3'"  sing N N 164 
DT  "C4'" "H4'"  sing N N 165 
DT  "O4'" "C1'"  sing N N 166 
DT  "C3'" "O3'"  sing N N 167 
DT  "C3'" "C2'"  sing N N 168 
DT  "C3'" "H3'"  sing N N 169 
DT  "O3'" "HO3'" sing N N 170 
DT  "C2'" "C1'"  sing N N 171 
DT  "C2'" "H2'"  sing N N 172 
DT  "C2'" "H2''" sing N N 173 
DT  "C1'" N1     sing N N 174 
DT  "C1'" "H1'"  sing N N 175 
DT  N1    C2     sing N N 176 
DT  N1    C6     sing N N 177 
DT  C2    O2     doub N N 178 
DT  C2    N3     sing N N 179 
DT  N3    C4     sing N N 180 
DT  N3    H3     sing N N 181 
DT  C4    O4     doub N N 182 
DT  C4    C5     sing N N 183 
DT  C5    C7     sing N N 184 
DT  C5    C6     doub N N 185 
DT  C7    H71    sing N N 186 
DT  C7    H72    sing N N 187 
DT  C7    H73    sing N N 188 
DT  C6    H6     sing N N 189 
HOH O     H1     sing N N 190 
HOH O     H2     sing N N 191 
# 
loop_
_ndb_struct_conf_na.entry_id 
_ndb_struct_conf_na.feature 
3UKC 'a-form double helix' 
3UKC 'internal loop'       
# 
loop_
_ndb_struct_na_base_pair.model_number 
_ndb_struct_na_base_pair.i_label_asym_id 
_ndb_struct_na_base_pair.i_label_comp_id 
_ndb_struct_na_base_pair.i_label_seq_id 
_ndb_struct_na_base_pair.i_symmetry 
_ndb_struct_na_base_pair.j_label_asym_id 
_ndb_struct_na_base_pair.j_label_comp_id 
_ndb_struct_na_base_pair.j_label_seq_id 
_ndb_struct_na_base_pair.j_symmetry 
_ndb_struct_na_base_pair.shear 
_ndb_struct_na_base_pair.stretch 
_ndb_struct_na_base_pair.stagger 
_ndb_struct_na_base_pair.buckle 
_ndb_struct_na_base_pair.propeller 
_ndb_struct_na_base_pair.opening 
_ndb_struct_na_base_pair.pair_number 
_ndb_struct_na_base_pair.pair_name 
_ndb_struct_na_base_pair.i_auth_asym_id 
_ndb_struct_na_base_pair.i_auth_seq_id 
_ndb_struct_na_base_pair.i_PDB_ins_code 
_ndb_struct_na_base_pair.j_auth_asym_id 
_ndb_struct_na_base_pair.j_auth_seq_id 
_ndb_struct_na_base_pair.j_PDB_ins_code 
_ndb_struct_na_base_pair.hbond_type_28 
_ndb_struct_na_base_pair.hbond_type_12 
1 A DG 1  1_555 B DC 10 1_555 -0.318 -0.177 -0.035 -1.450 -9.515  -0.248 1 A_DG1:DC20_B  A 1  ? B 20 ? 19 1 
1 A DC 2  1_555 B DG 9  1_555 0.206  -0.101 0.087  2.095  -7.278  1.239  2 A_DC2:DG19_B  A 2  ? B 19 ? 19 1 
1 A DG 3  1_555 B DC 8  1_555 -0.311 -0.130 0.166  -5.596 -15.029 0.699  3 A_DG3:DC18_B  A 3  ? B 18 ? 19 1 
1 A DT 4  1_555 B DA 7  1_555 -0.131 -0.127 0.057  -4.637 -18.203 -0.315 4 A_DT4:DA17_B  A 4  ? B 17 ? 20 1 
1 A DA 7  1_555 B DT 4  1_555 0.166  -0.182 0.111  -0.076 -16.362 -0.891 5 A_DA7:DT14_B  A 7  ? B 14 ? 20 1 
1 A DC 8  1_555 B DG 3  1_555 0.186  -0.147 0.208  1.098  -14.798 1.435  6 A_DC8:DG13_B  A 8  ? B 13 ? 19 1 
1 A DG 9  1_555 B DC 2  1_555 -0.156 -0.125 0.173  -3.739 -6.054  0.548  7 A_DG9:DC12_B  A 9  ? B 12 ? 19 1 
1 A DC 10 1_555 B DG 1  1_555 0.197  -0.155 -0.010 2.367  4.096   -2.036 8 A_DC10:DG11_B A 10 ? B 11 ? 19 1 
# 
loop_
_ndb_struct_na_base_pair_step.model_number 
_ndb_struct_na_base_pair_step.i_label_asym_id_1 
_ndb_struct_na_base_pair_step.i_label_comp_id_1 
_ndb_struct_na_base_pair_step.i_label_seq_id_1 
_ndb_struct_na_base_pair_step.i_symmetry_1 
_ndb_struct_na_base_pair_step.j_label_asym_id_1 
_ndb_struct_na_base_pair_step.j_label_comp_id_1 
_ndb_struct_na_base_pair_step.j_label_seq_id_1 
_ndb_struct_na_base_pair_step.j_symmetry_1 
_ndb_struct_na_base_pair_step.i_label_asym_id_2 
_ndb_struct_na_base_pair_step.i_label_comp_id_2 
_ndb_struct_na_base_pair_step.i_label_seq_id_2 
_ndb_struct_na_base_pair_step.i_symmetry_2 
_ndb_struct_na_base_pair_step.j_label_asym_id_2 
_ndb_struct_na_base_pair_step.j_label_comp_id_2 
_ndb_struct_na_base_pair_step.j_label_seq_id_2 
_ndb_struct_na_base_pair_step.j_symmetry_2 
_ndb_struct_na_base_pair_step.shift 
_ndb_struct_na_base_pair_step.slide 
_ndb_struct_na_base_pair_step.rise 
_ndb_struct_na_base_pair_step.tilt 
_ndb_struct_na_base_pair_step.roll 
_ndb_struct_na_base_pair_step.twist 
_ndb_struct_na_base_pair_step.x_displacement 
_ndb_struct_na_base_pair_step.y_displacement 
_ndb_struct_na_base_pair_step.helical_rise 
_ndb_struct_na_base_pair_step.inclination 
_ndb_struct_na_base_pair_step.tip 
_ndb_struct_na_base_pair_step.helical_twist 
_ndb_struct_na_base_pair_step.step_number 
_ndb_struct_na_base_pair_step.step_name 
_ndb_struct_na_base_pair_step.i_auth_asym_id_1 
_ndb_struct_na_base_pair_step.i_auth_seq_id_1 
_ndb_struct_na_base_pair_step.i_PDB_ins_code_1 
_ndb_struct_na_base_pair_step.j_auth_asym_id_1 
_ndb_struct_na_base_pair_step.j_auth_seq_id_1 
_ndb_struct_na_base_pair_step.j_PDB_ins_code_1 
_ndb_struct_na_base_pair_step.i_auth_asym_id_2 
_ndb_struct_na_base_pair_step.i_auth_seq_id_2 
_ndb_struct_na_base_pair_step.i_PDB_ins_code_2 
_ndb_struct_na_base_pair_step.j_auth_asym_id_2 
_ndb_struct_na_base_pair_step.j_auth_seq_id_2 
_ndb_struct_na_base_pair_step.j_PDB_ins_code_2 
1 A DG 1 1_555 B DC 10 1_555 A DC 2  1_555 B DG 9 1_555 0.559  -1.459 3.234 0.169  1.194  36.392 -2.498 -0.871 3.189 1.912  -0.270 
36.411 1 AA_DG1DC2:DG19DC20_BB  A 1 ? B 20 ? A 2  ? B 19 ? 
1 A DC 2 1_555 B DG 9  1_555 A DG 3  1_555 B DC 8 1_555 -0.160 -2.117 3.419 -0.756 5.366  27.755 -5.562 0.154  2.969 11.053 1.557  
28.269 2 AA_DC2DG3:DC18DG19_BB  A 2 ? B 19 ? A 3  ? B 18 ? 
1 A DG 3 1_555 B DC 8  1_555 A DT 4  1_555 B DA 7 1_555 -1.102 -1.526 3.159 -1.280 4.174  34.420 -3.164 1.664  2.997 7.019  2.152  
34.687 3 AA_DG3DT4:DA17DC18_BB  A 3 ? B 18 ? A 4  ? B 17 ? 
1 A DA 7 1_555 B DT 4  1_555 A DC 8  1_555 B DG 3 1_555 0.975  -1.964 3.171 1.524  1.838  32.380 -3.822 -1.488 3.100 3.290  -2.728 
32.466 4 AA_DA7DC8:DG13DT14_BB  A 7 ? B 14 ? A 8  ? B 13 ? 
1 A DC 8 1_555 B DG 3  1_555 A DG 9  1_555 B DC 2 1_555 -0.261 -2.105 3.276 0.396  5.888  25.034 -6.267 0.689  2.713 13.349 -0.899 
25.709 5 AA_DC8DG9:DC12DG13_BB  A 8 ? B 13 ? A 9  ? B 12 ? 
1 A DG 9 1_555 B DC 2  1_555 A DC 10 1_555 B DG 1 1_555 -0.152 -1.557 3.291 0.934  -1.202 35.862 -2.353 0.382  3.335 -1.952 -1.516 
35.894 6 AA_DG9DC10:DG11DC12_BB A 9 ? B 12 ? A 10 ? B 11 ? 
# 
_pdbx_entity_nonpoly.entity_id   2 
_pdbx_entity_nonpoly.name        water 
_pdbx_entity_nonpoly.comp_id     HOH 
# 
_pdbx_initial_refinement_model.id               1 
_pdbx_initial_refinement_model.entity_id_list   ? 
_pdbx_initial_refinement_model.type             'experimental model' 
_pdbx_initial_refinement_model.source_name      PDB 
_pdbx_initial_refinement_model.accession_code   3EY2 
_pdbx_initial_refinement_model.details          'PDB entry 3EY2' 
# 
